data_7Q62
#
_entry.id   7Q62
#
_cell.length_a   1.00
_cell.length_b   1.00
_cell.length_c   1.00
_cell.angle_alpha   90.00
_cell.angle_beta   90.00
_cell.angle_gamma   90.00
#
_symmetry.space_group_name_H-M   'P 1'
#
loop_
_entity.id
_entity.type
_entity.pdbx_description
1 polymer 'Alpha-2-macroglobulin-like protein 1'
2 non-polymer 2-acetamido-2-deoxy-beta-D-glucopyranose
#
_entity_poly.entity_id   1
_entity_poly.type   'polypeptide(L)'
_entity_poly.pdbx_seq_one_letter_code
;ELPNYLVTLPARLNFPSVQKVCLDLSPGYSDVKFTVTLETKDKTQKLLEYSGLKKRHLHCISFLVPPPAGGTEEVATIRV
SGVGNNISFEEKKKVLIQRQGNGTFVQTDKPLYTPGQQVYFRIVTMDSNFVPVNDKYSMVELQDPNSNRIAQWLEVVPEQ
GIVDLSFQLAPEAMLGTYTVAVAEGKTFGTFSVEEYVLPKFKVEVVEPKELSTVQESFLVKICCRYTYGKPMLGAVQVSV
CQKANTYWYREVEREQLPDKCRNLSGQTDKTGCFSAPVDMATFDLIGYAYSHQINIVATVVEEGTGVEANATQNIYISPQ
MGSMTFEDTSNFYHPNFPFSGKIRVRGHDDSFLKNHLVFLVIYGTNGTFNQTLVTDNNGLAPFTLETSGWNGTDVSLEGK
FQMEDLVYNPEQVPRYYQNAYLHLRPFYSTTRSFLGIHRLNGPLKCGQPQEVLVDYYIDPADASPDQEISFSYYLIGKGS
LVMEGQKHLNSKKKGLKASFSLSLTFTSRLAPDPSLVIYAIFPSGGVVADKIQFSVEMCFDNQVSLGFSPSQQLPGAEVE
LQLQAAPGSLCALRAVDESVLLLRPDRELSNRSVYGMFPFWYGHYPYQVAEYDQCPVSGPWDFPQPLIDPMPQGHSSQRS
IIWRPSFSEGTDLFSFFRDVGLKILSNAKIKKPVDCSHRSPEYSTAMGAGGGHPEAFESSTPLHQAEDSQVRQYFPETWL
WDLFPIGNSGKEAVHVTVPDAITEWKAMSFCTSQSRGFGLSPTVGLTAFKPFFVDLTLPYSVVRGESFRLTATIFNYLKD
CIRVQTDLAKSHEYQLESWADSQTSSCLCADDAKTHHWNITAVKLGHINFTISTKILDSNEPCGGQKGFVPQKGRSDTLI
KPVLVKPEGVLVEKTHSSLLCPKGKVASESVSLELPVDIVPDSTKAYVTVLGDIMGTALQNLDGLVQMPSGCGEQNMVLF
APIIYVLQYLEKAGLLTEEIRSRAVGFLEIGYQKELMYKHSNGSYSAFGERDGNGNTWLTAFVTKCFGQAQKFIFIDPKN
IQDALKWMAGNQLPSGCYANVGNLLHTAMKGGVDDEVSLTAYVTAALLEMGKDVDDPMVSQGLRCLKNSATSTTNLYTQA
LLAYIFSLAGEMDIRNILLKQLDQQAIISGESIYWSQKPTPSSNASPWSEPAAVDVELTAYALLAQLTKPSLTQKEIAKA
TSIVAWLAKQHNAYGGFSSTQDTVVALQALAKYATTAYMPSEEINLVVKSTENFQRTFNIQSVNRLVFQQDTLPNVPGMY
TLEASGQGCVYVQTVLRYNILPPTNMKTFSLSVEIGKARCEQPTSPRSLTLTIHTSYVGSRSSSNMAIVEVKMLSGFSPM
EGTNQLLLQQPLVKKVEFGTDTLNIYLDELIKNTQTYTFTISQSVLVTNLKPATIKVYDYYLPDEQATIQYSDPCE
;
_entity_poly.pdbx_strand_id   A,B
#
# COMPACT_ATOMS: atom_id res chain seq x y z
N GLU A 1 47.40 3.30 17.16
CA GLU A 1 46.22 3.75 16.43
C GLU A 1 45.13 4.23 17.39
N LEU A 2 44.18 4.99 16.86
CA LEU A 2 43.06 5.49 17.64
C LEU A 2 41.78 4.87 17.09
N PRO A 3 41.03 4.12 17.88
CA PRO A 3 39.76 3.58 17.39
C PRO A 3 38.70 4.66 17.24
N ASN A 4 37.75 4.39 16.35
CA ASN A 4 36.70 5.34 16.02
C ASN A 4 35.40 4.58 15.79
N TYR A 5 34.34 5.34 15.57
CA TYR A 5 33.00 4.79 15.42
C TYR A 5 32.19 5.76 14.57
N LEU A 6 31.10 5.27 13.99
CA LEU A 6 30.27 6.13 13.14
C LEU A 6 28.86 5.56 13.10
N VAL A 7 27.89 6.27 13.69
CA VAL A 7 26.50 5.84 13.64
C VAL A 7 25.72 6.83 12.76
N THR A 8 24.85 6.30 11.93
CA THR A 8 24.11 7.05 10.93
C THR A 8 22.64 6.66 11.00
N LEU A 9 21.78 7.67 10.98
CA LEU A 9 20.33 7.50 11.06
C LEU A 9 19.73 8.48 10.06
N PRO A 10 18.51 8.22 9.59
CA PRO A 10 17.77 9.28 8.91
C PRO A 10 17.46 10.44 9.86
N ALA A 11 17.54 11.66 9.32
CA ALA A 11 17.26 12.83 10.14
C ALA A 11 15.77 13.04 10.35
N ARG A 12 14.94 12.55 9.44
CA ARG A 12 13.51 12.82 9.42
C ARG A 12 12.80 11.48 9.45
N LEU A 13 12.46 11.02 10.65
CA LEU A 13 11.88 9.70 10.80
C LEU A 13 10.40 9.76 10.43
N ASN A 14 9.85 8.63 9.99
CA ASN A 14 8.45 8.57 9.59
C ASN A 14 7.72 7.52 10.42
N PHE A 15 6.51 7.88 10.89
CA PHE A 15 5.88 7.14 11.99
C PHE A 15 5.37 5.74 11.63
N PRO A 16 4.65 5.49 10.49
CA PRO A 16 4.31 4.09 10.20
C PRO A 16 5.37 3.34 9.43
N SER A 17 6.60 3.86 9.38
CA SER A 17 7.66 3.27 8.58
C SER A 17 8.61 2.44 9.46
N VAL A 18 9.45 1.68 8.77
CA VAL A 18 10.55 0.93 9.39
C VAL A 18 11.84 1.48 8.82
N GLN A 19 12.73 1.95 9.69
CA GLN A 19 13.92 2.64 9.23
C GLN A 19 15.17 1.86 9.62
N LYS A 20 16.30 2.27 9.07
CA LYS A 20 17.58 1.65 9.38
C LYS A 20 18.41 2.56 10.27
N VAL A 21 19.33 1.95 10.99
CA VAL A 21 20.39 2.69 11.68
C VAL A 21 21.67 1.87 11.57
N CYS A 22 22.76 2.53 11.19
CA CYS A 22 24.00 1.84 10.89
C CYS A 22 25.09 2.31 11.84
N LEU A 23 25.92 1.37 12.30
CA LEU A 23 27.04 1.70 13.17
C LEU A 23 28.27 0.98 12.68
N ASP A 24 29.34 1.73 12.45
CA ASP A 24 30.59 1.24 11.89
C ASP A 24 31.63 1.33 12.99
N LEU A 25 32.37 0.23 13.19
CA LEU A 25 33.42 0.14 14.20
C LEU A 25 34.77 -0.11 13.55
N SER A 26 35.73 0.70 13.96
CA SER A 26 37.13 0.57 13.63
C SER A 26 37.71 -0.67 14.32
N PRO A 27 38.83 -1.22 13.84
CA PRO A 27 39.59 -2.07 14.74
C PRO A 27 40.44 -1.35 15.81
N GLY A 28 40.71 -2.09 16.86
CA GLY A 28 40.81 -1.49 18.17
C GLY A 28 39.49 -1.72 18.91
N TYR A 29 39.31 -0.93 19.98
CA TYR A 29 38.24 -1.06 20.95
C TYR A 29 38.18 -2.49 21.50
N SER A 30 37.17 -3.25 21.06
CA SER A 30 36.95 -4.68 21.29
C SER A 30 36.72 -5.04 22.75
N ASP A 31 36.49 -4.07 23.62
CA ASP A 31 36.11 -4.34 25.00
C ASP A 31 35.06 -3.35 25.49
N VAL A 32 34.54 -2.50 24.59
CA VAL A 32 33.65 -1.41 24.96
C VAL A 32 32.25 -1.77 24.48
N LYS A 33 31.31 -1.83 25.41
CA LYS A 33 29.91 -2.06 25.08
C LYS A 33 29.36 -0.76 24.49
N PHE A 34 29.16 -0.75 23.18
CA PHE A 34 28.45 0.32 22.52
C PHE A 34 26.96 0.06 22.60
N THR A 35 26.19 1.11 22.83
CA THR A 35 24.75 1.01 22.72
C THR A 35 24.19 2.33 22.20
N VAL A 36 23.21 2.24 21.32
CA VAL A 36 22.55 3.43 20.80
C VAL A 36 21.06 3.37 21.14
N THR A 37 20.55 4.51 21.60
CA THR A 37 19.17 4.66 22.03
C THR A 37 18.56 5.86 21.32
N LEU A 38 17.26 5.83 21.08
CA LEU A 38 16.55 7.07 20.76
C LEU A 38 15.55 7.28 21.87
N GLU A 39 15.51 8.49 22.39
CA GLU A 39 14.69 8.83 23.53
C GLU A 39 13.57 9.74 23.05
N THR A 40 12.34 9.26 23.17
CA THR A 40 11.14 10.05 23.04
C THR A 40 10.65 10.40 24.45
N LYS A 41 9.51 11.07 24.53
CA LYS A 41 8.95 11.42 25.82
C LYS A 41 8.10 10.31 26.42
N ASP A 42 7.91 9.20 25.70
CA ASP A 42 7.14 8.07 26.21
C ASP A 42 8.00 6.89 26.62
N LYS A 43 9.15 6.68 25.98
CA LYS A 43 9.98 5.53 26.26
C LYS A 43 11.42 5.84 25.89
N THR A 44 12.31 4.91 26.22
CA THR A 44 13.71 4.95 25.79
C THR A 44 14.00 3.60 25.15
N GLN A 45 13.99 3.57 23.82
CA GLN A 45 14.19 2.32 23.08
C GLN A 45 15.66 2.19 22.72
N LYS A 46 16.30 1.12 23.17
CA LYS A 46 17.64 0.81 22.73
C LYS A 46 17.59 0.26 21.32
N LEU A 47 18.50 0.73 20.47
CA LEU A 47 18.48 0.29 19.08
C LEU A 47 19.32 -0.98 18.96
N LEU A 48 20.60 -0.86 19.27
CA LEU A 48 21.50 -2.00 19.27
C LEU A 48 22.49 -1.84 20.42
N GLU A 49 22.72 -2.96 21.12
CA GLU A 49 23.82 -3.16 22.03
C GLU A 49 24.85 -4.04 21.34
N TYR A 50 26.12 -3.75 21.56
CA TYR A 50 27.15 -4.11 20.60
C TYR A 50 28.50 -4.07 21.27
N SER A 51 29.48 -4.71 20.64
CA SER A 51 30.86 -4.60 21.10
C SER A 51 31.77 -4.52 19.89
N GLY A 52 32.97 -4.00 20.12
CA GLY A 52 33.95 -3.92 19.07
C GLY A 52 34.51 -5.28 18.70
N LEU A 53 35.02 -5.38 17.49
CA LEU A 53 35.58 -6.62 16.97
C LEU A 53 37.05 -6.40 16.62
N LYS A 54 37.70 -7.48 16.20
CA LYS A 54 39.11 -7.40 15.81
C LYS A 54 39.28 -6.73 14.45
N LYS A 55 38.25 -6.75 13.62
CA LYS A 55 38.25 -6.09 12.32
C LYS A 55 37.28 -4.91 12.32
N ARG A 56 37.32 -4.14 11.24
CA ARG A 56 36.30 -3.13 11.02
C ARG A 56 34.99 -3.82 10.66
N HIS A 57 33.91 -3.44 11.33
CA HIS A 57 32.64 -4.08 11.03
C HIS A 57 31.54 -3.03 10.95
N LEU A 58 30.72 -3.11 9.91
CA LEU A 58 29.58 -2.24 9.72
C LEU A 58 28.31 -3.03 10.00
N HIS A 59 27.55 -2.60 11.00
CA HIS A 59 26.38 -3.32 11.46
C HIS A 59 25.16 -2.42 11.33
N CYS A 60 24.16 -2.86 10.58
CA CYS A 60 22.99 -2.05 10.31
C CYS A 60 21.74 -2.82 10.72
N ILE A 61 20.84 -2.18 11.45
CA ILE A 61 19.65 -2.88 11.92
C ILE A 61 18.43 -2.03 11.54
N SER A 62 17.33 -2.73 11.26
CA SER A 62 16.04 -2.11 10.99
C SER A 62 15.26 -2.02 12.29
N PHE A 63 14.41 -0.99 12.39
CA PHE A 63 13.65 -0.77 13.60
C PHE A 63 12.34 -0.07 13.28
N LEU A 64 11.30 -0.44 14.02
CA LEU A 64 10.08 0.34 14.07
C LEU A 64 10.30 1.55 14.96
N VAL A 65 9.83 2.71 14.50
CA VAL A 65 10.13 3.98 15.16
C VAL A 65 9.19 4.15 16.35
N PRO A 66 9.53 4.98 17.34
CA PRO A 66 8.55 5.33 18.36
C PRO A 66 7.48 6.23 17.79
N PRO A 67 6.27 6.22 18.36
CA PRO A 67 5.27 7.22 17.98
C PRO A 67 5.69 8.59 18.47
N PRO A 68 5.26 9.66 17.78
CA PRO A 68 5.56 11.01 18.27
C PRO A 68 4.74 11.34 19.51
N ALA A 69 5.39 11.98 20.48
CA ALA A 69 4.73 12.31 21.74
C ALA A 69 3.74 13.45 21.60
N GLY A 70 3.87 14.27 20.58
CA GLY A 70 2.92 15.31 20.28
C GLY A 70 1.77 14.77 19.44
N GLY A 71 1.14 15.68 18.70
CA GLY A 71 0.07 15.27 17.81
C GLY A 71 0.59 14.54 16.58
N THR A 72 1.50 15.18 15.85
CA THR A 72 2.02 14.58 14.63
C THR A 72 3.50 14.84 14.43
N GLU A 73 4.20 15.41 15.40
CA GLU A 73 5.59 15.82 15.20
C GLU A 73 6.29 15.89 16.55
N GLU A 74 7.48 15.31 16.64
CA GLU A 74 8.21 15.29 17.91
C GLU A 74 9.70 15.20 17.66
N VAL A 75 10.47 16.03 18.35
CA VAL A 75 11.93 15.98 18.28
C VAL A 75 12.42 14.95 19.28
N ALA A 76 12.86 13.79 18.78
CA ALA A 76 13.45 12.76 19.63
C ALA A 76 14.96 12.94 19.66
N THR A 77 15.62 12.28 20.61
CA THR A 77 17.06 12.44 20.79
C THR A 77 17.77 11.11 20.54
N ILE A 78 18.69 11.10 19.60
CA ILE A 78 19.54 9.94 19.38
C ILE A 78 20.79 10.07 20.24
N ARG A 79 21.21 8.95 20.82
CA ARG A 79 22.28 8.91 21.80
C ARG A 79 23.14 7.69 21.55
N VAL A 80 24.45 7.91 21.41
CA VAL A 80 25.44 6.84 21.38
C VAL A 80 26.21 6.87 22.69
N SER A 81 26.39 5.70 23.30
CA SER A 81 27.12 5.61 24.55
C SER A 81 27.94 4.32 24.54
N GLY A 82 29.24 4.47 24.62
CA GLY A 82 30.15 3.34 24.77
C GLY A 82 30.69 3.27 26.18
N VAL A 83 30.31 2.24 26.92
CA VAL A 83 30.67 2.09 28.31
C VAL A 83 31.57 0.87 28.47
N GLY A 84 32.26 0.82 29.61
CA GLY A 84 33.09 -0.35 29.86
C GLY A 84 34.55 0.04 30.00
N ASN A 85 35.16 -0.42 31.10
CA ASN A 85 36.56 -0.22 31.47
C ASN A 85 36.92 1.26 31.56
N ASN A 86 36.27 1.92 32.53
CA ASN A 86 36.51 3.30 33.02
C ASN A 86 36.52 4.38 31.93
N ILE A 87 35.85 4.12 30.80
CA ILE A 87 35.62 5.13 29.78
C ILE A 87 34.15 5.08 29.38
N SER A 88 33.55 6.25 29.20
CA SER A 88 32.16 6.38 28.79
C SER A 88 32.10 7.41 27.67
N PHE A 89 32.23 6.94 26.43
CA PHE A 89 31.95 7.79 25.29
C PHE A 89 30.47 8.09 25.22
N GLU A 90 30.12 9.35 24.98
CA GLU A 90 28.72 9.73 24.92
C GLU A 90 28.57 10.85 23.92
N GLU A 91 27.68 10.67 22.95
CA GLU A 91 27.40 11.73 22.00
C GLU A 91 25.90 11.75 21.71
N LYS A 92 25.41 12.95 21.38
CA LYS A 92 24.03 13.34 21.62
C LYS A 92 23.58 14.22 20.45
N LYS A 93 22.61 13.75 19.67
CA LYS A 93 22.06 14.56 18.60
C LYS A 93 20.55 14.43 18.59
N LYS A 94 19.88 15.26 17.80
CA LYS A 94 18.44 15.33 17.76
C LYS A 94 17.95 14.90 16.39
N VAL A 95 16.88 14.10 16.36
CA VAL A 95 16.22 13.72 15.13
C VAL A 95 14.75 14.07 15.26
N LEU A 96 14.03 13.95 14.15
CA LEU A 96 12.63 14.37 14.09
C LEU A 96 11.77 13.18 13.67
N ILE A 97 10.70 12.94 14.43
CA ILE A 97 9.74 11.90 14.13
C ILE A 97 8.42 12.57 13.77
N GLN A 98 7.94 12.33 12.55
CA GLN A 98 6.70 12.95 12.12
C GLN A 98 5.91 11.97 11.27
N ARG A 99 4.60 12.15 11.27
CA ARG A 99 3.73 11.38 10.39
C ARG A 99 3.80 12.01 9.01
N GLN A 100 4.34 11.27 8.05
CA GLN A 100 4.62 11.81 6.73
C GLN A 100 3.32 11.97 5.93
N GLY A 101 3.41 12.73 4.84
CA GLY A 101 2.27 13.02 4.01
C GLY A 101 1.78 11.83 3.22
N ASN A 102 0.68 11.26 3.68
CA ASN A 102 0.01 10.15 3.00
C ASN A 102 -0.75 10.72 1.81
N GLY A 103 -0.15 10.61 0.62
CA GLY A 103 -0.64 11.32 -0.55
C GLY A 103 -1.81 10.59 -1.18
N THR A 104 -2.78 11.36 -1.66
CA THR A 104 -3.98 10.78 -2.23
C THR A 104 -4.30 11.48 -3.55
N PHE A 105 -5.05 10.77 -4.37
CA PHE A 105 -5.61 11.34 -5.58
C PHE A 105 -6.98 10.72 -5.82
N VAL A 106 -7.75 11.36 -6.69
CA VAL A 106 -9.02 10.83 -7.16
C VAL A 106 -9.02 10.84 -8.68
N GLN A 107 -9.33 9.70 -9.27
CA GLN A 107 -9.38 9.54 -10.71
C GLN A 107 -10.83 9.31 -11.10
N THR A 108 -11.41 10.30 -11.78
CA THR A 108 -12.64 10.04 -12.49
C THR A 108 -12.32 9.32 -13.80
N ASP A 109 -13.32 8.63 -14.35
CA ASP A 109 -13.11 7.96 -15.62
C ASP A 109 -13.04 8.93 -16.79
N LYS A 110 -13.61 10.13 -16.64
CA LYS A 110 -13.61 11.13 -17.67
C LYS A 110 -13.40 12.51 -17.07
N PRO A 111 -12.85 13.44 -17.84
CA PRO A 111 -12.85 14.84 -17.40
C PRO A 111 -14.06 15.61 -17.88
N LEU A 112 -15.08 14.90 -18.38
CA LEU A 112 -16.13 15.53 -19.15
C LEU A 112 -17.38 14.68 -19.08
N TYR A 113 -18.54 15.31 -18.93
CA TYR A 113 -19.79 14.57 -18.84
C TYR A 113 -20.94 15.35 -19.45
N THR A 114 -21.79 14.65 -20.20
CA THR A 114 -23.12 15.20 -20.40
C THR A 114 -23.92 15.02 -19.11
N PRO A 115 -24.92 15.88 -18.87
CA PRO A 115 -25.87 15.60 -17.79
C PRO A 115 -26.67 14.35 -18.08
N GLY A 116 -26.97 13.59 -17.03
CA GLY A 116 -27.60 12.29 -17.15
C GLY A 116 -26.64 11.13 -17.18
N GLN A 117 -25.35 11.37 -17.01
CA GLN A 117 -24.34 10.32 -17.07
C GLN A 117 -24.10 9.77 -15.66
N GLN A 118 -23.04 8.97 -15.51
CA GLN A 118 -22.73 8.33 -14.24
C GLN A 118 -21.27 8.57 -13.93
N VAL A 119 -20.98 9.44 -12.96
CA VAL A 119 -19.61 9.78 -12.61
C VAL A 119 -19.05 8.67 -11.74
N TYR A 120 -18.15 7.88 -12.31
CA TYR A 120 -17.39 6.88 -11.57
C TYR A 120 -16.06 7.49 -11.16
N PHE A 121 -15.64 7.23 -9.92
CA PHE A 121 -14.36 7.77 -9.50
C PHE A 121 -13.73 6.90 -8.43
N ARG A 122 -12.41 6.80 -8.46
CA ARG A 122 -11.64 6.02 -7.50
C ARG A 122 -10.74 6.95 -6.71
N ILE A 123 -10.80 6.83 -5.38
CA ILE A 123 -9.93 7.58 -4.49
C ILE A 123 -8.87 6.62 -3.99
N VAL A 124 -7.60 7.00 -4.20
CA VAL A 124 -6.44 6.21 -3.79
C VAL A 124 -5.62 7.04 -2.83
N THR A 125 -5.37 6.51 -1.64
CA THR A 125 -4.45 7.11 -0.68
C THR A 125 -3.31 6.13 -0.44
N MET A 126 -2.10 6.65 -0.40
CA MET A 126 -0.91 5.82 -0.57
C MET A 126 0.28 6.49 0.08
N ASP A 127 1.22 5.66 0.54
CA ASP A 127 2.32 6.08 1.39
C ASP A 127 3.46 6.67 0.56
N SER A 128 4.51 7.11 1.25
CA SER A 128 5.67 7.68 0.59
C SER A 128 6.53 6.63 -0.11
N ASN A 129 6.39 5.36 0.28
CA ASN A 129 7.05 4.25 -0.40
C ASN A 129 6.13 3.60 -1.41
N PHE A 130 5.05 4.29 -1.80
CA PHE A 130 4.00 3.85 -2.72
C PHE A 130 3.31 2.58 -2.24
N VAL A 131 3.20 2.43 -0.93
CA VAL A 131 2.41 1.36 -0.32
C VAL A 131 1.00 1.91 -0.14
N PRO A 132 -0.05 1.17 -0.51
CA PRO A 132 -1.40 1.62 -0.20
C PRO A 132 -1.67 1.60 1.29
N VAL A 133 -2.43 2.59 1.75
CA VAL A 133 -2.77 2.72 3.16
C VAL A 133 -4.28 2.58 3.30
N ASN A 134 -4.71 1.72 4.20
CA ASN A 134 -6.13 1.56 4.49
C ASN A 134 -6.56 2.43 5.68
N ASP A 135 -6.21 3.70 5.63
CA ASP A 135 -6.68 4.69 6.59
C ASP A 135 -8.04 5.16 6.09
N LYS A 136 -9.11 4.62 6.67
CA LYS A 136 -10.44 4.78 6.11
C LYS A 136 -10.98 6.19 6.35
N TYR A 137 -11.69 6.71 5.36
CA TYR A 137 -12.02 8.12 5.31
C TYR A 137 -13.19 8.44 6.20
N SER A 138 -13.20 9.68 6.71
CA SER A 138 -14.35 10.18 7.45
C SER A 138 -15.51 10.48 6.49
N MET A 139 -15.29 11.40 5.55
CA MET A 139 -16.31 11.80 4.60
C MET A 139 -15.69 12.08 3.24
N VAL A 140 -16.45 11.79 2.20
CA VAL A 140 -16.14 12.25 0.84
C VAL A 140 -17.39 12.97 0.32
N GLU A 141 -17.16 14.07 -0.41
CA GLU A 141 -18.24 14.93 -0.83
C GLU A 141 -18.10 15.29 -2.30
N LEU A 142 -19.24 15.43 -2.96
CA LEU A 142 -19.34 15.88 -4.35
C LEU A 142 -20.21 17.14 -4.36
N GLN A 143 -19.63 18.23 -4.85
CA GLN A 143 -20.24 19.55 -4.82
C GLN A 143 -20.42 20.12 -6.23
N ASP A 144 -21.43 20.97 -6.34
CA ASP A 144 -21.85 21.63 -7.57
C ASP A 144 -20.83 22.68 -8.01
N PRO A 145 -20.99 23.26 -9.21
CA PRO A 145 -20.28 24.50 -9.53
C PRO A 145 -20.70 25.70 -8.68
N ASN A 146 -21.85 25.65 -8.03
CA ASN A 146 -22.25 26.65 -7.04
C ASN A 146 -21.70 26.38 -5.65
N SER A 147 -20.75 25.43 -5.53
CA SER A 147 -20.14 24.97 -4.27
C SER A 147 -21.20 24.49 -3.27
N ASN A 148 -22.20 23.79 -3.79
CA ASN A 148 -23.29 23.25 -2.98
C ASN A 148 -23.16 21.74 -2.96
N ARG A 149 -23.08 21.17 -1.75
CA ARG A 149 -22.81 19.74 -1.61
C ARG A 149 -24.04 18.93 -1.97
N ILE A 150 -23.93 18.14 -3.04
CA ILE A 150 -25.06 17.35 -3.51
C ILE A 150 -24.86 15.85 -3.35
N ALA A 151 -23.66 15.41 -2.97
CA ALA A 151 -23.48 14.00 -2.62
C ALA A 151 -22.47 13.89 -1.50
N GLN A 152 -22.66 12.90 -0.64
CA GLN A 152 -21.79 12.72 0.51
C GLN A 152 -21.83 11.26 0.93
N TRP A 153 -20.66 10.63 1.00
CA TRP A 153 -20.53 9.29 1.53
C TRP A 153 -19.69 9.34 2.80
N LEU A 154 -20.21 8.77 3.88
CA LEU A 154 -19.64 8.88 5.21
C LEU A 154 -19.01 7.56 5.62
N GLU A 155 -17.83 7.65 6.27
CA GLU A 155 -17.20 6.58 7.04
C GLU A 155 -16.85 5.38 6.14
N VAL A 156 -16.17 5.68 5.04
CA VAL A 156 -15.98 4.73 3.95
C VAL A 156 -14.62 4.05 4.08
N VAL A 157 -14.62 2.73 3.91
CA VAL A 157 -13.43 1.90 4.08
C VAL A 157 -12.90 1.52 2.70
N PRO A 158 -11.60 1.66 2.44
CA PRO A 158 -11.06 1.21 1.15
C PRO A 158 -10.55 -0.23 1.20
N GLU A 159 -10.64 -0.88 0.04
CA GLU A 159 -10.08 -2.21 -0.15
C GLU A 159 -8.79 -2.09 -0.96
N GLN A 160 -7.69 -2.60 -0.38
CA GLN A 160 -6.33 -2.53 -0.93
C GLN A 160 -5.88 -1.10 -1.20
N GLY A 161 -6.32 -0.15 -0.39
CA GLY A 161 -5.92 1.24 -0.51
C GLY A 161 -6.76 2.07 -1.46
N ILE A 162 -7.61 1.45 -2.27
CA ILE A 162 -8.42 2.19 -3.23
C ILE A 162 -9.88 2.04 -2.86
N VAL A 163 -10.69 3.01 -3.29
CA VAL A 163 -12.13 2.92 -3.16
C VAL A 163 -12.77 3.45 -4.43
N ASP A 164 -13.79 2.74 -4.91
CA ASP A 164 -14.56 3.19 -6.06
C ASP A 164 -15.96 3.65 -5.64
N LEU A 165 -16.42 4.73 -6.25
CA LEU A 165 -17.70 5.32 -5.90
C LEU A 165 -18.38 5.81 -7.18
N SER A 166 -19.67 5.50 -7.29
CA SER A 166 -20.46 5.85 -8.46
C SER A 166 -21.54 6.83 -8.04
N PHE A 167 -21.58 7.99 -8.70
CA PHE A 167 -22.63 8.98 -8.47
C PHE A 167 -23.41 9.15 -9.76
N GLN A 168 -24.70 8.80 -9.73
CA GLN A 168 -25.55 9.00 -10.89
C GLN A 168 -25.88 10.48 -11.00
N LEU A 169 -25.39 11.11 -12.06
CA LEU A 169 -25.61 12.52 -12.28
C LEU A 169 -27.04 12.76 -12.74
N ALA A 170 -27.58 13.93 -12.40
CA ALA A 170 -28.95 14.24 -12.74
C ALA A 170 -29.10 14.50 -14.23
N PRO A 171 -30.26 14.13 -14.83
CA PRO A 171 -30.50 14.48 -16.23
C PRO A 171 -30.76 15.96 -16.45
N GLU A 172 -31.06 16.72 -15.40
CA GLU A 172 -31.23 18.16 -15.47
C GLU A 172 -30.11 18.91 -14.75
N ALA A 173 -28.97 18.25 -14.56
CA ALA A 173 -27.87 18.80 -13.76
C ALA A 173 -27.22 19.99 -14.45
N MET A 174 -26.87 20.99 -13.66
CA MET A 174 -26.39 22.25 -14.21
C MET A 174 -24.95 22.10 -14.65
N LEU A 175 -24.60 22.86 -15.69
CA LEU A 175 -23.31 22.73 -16.35
C LEU A 175 -22.26 23.55 -15.61
N GLY A 176 -21.11 22.95 -15.38
CA GLY A 176 -20.04 23.65 -14.69
C GLY A 176 -18.99 22.68 -14.19
N THR A 177 -18.07 23.22 -13.40
CA THR A 177 -16.94 22.46 -12.88
C THR A 177 -17.34 21.86 -11.53
N TYR A 178 -17.79 20.61 -11.55
CA TYR A 178 -18.10 19.90 -10.33
C TYR A 178 -16.80 19.54 -9.60
N THR A 179 -16.88 19.40 -8.28
CA THR A 179 -15.69 19.07 -7.51
C THR A 179 -15.97 17.94 -6.54
N VAL A 180 -14.93 17.17 -6.24
CA VAL A 180 -14.98 16.05 -5.31
C VAL A 180 -13.85 16.24 -4.29
N ALA A 181 -14.20 16.22 -3.01
CA ALA A 181 -13.23 16.38 -1.94
C ALA A 181 -13.25 15.18 -1.01
N VAL A 182 -12.07 14.83 -0.50
CA VAL A 182 -11.90 13.72 0.44
C VAL A 182 -11.31 14.25 1.75
N ALA A 183 -12.04 14.01 2.86
CA ALA A 183 -11.61 14.22 4.24
C ALA A 183 -11.24 15.67 4.58
N GLU A 184 -11.69 16.62 3.74
CA GLU A 184 -11.13 17.97 3.62
C GLU A 184 -9.59 17.92 3.54
N GLY A 185 -9.12 17.28 2.48
CA GLY A 185 -7.70 17.26 2.16
C GLY A 185 -7.33 18.41 1.24
N LYS A 186 -6.13 18.31 0.68
CA LYS A 186 -5.68 19.28 -0.31
C LYS A 186 -6.07 18.91 -1.73
N THR A 187 -6.77 17.79 -1.90
CA THR A 187 -7.13 17.28 -3.22
C THR A 187 -8.57 17.64 -3.56
N PHE A 188 -8.76 18.32 -4.69
CA PHE A 188 -10.06 18.73 -5.16
C PHE A 188 -10.18 18.21 -6.59
N GLY A 189 -10.71 16.99 -6.74
CA GLY A 189 -10.85 16.43 -8.07
C GLY A 189 -12.00 17.05 -8.82
N THR A 190 -11.69 17.86 -9.83
CA THR A 190 -12.67 18.66 -10.53
C THR A 190 -12.93 18.07 -11.90
N PHE A 191 -14.19 17.92 -12.26
CA PHE A 191 -14.56 17.48 -13.60
C PHE A 191 -15.63 18.40 -14.17
N SER A 192 -15.54 18.68 -15.46
CA SER A 192 -16.52 19.52 -16.11
C SER A 192 -17.75 18.69 -16.48
N VAL A 193 -18.92 19.32 -16.41
CA VAL A 193 -20.15 18.77 -16.94
C VAL A 193 -20.73 19.79 -17.89
N GLU A 194 -20.87 19.42 -19.17
CA GLU A 194 -21.33 20.37 -20.17
C GLU A 194 -21.99 19.61 -21.31
N GLU A 195 -22.41 20.36 -22.33
CA GLU A 195 -23.04 19.81 -23.51
C GLU A 195 -22.00 19.74 -24.62
N TYR A 196 -21.75 18.54 -25.14
CA TYR A 196 -20.70 18.37 -26.11
C TYR A 196 -21.08 17.32 -27.15
N VAL A 197 -20.31 17.32 -28.25
CA VAL A 197 -20.40 16.32 -29.31
C VAL A 197 -18.97 15.86 -29.59
N LEU A 198 -18.83 14.62 -30.04
CA LEU A 198 -17.52 14.00 -30.18
C LEU A 198 -16.89 14.34 -31.52
N PRO A 199 -15.70 14.97 -31.55
CA PRO A 199 -15.00 15.16 -32.81
C PRO A 199 -14.33 13.87 -33.25
N LYS A 200 -14.28 13.67 -34.56
CA LYS A 200 -13.74 12.44 -35.10
C LYS A 200 -12.30 12.58 -35.57
N PHE A 201 -11.69 13.76 -35.43
CA PHE A 201 -10.37 13.97 -35.97
C PHE A 201 -9.59 14.96 -35.12
N LYS A 202 -8.29 14.74 -35.02
CA LYS A 202 -7.36 15.60 -34.29
C LYS A 202 -6.47 16.33 -35.28
N VAL A 203 -6.37 17.64 -35.11
CA VAL A 203 -5.46 18.47 -35.88
C VAL A 203 -4.30 18.89 -34.99
N GLU A 204 -3.08 18.82 -35.54
CA GLU A 204 -1.89 19.18 -34.77
C GLU A 204 -0.81 19.70 -35.70
N VAL A 205 0.05 20.57 -35.16
CA VAL A 205 1.24 20.96 -35.89
C VAL A 205 2.26 19.82 -35.84
N VAL A 206 3.14 19.76 -36.83
CA VAL A 206 4.19 18.74 -36.80
C VAL A 206 5.57 19.39 -36.91
N GLU A 207 5.82 20.08 -38.01
CA GLU A 207 7.16 20.62 -38.22
C GLU A 207 7.46 21.93 -37.47
N PRO A 208 6.52 22.93 -37.34
CA PRO A 208 6.84 24.01 -36.40
C PRO A 208 6.75 23.55 -34.96
N LYS A 209 7.90 23.31 -34.36
CA LYS A 209 8.01 23.02 -32.94
C LYS A 209 9.08 23.86 -32.25
N GLU A 210 10.09 24.30 -32.98
CA GLU A 210 11.10 25.24 -32.48
C GLU A 210 11.38 26.26 -33.56
N LEU A 211 11.51 27.53 -33.17
CA LEU A 211 11.92 28.59 -34.08
C LEU A 211 13.01 29.42 -33.41
N SER A 212 14.06 29.69 -34.17
CA SER A 212 15.16 30.52 -33.71
C SER A 212 15.21 31.79 -34.55
N THR A 213 15.88 32.80 -34.00
CA THR A 213 15.95 34.10 -34.68
C THR A 213 16.92 34.09 -35.86
N VAL A 214 17.77 33.07 -35.99
CA VAL A 214 18.72 33.00 -37.10
C VAL A 214 18.15 32.29 -38.31
N GLN A 215 16.97 31.69 -38.21
CA GLN A 215 16.35 31.06 -39.37
C GLN A 215 15.77 32.12 -40.30
N GLU A 216 15.66 31.77 -41.58
CA GLU A 216 15.08 32.65 -42.58
C GLU A 216 13.59 32.41 -42.78
N SER A 217 13.21 31.16 -43.02
CA SER A 217 11.81 30.79 -43.16
C SER A 217 11.58 29.47 -42.44
N PHE A 218 10.34 29.23 -42.03
CA PHE A 218 9.98 27.97 -41.40
C PHE A 218 8.73 27.42 -42.06
N LEU A 219 8.67 26.10 -42.17
CA LEU A 219 7.62 25.42 -42.92
C LEU A 219 6.53 25.00 -41.96
N VAL A 220 5.38 25.67 -42.05
CA VAL A 220 4.22 25.26 -41.26
C VAL A 220 3.66 23.98 -41.86
N LYS A 221 3.55 22.95 -41.03
CA LYS A 221 3.06 21.63 -41.44
C LYS A 221 1.95 21.24 -40.48
N ILE A 222 0.74 21.14 -41.00
CA ILE A 222 -0.47 20.94 -40.22
C ILE A 222 -1.03 19.58 -40.59
N CYS A 223 -0.96 18.63 -39.67
CA CYS A 223 -1.42 17.27 -39.93
C CYS A 223 -2.76 17.06 -39.23
N CYS A 224 -3.77 16.66 -40.01
CA CYS A 224 -5.08 16.33 -39.50
C CYS A 224 -5.34 14.86 -39.74
N ARG A 225 -5.70 14.14 -38.69
CA ARG A 225 -5.82 12.69 -38.73
C ARG A 225 -7.07 12.27 -37.99
N TYR A 226 -7.76 11.26 -38.52
CA TYR A 226 -8.89 10.69 -37.81
C TYR A 226 -8.41 9.91 -36.58
N THR A 227 -9.35 9.61 -35.69
CA THR A 227 -9.00 8.83 -34.52
C THR A 227 -8.73 7.37 -34.85
N TYR A 228 -9.24 6.87 -35.96
CA TYR A 228 -9.02 5.48 -36.35
C TYR A 228 -7.79 5.30 -37.24
N GLY A 229 -6.99 6.34 -37.42
CA GLY A 229 -5.71 6.20 -38.09
C GLY A 229 -5.70 6.46 -39.57
N LYS A 230 -6.73 7.05 -40.12
CA LYS A 230 -6.70 7.38 -41.53
C LYS A 230 -6.56 8.88 -41.73
N PRO A 231 -5.88 9.33 -42.77
CA PRO A 231 -5.82 10.76 -43.07
C PRO A 231 -7.12 11.23 -43.72
N MET A 232 -7.21 12.55 -43.90
CA MET A 232 -8.42 13.11 -44.47
C MET A 232 -8.12 14.41 -45.20
N LEU A 233 -9.09 14.80 -46.03
CA LEU A 233 -9.04 16.07 -46.74
C LEU A 233 -9.64 17.16 -45.85
N GLY A 234 -9.90 18.33 -46.42
CA GLY A 234 -10.56 19.39 -45.69
C GLY A 234 -9.79 20.70 -45.76
N ALA A 235 -10.53 21.80 -45.76
CA ALA A 235 -9.92 23.11 -45.94
C ALA A 235 -9.25 23.56 -44.64
N VAL A 236 -8.02 24.04 -44.77
CA VAL A 236 -7.17 24.38 -43.64
C VAL A 236 -6.90 25.88 -43.68
N GLN A 237 -7.19 26.56 -42.57
CA GLN A 237 -6.85 27.97 -42.36
C GLN A 237 -5.93 28.04 -41.16
N VAL A 238 -4.72 28.54 -41.37
CA VAL A 238 -3.70 28.60 -40.33
C VAL A 238 -3.38 30.06 -40.07
N SER A 239 -3.59 30.50 -38.84
CA SER A 239 -3.27 31.86 -38.43
C SER A 239 -1.95 31.81 -37.69
N VAL A 240 -0.90 32.35 -38.30
CA VAL A 240 0.42 32.35 -37.68
C VAL A 240 0.71 33.78 -37.26
N CYS A 241 0.77 34.02 -35.92
CA CYS A 241 0.98 35.38 -35.45
C CYS A 241 1.60 35.70 -34.12
N GLN A 242 2.24 36.87 -34.13
CA GLN A 242 2.96 37.44 -33.01
C GLN A 242 2.17 38.65 -32.52
N LYS A 243 1.80 38.61 -31.24
CA LYS A 243 1.05 39.70 -30.62
C LYS A 243 1.99 40.78 -30.12
N ALA A 244 1.43 41.95 -29.87
CA ALA A 244 2.19 43.05 -29.30
C ALA A 244 2.48 42.76 -27.84
N ASN A 245 3.73 43.00 -27.43
CA ASN A 245 4.13 42.74 -26.06
C ASN A 245 3.60 43.83 -25.15
N THR A 246 2.90 43.41 -24.09
CA THR A 246 2.47 44.35 -23.06
C THR A 246 3.65 44.66 -22.15
N TYR A 247 4.02 45.93 -22.08
CA TYR A 247 5.18 46.32 -21.29
C TYR A 247 4.86 46.27 -19.80
N TRP A 248 5.92 46.31 -19.00
CA TRP A 248 5.79 46.20 -17.55
C TRP A 248 5.18 47.44 -16.92
N TYR A 249 5.29 48.59 -17.58
CA TYR A 249 4.52 49.78 -17.21
C TYR A 249 3.20 49.75 -17.96
N ARG A 250 2.10 50.04 -17.25
CA ARG A 250 0.77 49.90 -17.79
C ARG A 250 0.01 51.22 -17.86
N GLU A 251 0.70 52.36 -17.68
CA GLU A 251 0.03 53.65 -17.63
C GLU A 251 0.44 54.62 -18.72
N VAL A 252 1.65 54.50 -19.29
CA VAL A 252 2.13 55.39 -20.33
C VAL A 252 2.51 54.57 -21.56
N GLU A 253 2.28 55.19 -22.74
CA GLU A 253 2.45 54.59 -24.08
C GLU A 253 1.66 53.28 -24.22
N ARG A 254 0.43 53.27 -23.71
CA ARG A 254 -0.38 52.06 -23.70
C ARG A 254 -1.03 51.80 -25.06
N GLU A 255 -1.10 52.81 -25.93
CA GLU A 255 -1.61 52.64 -27.28
C GLU A 255 -0.66 51.76 -28.08
N GLN A 256 -1.06 50.52 -28.32
CA GLN A 256 -0.19 49.48 -28.83
C GLN A 256 -0.32 49.34 -30.34
N LEU A 257 0.65 48.64 -30.92
CA LEU A 257 0.64 48.26 -32.31
C LEU A 257 -0.25 47.02 -32.49
N PRO A 258 -0.86 46.85 -33.67
CA PRO A 258 -1.61 45.61 -33.92
C PRO A 258 -0.68 44.43 -34.11
N ASP A 259 -1.24 43.24 -33.91
CA ASP A 259 -0.47 42.01 -33.98
C ASP A 259 -0.11 41.67 -35.42
N LYS A 260 1.15 41.28 -35.63
CA LYS A 260 1.62 40.99 -37.00
C LYS A 260 1.28 39.55 -37.32
N CYS A 261 0.45 39.36 -38.37
CA CYS A 261 0.05 38.00 -38.75
C CYS A 261 -0.37 37.73 -40.17
N ARG A 262 -0.21 36.44 -40.49
CA ARG A 262 -0.32 35.93 -41.84
C ARG A 262 -1.17 34.67 -41.80
N ASN A 263 -2.10 34.59 -42.74
CA ASN A 263 -3.11 33.55 -42.77
C ASN A 263 -2.90 32.64 -43.97
N LEU A 264 -2.96 31.35 -43.74
CA LEU A 264 -2.68 30.33 -44.74
C LEU A 264 -3.98 29.63 -45.07
N SER A 265 -4.26 29.49 -46.36
CA SER A 265 -5.42 28.76 -46.81
C SER A 265 -4.95 27.62 -47.70
N GLY A 266 -5.48 26.43 -47.48
CA GLY A 266 -5.00 25.32 -48.28
C GLY A 266 -5.86 24.08 -48.14
N GLN A 267 -5.41 23.04 -48.82
CA GLN A 267 -6.03 21.73 -48.83
C GLN A 267 -4.96 20.69 -48.55
N THR A 268 -5.29 19.69 -47.74
CA THR A 268 -4.32 18.67 -47.39
C THR A 268 -4.12 17.69 -48.55
N ASP A 269 -3.05 16.91 -48.45
CA ASP A 269 -2.64 16.00 -49.49
C ASP A 269 -3.30 14.63 -49.31
N LYS A 270 -2.83 13.63 -50.06
CA LYS A 270 -3.31 12.26 -49.89
C LYS A 270 -2.88 11.66 -48.56
N THR A 271 -1.78 12.13 -47.99
CA THR A 271 -1.40 11.79 -46.62
C THR A 271 -2.06 12.69 -45.60
N GLY A 272 -2.92 13.60 -46.05
CA GLY A 272 -3.78 14.39 -45.17
C GLY A 272 -3.06 15.39 -44.28
N CYS A 273 -2.07 16.10 -44.82
CA CYS A 273 -1.28 16.99 -43.98
C CYS A 273 -0.71 18.10 -44.84
N PHE A 274 -1.11 19.34 -44.55
CA PHE A 274 -0.86 20.49 -45.41
C PHE A 274 0.43 21.19 -45.02
N SER A 275 1.22 21.58 -46.03
CA SER A 275 2.52 22.19 -45.80
C SER A 275 2.67 23.49 -46.60
N ALA A 276 3.16 24.54 -45.94
CA ALA A 276 3.44 25.81 -46.62
C ALA A 276 4.49 26.59 -45.84
N PRO A 277 5.40 27.31 -46.51
CA PRO A 277 6.43 28.06 -45.77
C PRO A 277 6.03 29.49 -45.44
N VAL A 278 6.46 29.94 -44.27
CA VAL A 278 6.23 31.30 -43.78
C VAL A 278 7.58 31.91 -43.45
N ASP A 279 7.83 33.12 -43.96
CA ASP A 279 9.03 33.86 -43.63
C ASP A 279 8.88 34.58 -42.30
N MET A 280 10.01 34.82 -41.62
CA MET A 280 10.04 35.71 -40.47
C MET A 280 10.34 37.14 -40.85
N ALA A 281 10.26 37.49 -42.13
CA ALA A 281 10.26 38.90 -42.53
C ALA A 281 8.97 39.59 -42.13
N THR A 282 7.89 38.84 -41.94
CA THR A 282 6.65 39.42 -41.44
C THR A 282 6.77 39.82 -39.98
N PHE A 283 7.33 38.94 -39.15
CA PHE A 283 7.35 39.16 -37.72
C PHE A 283 8.56 39.98 -37.31
N ASP A 284 8.48 40.57 -36.12
CA ASP A 284 9.51 41.45 -35.58
C ASP A 284 10.17 40.76 -34.40
N LEU A 285 11.22 40.00 -34.68
CA LEU A 285 12.02 39.41 -33.62
C LEU A 285 12.92 40.45 -32.96
N ILE A 286 13.30 41.49 -33.71
CA ILE A 286 14.17 42.53 -33.18
C ILE A 286 13.43 43.42 -32.20
N GLY A 287 12.18 43.75 -32.52
CA GLY A 287 11.45 44.75 -31.73
C GLY A 287 10.98 44.20 -30.39
N TYR A 288 11.15 45.03 -29.35
CA TYR A 288 10.73 44.68 -28.01
C TYR A 288 9.25 44.98 -27.75
N ALA A 289 8.59 45.68 -28.68
CA ALA A 289 7.16 45.93 -28.55
C ALA A 289 6.31 44.71 -28.89
N TYR A 290 6.92 43.71 -29.51
CA TYR A 290 6.27 42.43 -29.79
C TYR A 290 6.95 41.33 -28.99
N SER A 291 6.15 40.40 -28.48
CA SER A 291 6.68 39.33 -27.65
C SER A 291 7.44 38.31 -28.49
N HIS A 292 8.35 37.60 -27.83
CA HIS A 292 9.05 36.48 -28.47
C HIS A 292 8.19 35.23 -28.37
N GLN A 293 7.13 35.21 -29.17
CA GLN A 293 6.07 34.22 -29.06
C GLN A 293 5.26 34.23 -30.34
N ILE A 294 4.98 33.04 -30.87
CA ILE A 294 4.16 32.88 -32.07
C ILE A 294 3.02 31.93 -31.72
N ASN A 295 1.79 32.39 -31.94
CA ASN A 295 0.61 31.56 -31.80
C ASN A 295 0.25 30.98 -33.16
N ILE A 296 0.03 29.67 -33.19
CA ILE A 296 -0.41 28.96 -34.37
C ILE A 296 -1.83 28.50 -34.11
N VAL A 297 -2.79 29.04 -34.85
CA VAL A 297 -4.17 28.62 -34.74
C VAL A 297 -4.54 27.91 -36.03
N ALA A 298 -4.60 26.58 -35.98
CA ALA A 298 -4.90 25.79 -37.16
C ALA A 298 -6.36 25.35 -37.09
N THR A 299 -7.11 25.62 -38.15
CA THR A 299 -8.53 25.33 -38.21
C THR A 299 -8.80 24.53 -39.47
N VAL A 300 -9.35 23.34 -39.30
CA VAL A 300 -9.63 22.43 -40.41
C VAL A 300 -11.12 22.16 -40.44
N VAL A 301 -11.73 22.36 -41.60
CA VAL A 301 -13.12 21.98 -41.84
C VAL A 301 -13.14 20.78 -42.78
N GLU A 302 -13.94 19.78 -42.42
CA GLU A 302 -14.07 18.58 -43.22
C GLU A 302 -14.86 18.88 -44.49
N GLU A 303 -14.58 18.12 -45.54
CA GLU A 303 -15.16 18.41 -46.85
C GLU A 303 -16.63 18.00 -46.89
N GLY A 304 -17.49 18.94 -47.30
CA GLY A 304 -18.91 18.71 -47.43
C GLY A 304 -19.65 18.40 -46.14
N THR A 305 -19.05 18.70 -44.98
CA THR A 305 -19.58 18.28 -43.70
C THR A 305 -19.86 19.45 -42.79
N GLY A 306 -18.91 20.37 -42.65
CA GLY A 306 -19.09 21.57 -41.85
C GLY A 306 -18.53 21.51 -40.45
N VAL A 307 -18.14 20.33 -39.98
CA VAL A 307 -17.55 20.23 -38.65
C VAL A 307 -16.13 20.78 -38.68
N GLU A 308 -15.67 21.27 -37.53
CA GLU A 308 -14.49 22.11 -37.50
C GLU A 308 -13.62 21.73 -36.31
N ALA A 309 -12.32 21.58 -36.54
CA ALA A 309 -11.37 21.33 -35.46
C ALA A 309 -10.30 22.40 -35.46
N ASN A 310 -9.73 22.64 -34.28
CA ASN A 310 -8.71 23.65 -34.13
C ASN A 310 -7.62 23.21 -33.15
N ALA A 311 -6.40 23.62 -33.48
CA ALA A 311 -5.22 23.38 -32.68
C ALA A 311 -4.57 24.72 -32.36
N THR A 312 -4.34 24.97 -31.09
CA THR A 312 -3.78 26.23 -30.62
C THR A 312 -2.40 25.93 -30.05
N GLN A 313 -1.38 26.14 -30.85
CA GLN A 313 0.00 25.88 -30.43
C GLN A 313 0.69 27.19 -30.09
N ASN A 314 1.54 27.15 -29.07
CA ASN A 314 2.35 28.28 -28.67
C ASN A 314 3.82 27.93 -28.89
N ILE A 315 4.53 28.77 -29.63
CA ILE A 315 5.96 28.58 -29.87
C ILE A 315 6.71 29.75 -29.28
N TYR A 316 7.73 29.46 -28.48
CA TYR A 316 8.59 30.48 -27.90
C TYR A 316 9.84 30.59 -28.77
N ILE A 317 10.03 31.76 -29.37
CA ILE A 317 11.20 32.00 -30.20
C ILE A 317 12.40 32.23 -29.28
N SER A 318 13.48 31.49 -29.51
CA SER A 318 14.65 31.59 -28.69
C SER A 318 15.85 32.01 -29.53
N PRO A 319 16.58 33.05 -29.14
CA PRO A 319 17.84 33.39 -29.83
C PRO A 319 18.98 32.45 -29.47
N GLN A 320 18.82 31.66 -28.41
CA GLN A 320 19.82 30.66 -28.03
C GLN A 320 19.82 29.52 -29.04
N MET A 321 20.93 29.36 -29.75
CA MET A 321 21.04 28.33 -30.77
C MET A 321 21.60 27.02 -30.23
N GLY A 322 22.11 27.01 -29.00
CA GLY A 322 22.68 25.80 -28.45
C GLY A 322 22.72 25.78 -26.94
N SER A 323 22.43 24.62 -26.34
CA SER A 323 22.44 24.45 -24.89
C SER A 323 23.57 23.51 -24.52
N MET A 324 24.41 23.95 -23.58
CA MET A 324 25.47 23.10 -23.04
C MET A 324 25.32 23.06 -21.52
N THR A 325 24.88 21.93 -20.99
CA THR A 325 24.64 21.75 -19.57
C THR A 325 25.50 20.62 -19.04
N PHE A 326 26.09 20.83 -17.87
CA PHE A 326 26.69 19.73 -17.12
C PHE A 326 25.58 18.82 -16.60
N GLU A 327 25.72 17.51 -16.81
CA GLU A 327 24.72 16.56 -16.34
C GLU A 327 25.30 15.34 -15.65
N ASP A 328 26.58 15.03 -15.85
CA ASP A 328 27.25 13.92 -15.16
C ASP A 328 28.62 14.43 -14.75
N THR A 329 28.66 15.05 -13.57
CA THR A 329 29.87 15.63 -12.99
C THR A 329 29.59 15.82 -11.50
N SER A 330 30.65 16.09 -10.76
CA SER A 330 30.51 16.38 -9.34
C SER A 330 30.71 17.86 -9.09
N ASN A 331 30.18 18.33 -7.97
CA ASN A 331 30.39 19.70 -7.54
C ASN A 331 31.69 19.88 -6.76
N PHE A 332 32.44 18.80 -6.57
CA PHE A 332 33.63 18.80 -5.75
C PHE A 332 34.74 18.03 -6.44
N TYR A 333 35.98 18.41 -6.15
CA TYR A 333 37.15 17.71 -6.67
C TYR A 333 38.04 17.31 -5.51
N HIS A 334 38.63 16.14 -5.61
CA HIS A 334 39.70 15.85 -4.67
C HIS A 334 40.97 16.56 -5.10
N PRO A 335 41.75 17.10 -4.17
CA PRO A 335 43.03 17.71 -4.54
C PRO A 335 44.03 16.68 -5.05
N ASN A 336 44.91 17.15 -5.93
CA ASN A 336 46.00 16.48 -6.67
C ASN A 336 45.70 15.05 -7.14
N PHE A 337 44.48 14.84 -7.62
CA PHE A 337 44.03 13.59 -8.24
C PHE A 337 43.18 13.96 -9.44
N PRO A 338 43.10 13.11 -10.47
CA PRO A 338 42.31 13.45 -11.66
C PRO A 338 40.81 13.52 -11.39
N PHE A 339 40.17 14.49 -12.05
CA PHE A 339 38.75 14.75 -11.91
C PHE A 339 38.05 14.50 -13.24
N SER A 340 36.96 13.75 -13.21
CA SER A 340 36.28 13.31 -14.43
C SER A 340 34.87 13.87 -14.49
N GLY A 341 34.36 14.01 -15.71
CA GLY A 341 32.98 14.41 -15.91
C GLY A 341 32.68 14.44 -17.38
N LYS A 342 31.44 14.81 -17.72
CA LYS A 342 31.08 14.94 -19.12
C LYS A 342 30.00 15.98 -19.32
N ILE A 343 29.95 16.53 -20.53
CA ILE A 343 29.13 17.68 -20.88
C ILE A 343 28.08 17.23 -21.91
N ARG A 344 26.83 17.58 -21.67
CA ARG A 344 25.76 17.40 -22.65
C ARG A 344 25.74 18.62 -23.56
N VAL A 345 25.93 18.40 -24.87
CA VAL A 345 25.91 19.46 -25.86
C VAL A 345 24.69 19.26 -26.74
N ARG A 346 23.80 20.24 -26.76
CA ARG A 346 22.58 20.18 -27.57
C ARG A 346 22.40 21.49 -28.32
N GLY A 347 21.67 21.41 -29.43
CA GLY A 347 21.40 22.56 -30.26
C GLY A 347 20.12 23.27 -29.88
N HIS A 348 19.65 24.11 -30.80
CA HIS A 348 18.39 24.83 -30.61
C HIS A 348 17.20 23.88 -30.72
N ASP A 349 17.34 22.80 -31.48
CA ASP A 349 16.25 21.87 -31.73
C ASP A 349 16.24 20.70 -30.76
N ASP A 350 16.84 20.89 -29.56
CA ASP A 350 17.16 19.92 -28.50
C ASP A 350 17.68 18.58 -29.01
N SER A 351 18.51 18.63 -30.06
CA SER A 351 19.10 17.44 -30.65
C SER A 351 20.57 17.36 -30.29
N PHE A 352 21.09 16.15 -30.26
CA PHE A 352 22.46 15.90 -29.84
C PHE A 352 23.40 16.32 -30.95
N LEU A 353 24.22 17.33 -30.69
CA LEU A 353 25.09 17.90 -31.72
C LEU A 353 26.27 16.98 -31.99
N LYS A 354 26.82 17.09 -33.19
CA LYS A 354 27.89 16.22 -33.66
C LYS A 354 29.11 17.04 -34.02
N ASN A 355 30.27 16.63 -33.50
CA ASN A 355 31.61 17.14 -33.85
C ASN A 355 31.71 18.63 -33.55
N HIS A 356 31.33 19.00 -32.32
CA HIS A 356 31.39 20.40 -31.92
C HIS A 356 32.67 20.67 -31.13
N LEU A 357 33.35 21.75 -31.47
CA LEU A 357 34.58 22.15 -30.79
C LEU A 357 34.21 23.00 -29.58
N VAL A 358 34.13 22.38 -28.41
CA VAL A 358 33.81 23.09 -27.18
C VAL A 358 35.11 23.52 -26.53
N PHE A 359 35.07 24.62 -25.80
CA PHE A 359 36.27 25.18 -25.19
C PHE A 359 36.05 25.34 -23.70
N LEU A 360 36.87 24.65 -22.90
CA LEU A 360 36.76 24.67 -21.45
C LEU A 360 37.81 25.64 -20.93
N VAL A 361 37.36 26.70 -20.28
CA VAL A 361 38.24 27.66 -19.64
C VAL A 361 38.11 27.48 -18.13
N ILE A 362 39.26 27.46 -17.46
CA ILE A 362 39.37 27.14 -16.04
C ILE A 362 39.89 28.38 -15.33
N TYR A 363 39.12 28.89 -14.38
CA TYR A 363 39.51 30.04 -13.58
C TYR A 363 39.97 29.53 -12.21
N GLY A 364 41.21 29.85 -11.87
CA GLY A 364 41.78 29.55 -10.57
C GLY A 364 42.78 30.62 -10.22
N THR A 365 43.31 30.53 -8.99
CA THR A 365 44.26 31.53 -8.52
C THR A 365 45.66 31.35 -9.07
N ASN A 366 45.95 30.22 -9.71
CA ASN A 366 47.26 30.00 -10.31
C ASN A 366 47.33 30.54 -11.73
N GLY A 367 46.26 30.36 -12.50
CA GLY A 367 46.24 30.85 -13.87
C GLY A 367 45.03 30.37 -14.66
N THR A 368 44.60 31.16 -15.62
CA THR A 368 43.48 30.81 -16.48
C THR A 368 43.92 29.78 -17.50
N PHE A 369 43.22 28.65 -17.54
CA PHE A 369 43.57 27.55 -18.44
C PHE A 369 42.54 27.43 -19.54
N ASN A 370 42.97 26.90 -20.70
CA ASN A 370 42.05 26.65 -21.81
C ASN A 370 42.37 25.31 -22.44
N GLN A 371 41.32 24.54 -22.72
CA GLN A 371 41.45 23.23 -23.36
C GLN A 371 40.28 23.00 -24.28
N THR A 372 40.55 22.55 -25.50
CA THR A 372 39.49 22.29 -26.46
C THR A 372 39.12 20.81 -26.47
N LEU A 373 37.87 20.54 -26.83
CA LEU A 373 37.36 19.18 -26.85
C LEU A 373 36.40 19.01 -28.02
N VAL A 374 36.29 17.76 -28.49
CA VAL A 374 35.43 17.39 -29.60
C VAL A 374 34.38 16.42 -29.07
N THR A 375 33.12 16.68 -29.38
CA THR A 375 32.04 15.76 -29.03
C THR A 375 32.12 14.50 -29.88
N ASP A 376 31.62 13.41 -29.31
CA ASP A 376 31.57 12.13 -30.03
C ASP A 376 30.34 12.09 -30.93
N ASN A 377 30.10 10.92 -31.54
CA ASN A 377 28.88 10.75 -32.32
C ASN A 377 27.74 10.15 -31.49
N ASN A 378 27.55 10.73 -30.30
CA ASN A 378 26.35 10.51 -29.51
C ASN A 378 25.85 11.77 -28.84
N GLY A 379 26.63 12.85 -28.80
CA GLY A 379 26.21 14.08 -28.19
C GLY A 379 26.76 14.34 -26.80
N LEU A 380 27.94 13.81 -26.48
CA LEU A 380 28.56 14.03 -25.17
C LEU A 380 30.00 14.48 -25.35
N ALA A 381 30.52 15.17 -24.34
CA ALA A 381 31.90 15.63 -24.32
C ALA A 381 32.53 15.26 -22.99
N PRO A 382 33.19 14.11 -22.91
CA PRO A 382 33.88 13.74 -21.66
C PRO A 382 35.14 14.54 -21.46
N PHE A 383 35.54 14.68 -20.20
CA PHE A 383 36.77 15.38 -19.84
C PHE A 383 37.32 14.85 -18.53
N THR A 384 38.65 14.70 -18.50
CA THR A 384 39.41 14.44 -17.29
C THR A 384 40.45 15.54 -17.14
N LEU A 385 40.52 16.12 -15.95
CA LEU A 385 41.39 17.25 -15.66
C LEU A 385 42.35 16.89 -14.53
N GLU A 386 43.58 17.35 -14.65
CA GLU A 386 44.59 17.15 -13.62
C GLU A 386 44.53 18.29 -12.62
N THR A 387 44.17 17.97 -11.37
CA THR A 387 43.90 18.97 -10.36
C THR A 387 45.13 19.33 -9.53
N SER A 388 46.30 18.79 -9.89
CA SER A 388 47.51 18.97 -9.08
C SER A 388 48.01 20.41 -9.11
N GLY A 389 47.73 21.14 -10.18
CA GLY A 389 48.02 22.55 -10.20
C GLY A 389 46.97 23.43 -9.56
N TRP A 390 45.86 22.86 -9.07
CA TRP A 390 44.79 23.68 -8.55
C TRP A 390 45.01 24.10 -7.11
N ASN A 391 45.99 23.49 -6.43
CA ASN A 391 46.53 23.90 -5.12
C ASN A 391 45.48 23.91 -4.01
N GLY A 392 44.47 23.05 -4.10
CA GLY A 392 43.44 22.99 -3.09
C GLY A 392 42.53 24.19 -3.04
N THR A 393 42.38 24.91 -4.14
CA THR A 393 41.60 26.13 -4.20
C THR A 393 40.35 25.87 -5.03
N ASP A 394 39.22 26.46 -4.62
CA ASP A 394 37.98 26.33 -5.37
C ASP A 394 38.10 27.03 -6.71
N VAL A 395 37.74 26.32 -7.78
CA VAL A 395 37.95 26.81 -9.14
C VAL A 395 36.61 26.92 -9.87
N SER A 396 36.65 27.44 -11.09
CA SER A 396 35.44 27.59 -11.90
C SER A 396 35.69 27.02 -13.29
N LEU A 397 34.80 26.14 -13.73
CA LEU A 397 34.83 25.59 -15.09
C LEU A 397 33.77 26.31 -15.92
N GLU A 398 34.15 26.71 -17.14
CA GLU A 398 33.20 27.29 -18.07
C GLU A 398 33.43 26.70 -19.44
N GLY A 399 32.41 26.01 -19.97
CA GLY A 399 32.44 25.50 -21.31
C GLY A 399 31.70 26.45 -22.23
N LYS A 400 32.39 26.88 -23.29
CA LYS A 400 31.85 27.83 -24.24
C LYS A 400 31.92 27.26 -25.66
N PHE A 401 31.06 27.82 -26.52
CA PHE A 401 31.13 27.53 -27.96
C PHE A 401 32.38 28.13 -28.59
N GLN A 402 32.65 29.41 -28.30
CA GLN A 402 33.79 30.11 -28.85
C GLN A 402 34.45 30.94 -27.75
N MET A 403 35.68 31.38 -28.02
CA MET A 403 36.36 32.30 -27.10
C MET A 403 35.70 33.67 -27.10
N GLU A 404 35.37 34.19 -28.27
CA GLU A 404 34.85 35.54 -28.40
C GLU A 404 33.32 35.51 -28.39
N ASP A 405 32.72 36.33 -27.53
CA ASP A 405 31.28 36.44 -27.46
C ASP A 405 30.78 37.36 -28.58
N LEU A 406 29.46 37.32 -28.80
CA LEU A 406 28.85 38.20 -29.79
C LEU A 406 28.79 39.63 -29.25
N VAL A 407 29.16 40.59 -30.08
CA VAL A 407 29.04 42.00 -29.74
C VAL A 407 27.57 42.39 -29.83
N TYR A 408 27.08 43.11 -28.82
CA TYR A 408 25.70 43.57 -28.81
C TYR A 408 25.48 44.64 -29.89
N ASN A 409 24.41 44.48 -30.66
CA ASN A 409 24.13 45.35 -31.79
C ASN A 409 22.76 46.00 -31.62
N PRO A 410 22.58 47.21 -32.14
CA PRO A 410 21.24 47.82 -32.08
C PRO A 410 20.29 47.22 -33.11
N GLU A 411 20.82 46.85 -34.28
CA GLU A 411 19.98 46.38 -35.37
C GLU A 411 19.57 44.92 -35.22
N GLN A 412 20.23 44.14 -34.36
CA GLN A 412 19.93 42.73 -34.21
C GLN A 412 19.94 42.36 -32.73
N VAL A 413 19.08 41.42 -32.37
CA VAL A 413 19.09 40.85 -31.01
C VAL A 413 20.36 40.03 -30.83
N PRO A 414 21.14 40.25 -29.77
CA PRO A 414 22.36 39.45 -29.55
C PRO A 414 22.02 38.02 -29.17
N ARG A 415 22.49 37.07 -29.99
CA ARG A 415 22.15 35.66 -29.82
C ARG A 415 23.01 35.10 -28.69
N TYR A 416 22.37 34.85 -27.55
CA TYR A 416 23.11 34.39 -26.37
C TYR A 416 23.46 32.92 -26.48
N TYR A 417 24.65 32.58 -26.03
CA TYR A 417 25.10 31.20 -25.94
C TYR A 417 24.98 30.74 -24.50
N GLN A 418 24.16 29.71 -24.26
CA GLN A 418 23.99 29.16 -22.92
C GLN A 418 25.22 28.32 -22.61
N ASN A 419 26.17 28.91 -21.89
CA ASN A 419 27.42 28.24 -21.57
C ASN A 419 27.21 27.21 -20.46
N ALA A 420 28.26 26.44 -20.20
CA ALA A 420 28.23 25.41 -19.17
C ALA A 420 29.06 25.90 -17.99
N TYR A 421 28.41 26.33 -16.93
CA TYR A 421 29.07 26.91 -15.78
C TYR A 421 29.11 25.92 -14.62
N LEU A 422 30.23 25.88 -13.92
CA LEU A 422 30.37 25.02 -12.76
C LEU A 422 31.38 25.62 -11.78
N HIS A 423 31.11 25.45 -10.50
CA HIS A 423 32.02 25.86 -9.43
C HIS A 423 32.45 24.61 -8.69
N LEU A 424 33.77 24.42 -8.55
CA LEU A 424 34.32 23.24 -7.91
C LEU A 424 34.95 23.62 -6.58
N ARG A 425 34.51 22.96 -5.52
CA ARG A 425 34.95 23.14 -4.14
C ARG A 425 35.89 22.02 -3.76
N PRO A 426 37.00 22.29 -3.08
CA PRO A 426 37.90 21.21 -2.66
C PRO A 426 37.31 20.42 -1.51
N PHE A 427 37.32 19.09 -1.65
CA PHE A 427 36.84 18.21 -0.59
C PHE A 427 37.80 18.26 0.59
N TYR A 428 37.23 18.22 1.79
CA TYR A 428 38.04 18.22 3.00
C TYR A 428 38.72 16.86 3.16
N SER A 429 39.92 16.75 2.61
CA SER A 429 40.72 15.53 2.67
C SER A 429 41.94 15.84 3.52
N THR A 430 41.88 15.48 4.81
CA THR A 430 43.03 15.66 5.68
C THR A 430 44.09 14.60 5.47
N THR A 431 43.76 13.51 4.78
CA THR A 431 44.70 12.44 4.47
C THR A 431 44.67 12.16 2.97
N ARG A 432 45.84 12.01 2.37
CA ARG A 432 45.96 11.89 0.92
C ARG A 432 45.57 10.48 0.47
N SER A 433 44.30 10.31 0.10
CA SER A 433 43.84 9.11 -0.58
C SER A 433 42.60 9.49 -1.40
N PHE A 434 42.27 8.66 -2.37
CA PHE A 434 41.31 9.03 -3.39
C PHE A 434 40.22 7.97 -3.54
N LEU A 435 38.99 8.44 -3.66
CA LEU A 435 37.85 7.63 -4.09
C LEU A 435 37.18 8.31 -5.25
N GLY A 436 36.50 7.51 -6.08
CA GLY A 436 35.73 8.04 -7.17
C GLY A 436 34.75 7.02 -7.70
N ILE A 437 33.57 7.46 -8.12
CA ILE A 437 32.55 6.56 -8.62
C ILE A 437 32.26 6.97 -10.06
N HIS A 438 32.35 6.02 -10.99
CA HIS A 438 32.00 6.28 -12.36
C HIS A 438 30.48 6.34 -12.49
N ARG A 439 29.97 7.48 -12.95
CA ARG A 439 28.53 7.68 -13.04
C ARG A 439 27.94 6.87 -14.19
N LEU A 440 26.63 6.67 -14.12
CA LEU A 440 25.93 5.75 -15.02
C LEU A 440 24.94 6.54 -15.88
N ASN A 441 25.47 7.08 -17.00
CA ASN A 441 24.83 7.78 -18.13
C ASN A 441 23.54 8.55 -17.83
N GLY A 442 22.51 8.37 -18.66
CA GLY A 442 21.25 9.04 -18.47
C GLY A 442 20.38 8.36 -17.43
N PRO A 443 19.07 8.23 -17.73
CA PRO A 443 18.18 7.53 -16.79
C PRO A 443 18.47 6.04 -16.75
N LEU A 444 18.36 5.47 -15.56
CA LEU A 444 18.64 4.07 -15.31
C LEU A 444 17.35 3.30 -15.11
N LYS A 445 17.35 2.04 -15.52
CA LYS A 445 16.16 1.22 -15.40
C LYS A 445 16.05 0.66 -13.98
N CYS A 446 14.98 -0.10 -13.75
CA CYS A 446 14.70 -0.66 -12.45
C CYS A 446 14.46 -2.16 -12.58
N GLY A 447 14.81 -2.89 -11.52
CA GLY A 447 14.64 -4.33 -11.49
C GLY A 447 15.78 -5.11 -12.09
N GLN A 448 16.76 -4.43 -12.68
CA GLN A 448 17.95 -5.11 -13.18
C GLN A 448 19.18 -4.59 -12.44
N PRO A 449 20.15 -5.45 -12.12
CA PRO A 449 21.28 -5.03 -11.28
C PRO A 449 22.27 -4.18 -12.08
N GLN A 450 22.41 -2.92 -11.67
CA GLN A 450 23.38 -2.04 -12.28
C GLN A 450 24.78 -2.38 -11.77
N GLU A 451 25.72 -2.51 -12.69
CA GLU A 451 27.11 -2.79 -12.39
C GLU A 451 27.85 -1.46 -12.36
N VAL A 452 28.32 -1.05 -11.19
CA VAL A 452 28.95 0.26 -11.03
C VAL A 452 30.40 0.06 -10.59
N LEU A 453 31.31 0.73 -11.29
CA LEU A 453 32.74 0.58 -11.04
C LEU A 453 33.22 1.73 -10.16
N VAL A 454 34.02 1.39 -9.16
CA VAL A 454 34.52 2.35 -8.17
C VAL A 454 36.03 2.34 -8.25
N ASP A 455 36.61 3.51 -8.49
CA ASP A 455 38.06 3.67 -8.58
C ASP A 455 38.58 4.21 -7.25
N TYR A 456 39.76 3.75 -6.84
CA TYR A 456 40.31 4.18 -5.57
C TYR A 456 41.84 4.17 -5.60
N TYR A 457 42.41 4.83 -4.60
CA TYR A 457 43.85 4.83 -4.38
C TYR A 457 44.07 5.07 -2.89
N ILE A 458 44.61 4.07 -2.19
CA ILE A 458 44.98 4.19 -0.79
C ILE A 458 46.49 4.33 -0.73
N ASP A 459 46.97 5.50 -0.33
CA ASP A 459 48.39 5.78 -0.34
C ASP A 459 49.08 5.09 0.83
N PRO A 460 50.33 4.58 0.65
CA PRO A 460 51.10 4.01 1.76
C PRO A 460 51.89 5.05 2.56
N ALA A 461 51.22 6.12 2.98
CA ALA A 461 51.78 7.08 3.91
C ALA A 461 50.91 7.29 5.13
N ASP A 462 49.70 6.71 5.15
CA ASP A 462 48.81 6.81 6.28
C ASP A 462 48.11 5.49 6.59
N ALA A 463 48.35 4.44 5.82
CA ALA A 463 47.80 3.12 6.08
C ALA A 463 48.94 2.11 5.99
N SER A 464 49.21 1.43 7.10
CA SER A 464 50.28 0.45 7.15
C SER A 464 49.89 -0.80 6.35
N PRO A 465 50.88 -1.54 5.82
CA PRO A 465 50.54 -2.73 4.99
C PRO A 465 49.84 -3.87 5.72
N ASP A 466 49.94 -3.95 7.05
CA ASP A 466 49.22 -5.01 7.75
C ASP A 466 47.75 -4.68 7.97
N GLN A 467 47.36 -3.42 7.80
CA GLN A 467 45.99 -3.01 8.08
C GLN A 467 45.09 -3.32 6.88
N GLU A 468 44.06 -4.13 7.12
CA GLU A 468 43.06 -4.40 6.11
C GLU A 468 42.22 -3.15 5.87
N ILE A 469 41.92 -2.88 4.60
CA ILE A 469 41.15 -1.70 4.23
C ILE A 469 39.74 -2.14 3.83
N SER A 470 38.76 -1.30 4.16
CA SER A 470 37.37 -1.61 3.87
C SER A 470 36.65 -0.33 3.51
N PHE A 471 35.77 -0.41 2.52
CA PHE A 471 34.99 0.73 2.05
C PHE A 471 33.54 0.49 2.39
N SER A 472 32.94 1.44 3.12
CA SER A 472 31.55 1.34 3.52
C SER A 472 30.71 2.15 2.55
N TYR A 473 29.70 1.52 1.96
CA TYR A 473 28.85 2.15 0.98
C TYR A 473 27.42 2.19 1.46
N TYR A 474 26.78 3.33 1.24
CA TYR A 474 25.37 3.55 1.52
C TYR A 474 24.69 4.01 0.26
N LEU A 475 23.56 3.38 -0.05
CA LEU A 475 22.65 3.85 -1.07
C LEU A 475 21.46 4.47 -0.36
N ILE A 476 21.24 5.75 -0.60
CA ILE A 476 20.21 6.53 0.08
C ILE A 476 19.12 6.87 -0.94
N GLY A 477 17.91 6.41 -0.69
CA GLY A 477 16.79 6.69 -1.57
C GLY A 477 15.65 7.37 -0.86
N LYS A 478 15.27 8.55 -1.37
CA LYS A 478 14.22 9.43 -0.82
C LYS A 478 14.48 9.79 0.64
N GLY A 479 15.74 10.07 0.96
CA GLY A 479 16.11 10.55 2.27
C GLY A 479 16.20 9.50 3.36
N SER A 480 15.92 8.24 3.04
CA SER A 480 16.04 7.15 3.99
C SER A 480 17.16 6.22 3.53
N LEU A 481 17.93 5.72 4.48
CA LEU A 481 19.01 4.79 4.20
C LEU A 481 18.40 3.46 3.76
N VAL A 482 18.48 3.17 2.46
CA VAL A 482 17.73 2.05 1.91
C VAL A 482 18.63 0.86 1.55
N MET A 483 19.92 1.07 1.31
CA MET A 483 20.81 -0.06 1.11
C MET A 483 22.15 0.23 1.75
N GLU A 484 22.76 -0.80 2.31
CA GLU A 484 23.97 -0.67 3.10
C GLU A 484 24.95 -1.78 2.76
N GLY A 485 26.22 -1.52 2.98
CA GLY A 485 27.19 -2.60 2.87
C GLY A 485 28.59 -2.12 3.11
N GLN A 486 29.51 -3.08 3.15
CA GLN A 486 30.93 -2.80 3.32
C GLN A 486 31.71 -3.85 2.54
N LYS A 487 32.72 -3.40 1.80
CA LYS A 487 33.58 -4.27 1.02
C LYS A 487 34.97 -4.30 1.64
N HIS A 488 35.45 -5.49 1.97
CA HIS A 488 36.80 -5.68 2.49
C HIS A 488 37.74 -5.94 1.32
N LEU A 489 38.88 -5.26 1.30
CA LEU A 489 39.86 -5.43 0.24
C LEU A 489 41.17 -5.95 0.84
N ASN A 490 41.94 -6.64 -0.01
CA ASN A 490 43.18 -7.25 0.44
C ASN A 490 44.25 -6.19 0.63
N SER A 491 44.95 -6.27 1.76
CA SER A 491 45.92 -5.25 2.16
C SER A 491 47.27 -5.38 1.47
N LYS A 492 47.48 -6.44 0.68
CA LYS A 492 48.79 -6.68 0.10
C LYS A 492 49.09 -5.75 -1.07
N LYS A 493 48.04 -5.30 -1.78
CA LYS A 493 48.26 -4.44 -2.95
C LYS A 493 48.63 -3.01 -2.54
N LYS A 494 47.90 -2.44 -1.56
CA LYS A 494 48.07 -1.12 -0.95
C LYS A 494 48.07 -0.02 -2.02
N GLY A 495 49.23 0.51 -2.42
CA GLY A 495 49.27 1.71 -3.23
C GLY A 495 49.29 1.51 -4.73
N LEU A 496 48.12 1.60 -5.36
CA LEU A 496 47.98 1.61 -6.80
C LEU A 496 46.63 2.19 -7.14
N LYS A 497 46.51 2.73 -8.36
CA LYS A 497 45.23 3.24 -8.85
C LYS A 497 44.38 2.04 -9.21
N ALA A 498 43.66 1.51 -8.22
CA ALA A 498 42.93 0.27 -8.37
C ALA A 498 41.43 0.55 -8.49
N SER A 499 40.66 -0.53 -8.63
CA SER A 499 39.22 -0.39 -8.78
C SER A 499 38.55 -1.66 -8.29
N PHE A 500 37.25 -1.54 -8.00
CA PHE A 500 36.40 -2.68 -7.73
C PHE A 500 35.00 -2.36 -8.23
N SER A 501 34.02 -3.17 -7.85
CA SER A 501 32.69 -3.05 -8.41
C SER A 501 31.63 -3.28 -7.35
N LEU A 502 30.46 -2.71 -7.59
CA LEU A 502 29.27 -2.95 -6.78
C LEU A 502 28.11 -3.29 -7.72
N SER A 503 27.17 -4.06 -7.20
CA SER A 503 26.00 -4.50 -7.95
C SER A 503 24.77 -3.93 -7.23
N LEU A 504 24.23 -2.84 -7.76
CA LEU A 504 23.07 -2.20 -7.16
C LEU A 504 21.79 -2.64 -7.87
N THR A 505 20.66 -2.24 -7.30
CA THR A 505 19.37 -2.48 -7.92
C THR A 505 18.46 -1.33 -7.50
N PHE A 506 18.16 -0.45 -8.45
CA PHE A 506 17.29 0.69 -8.17
C PHE A 506 15.83 0.28 -8.29
N THR A 507 14.99 0.83 -7.42
CA THR A 507 13.57 0.51 -7.41
C THR A 507 12.81 1.76 -7.00
N SER A 508 11.52 1.59 -6.67
CA SER A 508 10.68 2.72 -6.31
C SER A 508 11.01 3.26 -4.94
N ARG A 509 11.53 2.43 -4.04
CA ARG A 509 12.03 2.93 -2.76
C ARG A 509 13.25 3.82 -2.95
N LEU A 510 14.07 3.51 -3.95
CA LEU A 510 15.08 4.46 -4.39
C LEU A 510 14.42 5.65 -5.06
N ALA A 511 15.04 6.80 -4.95
CA ALA A 511 14.49 8.06 -5.40
C ALA A 511 14.56 8.15 -6.92
N PRO A 512 13.86 9.11 -7.53
CA PRO A 512 14.24 9.53 -8.89
C PRO A 512 15.64 10.07 -8.97
N ASP A 513 16.12 10.73 -7.92
CA ASP A 513 17.51 11.18 -7.86
C ASP A 513 17.99 10.67 -6.49
N PRO A 514 18.42 9.41 -6.40
CA PRO A 514 18.99 8.91 -5.15
C PRO A 514 20.48 9.19 -5.09
N SER A 515 21.13 8.66 -4.04
CA SER A 515 22.54 8.96 -3.84
C SER A 515 23.31 7.71 -3.44
N LEU A 516 24.61 7.73 -3.75
CA LEU A 516 25.56 6.72 -3.31
C LEU A 516 26.70 7.42 -2.59
N VAL A 517 26.91 7.05 -1.33
CA VAL A 517 27.98 7.62 -0.52
C VAL A 517 28.89 6.48 -0.11
N ILE A 518 30.17 6.58 -0.48
CA ILE A 518 31.15 5.61 0.00
C ILE A 518 32.18 6.35 0.83
N TYR A 519 32.77 5.65 1.79
CA TYR A 519 33.77 6.25 2.64
C TYR A 519 34.70 5.19 3.21
N ALA A 520 35.85 5.65 3.71
CA ALA A 520 36.83 4.81 4.37
C ALA A 520 37.50 5.61 5.46
N ILE A 521 37.42 5.13 6.70
CA ILE A 521 38.12 5.77 7.81
C ILE A 521 39.46 5.06 7.97
N PHE A 522 40.53 5.82 7.96
CA PHE A 522 41.85 5.29 8.22
C PHE A 522 42.08 5.15 9.72
N PRO A 523 43.03 4.30 10.13
CA PRO A 523 43.44 4.29 11.56
C PRO A 523 44.09 5.58 12.04
N SER A 524 44.56 6.45 11.15
CA SER A 524 45.00 7.77 11.55
C SER A 524 43.86 8.69 11.97
N GLY A 525 42.62 8.33 11.64
CA GLY A 525 41.45 9.10 12.03
C GLY A 525 40.83 9.89 10.90
N GLY A 526 41.59 10.21 9.87
CA GLY A 526 41.03 10.89 8.72
C GLY A 526 40.17 9.97 7.89
N VAL A 527 39.26 10.57 7.13
CA VAL A 527 38.32 9.82 6.31
C VAL A 527 38.49 10.29 4.87
N VAL A 528 38.31 9.35 3.94
CA VAL A 528 38.31 9.64 2.51
C VAL A 528 36.99 9.14 1.95
N ALA A 529 36.26 10.00 1.24
CA ALA A 529 34.88 9.69 0.91
C ALA A 529 34.53 10.30 -0.44
N ASP A 530 33.47 9.76 -1.04
CA ASP A 530 32.93 10.32 -2.27
C ASP A 530 31.47 9.93 -2.39
N LYS A 531 30.67 10.84 -2.91
CA LYS A 531 29.26 10.57 -3.17
C LYS A 531 28.93 10.99 -4.59
N ILE A 532 27.99 10.27 -5.20
CA ILE A 532 27.41 10.69 -6.46
C ILE A 532 25.89 10.65 -6.33
N GLN A 533 25.24 11.37 -7.22
CA GLN A 533 23.80 11.30 -7.35
C GLN A 533 23.47 10.19 -8.34
N PHE A 534 22.22 10.05 -8.72
CA PHE A 534 21.87 9.10 -9.77
C PHE A 534 20.69 9.65 -10.55
N SER A 535 20.60 9.26 -11.81
CA SER A 535 19.45 9.57 -12.64
C SER A 535 18.66 8.28 -12.78
N VAL A 536 17.57 8.16 -12.03
CA VAL A 536 16.72 6.98 -12.03
C VAL A 536 15.35 7.38 -12.53
N GLU A 537 14.83 6.62 -13.49
CA GLU A 537 13.52 6.87 -14.07
C GLU A 537 12.42 6.62 -13.05
N MET A 538 11.24 7.19 -13.32
CA MET A 538 10.11 7.13 -12.42
C MET A 538 9.50 5.73 -12.48
N CYS A 539 10.12 4.80 -11.76
CA CYS A 539 9.73 3.41 -11.82
C CYS A 539 8.69 3.11 -10.73
N PHE A 540 8.30 1.85 -10.64
CA PHE A 540 7.27 1.44 -9.69
C PHE A 540 7.56 0.00 -9.27
N ASP A 541 6.94 -0.41 -8.16
CA ASP A 541 7.13 -1.77 -7.68
C ASP A 541 6.45 -2.78 -8.59
N ASN A 542 5.19 -2.53 -8.93
CA ASN A 542 4.43 -3.45 -9.77
C ASN A 542 4.78 -3.15 -11.23
N GLN A 543 5.44 -4.10 -11.89
CA GLN A 543 5.69 -3.97 -13.32
C GLN A 543 4.39 -4.26 -14.05
N VAL A 544 3.56 -3.23 -14.20
CA VAL A 544 2.28 -3.35 -14.87
C VAL A 544 2.45 -3.02 -16.34
N SER A 545 1.96 -3.90 -17.20
CA SER A 545 1.81 -3.56 -18.61
C SER A 545 0.48 -4.08 -19.11
N LEU A 546 -0.08 -3.34 -20.07
CA LEU A 546 -1.41 -3.60 -20.61
C LEU A 546 -1.27 -4.05 -22.06
N GLY A 547 -1.98 -5.12 -22.41
CA GLY A 547 -1.83 -5.62 -23.76
C GLY A 547 -3.13 -5.96 -24.45
N PHE A 548 -3.35 -5.43 -25.64
CA PHE A 548 -4.47 -5.81 -26.47
C PHE A 548 -4.00 -6.74 -27.56
N SER A 549 -4.80 -7.79 -27.82
CA SER A 549 -4.52 -8.64 -28.97
C SER A 549 -5.87 -8.92 -29.62
N PRO A 550 -6.00 -8.69 -30.94
CA PRO A 550 -4.94 -8.39 -31.91
C PRO A 550 -4.59 -6.91 -32.11
N SER A 551 -5.02 -6.05 -31.19
CA SER A 551 -4.65 -4.63 -31.03
C SER A 551 -5.14 -3.69 -32.13
N GLN A 552 -5.78 -4.20 -33.19
CA GLN A 552 -6.48 -3.36 -34.17
C GLN A 552 -7.53 -4.27 -34.78
N GLN A 553 -8.76 -4.18 -34.29
CA GLN A 553 -9.72 -5.23 -34.57
C GLN A 553 -11.08 -4.58 -34.83
N LEU A 554 -11.92 -5.30 -35.56
CA LEU A 554 -13.20 -4.80 -36.06
C LEU A 554 -14.16 -4.47 -34.93
N PRO A 555 -14.99 -3.43 -35.09
CA PRO A 555 -15.92 -3.05 -34.01
C PRO A 555 -17.06 -4.06 -33.88
N GLY A 556 -17.21 -4.60 -32.68
CA GLY A 556 -18.30 -5.51 -32.37
C GLY A 556 -17.88 -6.92 -32.02
N ALA A 557 -16.59 -7.24 -32.01
CA ALA A 557 -16.13 -8.57 -31.65
C ALA A 557 -14.96 -8.47 -30.69
N GLU A 558 -14.59 -9.61 -30.13
CA GLU A 558 -13.79 -9.67 -28.90
C GLU A 558 -12.32 -9.37 -29.15
N VAL A 559 -11.67 -8.83 -28.10
CA VAL A 559 -10.24 -8.58 -28.05
C VAL A 559 -9.72 -9.10 -26.71
N GLU A 560 -8.67 -9.92 -26.75
CA GLU A 560 -8.03 -10.39 -25.53
C GLU A 560 -7.21 -9.28 -24.89
N LEU A 561 -7.28 -9.18 -23.57
CA LEU A 561 -6.63 -8.13 -22.79
C LEU A 561 -5.76 -8.74 -21.71
N GLN A 562 -4.51 -8.32 -21.65
CA GLN A 562 -3.52 -8.84 -20.71
C GLN A 562 -3.17 -7.77 -19.67
N LEU A 563 -3.26 -8.16 -18.40
CA LEU A 563 -2.74 -7.40 -17.27
C LEU A 563 -1.47 -8.07 -16.79
N GLN A 564 -0.37 -7.33 -16.79
CA GLN A 564 0.89 -7.82 -16.23
C GLN A 564 1.15 -7.01 -14.97
N ALA A 565 1.27 -7.70 -13.84
CA ALA A 565 1.47 -7.04 -12.56
C ALA A 565 2.19 -8.01 -11.63
N ALA A 566 2.46 -7.55 -10.41
CA ALA A 566 2.91 -8.45 -9.36
C ALA A 566 1.72 -9.30 -8.88
N PRO A 567 1.97 -10.55 -8.45
CA PRO A 567 0.87 -11.38 -7.95
C PRO A 567 0.32 -10.87 -6.62
N GLY A 568 -0.95 -11.17 -6.39
CA GLY A 568 -1.62 -10.73 -5.18
C GLY A 568 -2.01 -9.27 -5.18
N SER A 569 -2.13 -8.64 -6.34
CA SER A 569 -2.51 -7.24 -6.45
C SER A 569 -3.99 -7.12 -6.79
N LEU A 570 -4.55 -5.97 -6.47
CA LEU A 570 -5.88 -5.57 -6.93
C LEU A 570 -5.68 -4.40 -7.87
N CYS A 571 -6.24 -4.48 -9.06
CA CYS A 571 -5.81 -3.57 -10.10
C CYS A 571 -7.02 -2.94 -10.79
N ALA A 572 -6.90 -1.65 -11.06
CA ALA A 572 -7.98 -0.85 -11.63
C ALA A 572 -7.63 -0.46 -13.06
N LEU A 573 -8.63 -0.54 -13.93
CA LEU A 573 -8.44 -0.46 -15.38
C LEU A 573 -9.44 0.52 -15.97
N ARG A 574 -8.94 1.48 -16.75
CA ARG A 574 -9.78 2.45 -17.43
C ARG A 574 -9.50 2.40 -18.93
N ALA A 575 -10.48 1.99 -19.71
CA ALA A 575 -10.42 2.05 -21.16
C ALA A 575 -11.44 3.09 -21.62
N VAL A 576 -10.97 4.14 -22.29
CA VAL A 576 -11.78 5.31 -22.57
C VAL A 576 -11.54 5.67 -24.03
N ASP A 577 -12.46 6.45 -24.60
CA ASP A 577 -12.34 6.91 -25.98
C ASP A 577 -11.20 7.92 -26.13
N GLU A 578 -10.66 7.99 -27.35
CA GLU A 578 -9.77 9.09 -27.70
C GLU A 578 -10.52 10.41 -27.80
N SER A 579 -11.75 10.38 -28.30
CA SER A 579 -12.45 11.60 -28.66
C SER A 579 -12.90 12.40 -27.45
N VAL A 580 -13.08 11.76 -26.30
CA VAL A 580 -13.38 12.52 -25.09
C VAL A 580 -12.13 13.16 -24.50
N LEU A 581 -10.94 12.70 -24.90
CA LEU A 581 -9.71 13.40 -24.54
C LEU A 581 -9.31 14.43 -25.58
N LEU A 582 -10.09 14.58 -26.64
CA LEU A 582 -9.80 15.64 -27.60
C LEU A 582 -10.30 17.00 -27.13
N LEU A 583 -11.38 17.05 -26.36
CA LEU A 583 -11.86 18.36 -25.91
C LEU A 583 -11.05 18.84 -24.72
N ARG A 584 -11.16 18.14 -23.60
CA ARG A 584 -10.48 18.50 -22.39
C ARG A 584 -9.31 17.56 -22.22
N PRO A 585 -8.11 18.07 -21.96
CA PRO A 585 -7.01 17.17 -21.56
C PRO A 585 -7.33 16.54 -20.22
N ASP A 586 -6.97 15.27 -20.09
CA ASP A 586 -7.32 14.51 -18.91
C ASP A 586 -6.50 14.97 -17.72
N ARG A 587 -7.04 14.75 -16.52
CA ARG A 587 -6.31 15.00 -15.30
C ARG A 587 -5.16 14.00 -15.23
N GLU A 588 -3.94 14.52 -15.10
CA GLU A 588 -2.73 13.74 -15.38
C GLU A 588 -2.50 12.71 -14.29
N LEU A 589 -2.83 11.46 -14.58
CA LEU A 589 -2.47 10.32 -13.75
C LEU A 589 -1.32 9.62 -14.46
N SER A 590 -0.10 9.93 -14.02
CA SER A 590 1.09 9.33 -14.59
C SER A 590 2.08 9.08 -13.47
N ASN A 591 3.27 8.62 -13.85
CA ASN A 591 4.37 8.44 -12.92
C ASN A 591 4.86 9.76 -12.31
N ARG A 592 4.86 10.84 -13.10
CA ARG A 592 5.34 12.14 -12.62
C ARG A 592 4.39 12.74 -11.60
N SER A 593 3.09 12.54 -11.77
CA SER A 593 2.12 13.06 -10.80
C SER A 593 2.15 12.27 -9.50
N VAL A 594 2.34 10.96 -9.57
CA VAL A 594 2.41 10.14 -8.36
C VAL A 594 3.69 10.43 -7.61
N TYR A 595 4.80 10.61 -8.32
CA TYR A 595 6.05 11.01 -7.66
C TYR A 595 6.02 12.47 -7.21
N GLY A 596 5.14 13.30 -7.78
CA GLY A 596 5.14 14.71 -7.48
C GLY A 596 4.25 15.12 -6.33
N MET A 597 3.34 14.26 -5.89
CA MET A 597 2.48 14.62 -4.77
C MET A 597 3.16 14.44 -3.43
N PHE A 598 4.35 13.85 -3.40
CA PHE A 598 5.15 13.77 -2.19
C PHE A 598 6.30 14.75 -2.33
N PRO A 599 6.27 15.89 -1.65
CA PRO A 599 7.26 16.95 -1.92
C PRO A 599 8.60 16.68 -1.23
N PHE A 600 9.43 15.87 -1.87
CA PHE A 600 10.72 15.52 -1.28
C PHE A 600 11.80 15.57 -2.36
N TRP A 601 11.84 16.64 -3.14
CA TRP A 601 12.94 16.83 -4.07
C TRP A 601 14.17 17.44 -3.41
N TYR A 602 14.08 17.88 -2.16
CA TYR A 602 15.17 18.60 -1.52
C TYR A 602 15.99 17.73 -0.57
N GLY A 603 15.38 16.76 0.09
CA GLY A 603 16.12 15.92 1.03
C GLY A 603 16.41 16.68 2.31
N HIS A 604 17.70 16.69 2.70
CA HIS A 604 18.33 17.64 3.60
C HIS A 604 17.84 17.54 5.05
N TYR A 605 18.48 18.26 5.97
CA TYR A 605 18.03 18.31 7.35
C TYR A 605 16.78 19.18 7.46
N PRO A 606 15.82 18.81 8.30
CA PRO A 606 14.66 19.68 8.53
C PRO A 606 15.02 20.86 9.43
N TYR A 607 14.04 21.75 9.59
CA TYR A 607 14.24 23.00 10.34
C TYR A 607 14.40 22.72 11.83
N GLN A 608 13.79 21.65 12.32
CA GLN A 608 13.72 21.41 13.76
C GLN A 608 15.05 20.92 14.32
N VAL A 609 15.78 20.10 13.57
CA VAL A 609 17.01 19.47 14.04
C VAL A 609 18.22 19.90 13.22
N ALA A 610 18.14 21.06 12.58
CA ALA A 610 19.24 21.53 11.75
C ALA A 610 20.43 21.96 12.61
N GLU A 611 21.62 21.79 12.05
CA GLU A 611 22.87 22.11 12.74
C GLU A 611 23.48 23.33 12.09
N TYR A 612 23.45 24.46 12.79
CA TYR A 612 23.98 25.73 12.28
C TYR A 612 25.39 25.92 12.81
N ASP A 613 26.35 25.26 12.16
CA ASP A 613 27.74 25.44 12.52
C ASP A 613 28.30 26.77 12.04
N GLN A 614 27.81 27.26 10.90
CA GLN A 614 28.31 28.51 10.33
C GLN A 614 27.78 29.70 11.13
N CYS A 615 28.68 30.63 11.44
CA CYS A 615 28.32 31.85 12.17
C CYS A 615 27.52 32.80 11.29
N THR A 651 33.53 21.24 1.18
CA THR A 651 32.60 20.20 1.62
C THR A 651 33.35 19.07 2.32
N ASP A 652 32.61 18.27 3.09
CA ASP A 652 33.19 17.18 3.85
C ASP A 652 32.16 16.06 3.95
N LEU A 653 32.45 15.05 4.76
CA LEU A 653 31.57 13.89 4.88
C LEU A 653 30.28 14.25 5.62
N PHE A 654 30.36 15.19 6.57
CA PHE A 654 29.17 15.68 7.26
C PHE A 654 28.23 16.38 6.29
N SER A 655 28.77 17.17 5.37
CA SER A 655 27.94 17.79 4.33
C SER A 655 27.43 16.74 3.35
N PHE A 656 28.19 15.67 3.12
CA PHE A 656 27.75 14.59 2.24
C PHE A 656 26.54 13.86 2.82
N PHE A 657 26.53 13.67 4.15
CA PHE A 657 25.36 13.07 4.78
C PHE A 657 24.26 14.08 5.04
N ARG A 658 24.59 15.37 5.10
CA ARG A 658 23.57 16.40 5.28
C ARG A 658 22.78 16.62 3.99
N ASP A 659 23.46 16.55 2.84
CA ASP A 659 22.78 16.75 1.56
C ASP A 659 21.82 15.61 1.23
N VAL A 660 22.10 14.40 1.73
CA VAL A 660 21.21 13.28 1.49
C VAL A 660 20.19 13.10 2.62
N GLY A 661 20.34 13.83 3.72
CA GLY A 661 19.34 13.82 4.77
C GLY A 661 19.57 12.78 5.85
N LEU A 662 20.82 12.55 6.22
CA LEU A 662 21.17 11.58 7.24
C LEU A 662 21.94 12.25 8.37
N LYS A 663 21.47 12.03 9.59
CA LYS A 663 22.24 12.40 10.77
C LYS A 663 23.42 11.47 10.94
N ILE A 664 24.60 12.04 11.15
CA ILE A 664 25.83 11.31 11.40
C ILE A 664 26.36 11.70 12.78
N LEU A 665 26.81 10.70 13.54
CA LEU A 665 27.50 10.93 14.80
C LEU A 665 28.80 10.14 14.72
N SER A 666 29.92 10.85 14.83
CA SER A 666 31.22 10.20 14.70
C SER A 666 32.26 10.99 15.47
N ASN A 667 33.36 10.31 15.79
CA ASN A 667 34.54 10.96 16.34
C ASN A 667 35.68 11.01 15.34
N ALA A 668 35.49 10.47 14.14
CA ALA A 668 36.48 10.59 13.08
C ALA A 668 36.43 12.00 12.49
N LYS A 669 37.48 12.34 11.74
CA LYS A 669 37.64 13.69 11.21
C LYS A 669 36.73 13.88 10.01
N ILE A 670 35.44 14.08 10.29
CA ILE A 670 34.42 14.26 9.26
C ILE A 670 33.93 15.70 9.19
N LYS A 671 34.35 16.56 10.10
CA LYS A 671 33.88 17.93 10.16
C LYS A 671 35.01 18.87 9.77
N LYS A 672 34.73 19.74 8.81
CA LYS A 672 35.65 20.82 8.51
C LYS A 672 35.65 21.82 9.66
N PRO A 673 36.82 22.32 10.07
CA PRO A 673 36.86 23.40 11.06
C PRO A 673 36.20 24.67 10.52
N VAL A 674 35.41 25.31 11.37
CA VAL A 674 34.50 26.37 10.92
C VAL A 674 35.28 27.66 10.70
N ASP A 675 35.00 28.31 9.57
CA ASP A 675 35.60 29.59 9.21
C ASP A 675 34.49 30.62 9.04
N CYS A 676 34.71 31.82 9.56
CA CYS A 676 33.74 32.90 9.47
C CYS A 676 34.18 33.87 8.38
N SER A 677 33.29 34.11 7.42
CA SER A 677 33.60 35.00 6.30
C SER A 677 32.33 35.66 5.78
N ASP A 708 -24.41 -9.58 -44.78
CA ASP A 708 -23.71 -9.57 -43.50
C ASP A 708 -23.82 -8.21 -42.81
N SER A 709 -25.04 -7.85 -42.45
CA SER A 709 -25.28 -6.57 -41.80
C SER A 709 -24.79 -6.60 -40.35
N GLN A 710 -24.34 -5.45 -39.87
CA GLN A 710 -23.85 -5.29 -38.50
C GLN A 710 -24.57 -4.10 -37.89
N VAL A 711 -25.48 -4.36 -36.96
CA VAL A 711 -26.23 -3.31 -36.29
C VAL A 711 -25.32 -2.68 -35.25
N ARG A 712 -25.21 -1.35 -35.26
CA ARG A 712 -24.17 -0.66 -34.49
C ARG A 712 -24.78 0.40 -33.58
N GLN A 713 -25.20 -0.02 -32.39
CA GLN A 713 -25.37 0.87 -31.26
C GLN A 713 -24.37 0.44 -30.19
N TYR A 714 -23.89 1.40 -29.40
CA TYR A 714 -22.61 1.14 -28.75
C TYR A 714 -22.50 1.91 -27.45
N PHE A 715 -21.26 1.94 -26.93
CA PHE A 715 -20.93 2.55 -25.65
C PHE A 715 -19.77 3.49 -25.93
N PRO A 716 -20.03 4.65 -26.56
CA PRO A 716 -18.94 5.49 -27.07
C PRO A 716 -18.20 6.28 -25.99
N GLU A 717 -18.63 6.19 -24.74
CA GLU A 717 -18.01 6.83 -23.61
C GLU A 717 -16.98 5.85 -23.03
N THR A 718 -16.67 5.96 -21.73
CA THR A 718 -15.82 5.00 -21.04
C THR A 718 -16.29 3.56 -21.21
N TRP A 719 -15.34 2.69 -21.54
CA TRP A 719 -15.61 1.31 -21.94
C TRP A 719 -15.39 0.33 -20.81
N LEU A 720 -14.28 0.44 -20.08
CA LEU A 720 -13.95 -0.49 -19.02
C LEU A 720 -13.68 0.27 -17.73
N TRP A 721 -14.44 -0.04 -16.69
CA TRP A 721 -14.22 0.50 -15.35
C TRP A 721 -14.37 -0.63 -14.33
N ASP A 722 -13.72 -1.75 -14.58
CA ASP A 722 -13.88 -2.92 -13.74
C ASP A 722 -12.61 -3.10 -12.92
N LEU A 723 -12.75 -3.75 -11.77
CA LEU A 723 -11.63 -4.08 -10.89
C LEU A 723 -11.25 -5.53 -11.07
N PHE A 724 -9.96 -5.80 -11.14
CA PHE A 724 -9.46 -7.16 -11.36
C PHE A 724 -8.41 -7.48 -10.31
N PRO A 725 -8.67 -8.43 -9.42
CA PRO A 725 -7.62 -8.87 -8.49
C PRO A 725 -6.66 -9.82 -9.20
N ILE A 726 -5.37 -9.49 -9.13
CA ILE A 726 -4.36 -10.29 -9.83
C ILE A 726 -4.06 -11.53 -9.01
N GLY A 727 -4.14 -12.69 -9.64
CA GLY A 727 -3.90 -13.95 -8.98
C GLY A 727 -2.42 -14.24 -8.81
N ASN A 728 -2.14 -15.48 -8.40
CA ASN A 728 -0.78 -15.88 -8.08
C ASN A 728 0.14 -16.05 -9.29
N SER A 729 -0.42 -16.13 -10.49
CA SER A 729 0.41 -16.30 -11.69
C SER A 729 1.12 -15.02 -12.10
N GLY A 730 0.66 -13.86 -11.63
CA GLY A 730 1.21 -12.58 -12.00
C GLY A 730 0.51 -11.94 -13.17
N LYS A 731 0.07 -12.75 -14.12
CA LYS A 731 -0.60 -12.28 -15.32
C LYS A 731 -2.08 -12.65 -15.27
N GLU A 732 -2.90 -11.83 -15.91
CA GLU A 732 -4.33 -12.13 -15.93
C GLU A 732 -4.98 -11.57 -17.17
N ALA A 733 -5.75 -12.42 -17.85
CA ALA A 733 -6.38 -12.07 -19.11
C ALA A 733 -7.88 -11.90 -18.92
N VAL A 734 -8.47 -11.07 -19.77
CA VAL A 734 -9.92 -10.94 -19.88
C VAL A 734 -10.25 -10.54 -21.31
N HIS A 735 -11.30 -11.13 -21.87
CA HIS A 735 -11.71 -10.80 -23.22
C HIS A 735 -12.82 -9.77 -23.17
N VAL A 736 -12.63 -8.67 -23.87
CA VAL A 736 -13.53 -7.53 -23.82
C VAL A 736 -14.11 -7.30 -25.22
N THR A 737 -15.39 -6.95 -25.28
CA THR A 737 -16.07 -6.73 -26.54
C THR A 737 -15.95 -5.26 -26.92
N VAL A 738 -15.44 -5.00 -28.11
CA VAL A 738 -15.16 -3.64 -28.55
C VAL A 738 -16.48 -2.94 -28.88
N PRO A 739 -16.70 -1.71 -28.42
CA PRO A 739 -17.89 -0.97 -28.84
C PRO A 739 -17.78 -0.55 -30.29
N ASP A 740 -18.94 -0.28 -30.88
CA ASP A 740 -19.08 -0.12 -32.32
C ASP A 740 -18.71 1.26 -32.83
N ALA A 741 -18.16 2.14 -31.98
CA ALA A 741 -17.67 3.43 -32.44
C ALA A 741 -16.29 3.25 -33.04
N ILE A 742 -16.12 3.65 -34.30
CA ILE A 742 -14.84 3.49 -34.97
C ILE A 742 -13.96 4.63 -34.51
N THR A 743 -13.21 4.39 -33.44
CA THR A 743 -12.25 5.33 -32.86
C THR A 743 -11.04 4.55 -32.39
N GLU A 744 -10.21 5.21 -31.60
CA GLU A 744 -9.13 4.57 -30.87
C GLU A 744 -9.48 4.60 -29.38
N TRP A 745 -9.32 3.46 -28.73
CA TRP A 745 -9.58 3.35 -27.30
C TRP A 745 -8.25 3.39 -26.57
N LYS A 746 -8.04 4.43 -25.77
CA LYS A 746 -6.86 4.54 -24.94
C LYS A 746 -7.17 3.92 -23.58
N ALA A 747 -6.36 2.95 -23.18
CA ALA A 747 -6.57 2.24 -21.95
C ALA A 747 -5.34 2.35 -21.07
N MET A 748 -5.58 2.31 -19.77
CA MET A 748 -4.54 2.44 -18.77
C MET A 748 -4.97 1.66 -17.55
N SER A 749 -4.01 1.37 -16.68
CA SER A 749 -4.33 0.60 -15.48
C SER A 749 -3.32 0.94 -14.41
N PHE A 750 -3.80 1.10 -13.18
CA PHE A 750 -2.92 1.15 -12.03
C PHE A 750 -3.26 -0.04 -11.14
N CYS A 751 -2.24 -0.80 -10.79
CA CYS A 751 -2.43 -1.93 -9.90
C CYS A 751 -1.83 -1.55 -8.55
N THR A 752 -2.44 -2.03 -7.47
CA THR A 752 -1.94 -1.72 -6.15
C THR A 752 -1.94 -2.98 -5.31
N SER A 753 -0.97 -3.06 -4.41
CA SER A 753 -0.79 -4.24 -3.59
C SER A 753 -0.04 -3.84 -2.33
N GLN A 754 -0.46 -4.41 -1.20
CA GLN A 754 0.28 -4.22 0.04
C GLN A 754 1.57 -5.02 0.07
N SER A 755 1.73 -5.99 -0.82
CA SER A 755 2.96 -6.77 -0.88
C SER A 755 4.09 -5.97 -1.52
N ARG A 756 3.91 -5.58 -2.77
CA ARG A 756 4.97 -4.91 -3.52
C ARG A 756 4.79 -3.39 -3.50
N GLY A 757 3.65 -2.91 -3.95
CA GLY A 757 3.40 -1.48 -3.90
C GLY A 757 2.42 -1.07 -4.98
N PHE A 758 2.60 0.15 -5.45
CA PHE A 758 1.79 0.77 -6.48
C PHE A 758 2.50 0.69 -7.82
N GLY A 759 1.77 0.34 -8.87
CA GLY A 759 2.35 0.27 -10.19
C GLY A 759 1.37 0.81 -11.21
N LEU A 760 1.91 1.37 -12.29
CA LEU A 760 1.12 2.11 -13.25
C LEU A 760 1.55 1.73 -14.66
N SER A 761 0.62 1.21 -15.44
CA SER A 761 0.91 0.88 -16.82
C SER A 761 0.98 2.15 -17.67
N PRO A 762 1.83 2.17 -18.69
CA PRO A 762 1.67 3.18 -19.74
C PRO A 762 0.39 2.92 -20.51
N THR A 763 -0.22 3.99 -21.00
CA THR A 763 -1.47 3.85 -21.74
C THR A 763 -1.21 3.27 -23.12
N VAL A 764 -2.14 2.44 -23.58
CA VAL A 764 -2.04 1.76 -24.85
C VAL A 764 -3.31 2.06 -25.65
N GLY A 765 -3.30 1.64 -26.91
CA GLY A 765 -4.42 1.95 -27.76
C GLY A 765 -4.92 0.79 -28.58
N LEU A 766 -6.22 0.60 -28.59
CA LEU A 766 -6.88 -0.38 -29.46
C LEU A 766 -7.59 0.42 -30.55
N THR A 767 -7.13 0.28 -31.79
CA THR A 767 -7.72 1.02 -32.90
C THR A 767 -8.87 0.18 -33.45
N ALA A 768 -10.08 0.48 -33.01
CA ALA A 768 -11.26 -0.13 -33.62
C ALA A 768 -11.46 0.49 -34.99
N PHE A 769 -11.37 -0.33 -36.03
CA PHE A 769 -11.42 0.17 -37.38
C PHE A 769 -12.18 -0.79 -38.28
N LYS A 770 -12.97 -0.22 -39.18
CA LYS A 770 -13.72 -0.88 -40.21
C LYS A 770 -13.32 -0.31 -41.55
N PRO A 771 -13.23 -1.11 -42.62
CA PRO A 771 -12.82 -0.54 -43.92
C PRO A 771 -13.88 0.35 -44.57
N PHE A 772 -15.13 -0.07 -44.59
CA PHE A 772 -16.23 0.72 -45.16
C PHE A 772 -17.26 0.94 -44.08
N PHE A 773 -17.63 2.19 -43.85
CA PHE A 773 -18.60 2.50 -42.80
C PHE A 773 -19.27 3.83 -43.09
N VAL A 774 -20.12 4.29 -42.16
CA VAL A 774 -20.76 5.59 -42.22
C VAL A 774 -20.46 6.34 -40.93
N ASP A 775 -20.76 7.64 -40.95
CA ASP A 775 -20.63 8.46 -39.76
C ASP A 775 -21.67 9.57 -39.85
N LEU A 776 -22.67 9.54 -38.97
CA LEU A 776 -23.57 10.67 -38.83
C LEU A 776 -22.90 11.73 -37.98
N THR A 777 -23.07 12.99 -38.38
CA THR A 777 -22.78 14.11 -37.49
C THR A 777 -23.99 15.03 -37.45
N LEU A 778 -24.22 15.55 -36.25
CA LEU A 778 -25.45 16.17 -35.79
C LEU A 778 -25.15 16.78 -34.43
N PRO A 779 -25.69 17.94 -34.09
CA PRO A 779 -25.33 18.58 -32.82
C PRO A 779 -26.06 17.94 -31.65
N TYR A 780 -25.58 18.26 -30.45
CA TYR A 780 -26.23 17.78 -29.23
C TYR A 780 -27.36 18.70 -28.80
N SER A 781 -27.10 20.00 -28.72
CA SER A 781 -28.09 20.99 -28.32
C SER A 781 -29.01 21.22 -29.52
N VAL A 782 -30.11 20.47 -29.54
CA VAL A 782 -31.12 20.56 -30.60
C VAL A 782 -32.43 20.99 -29.95
N VAL A 783 -33.03 22.05 -30.46
CA VAL A 783 -34.36 22.44 -30.02
C VAL A 783 -35.37 21.90 -31.02
N ARG A 784 -36.62 21.80 -30.58
CA ARG A 784 -37.69 21.31 -31.44
C ARG A 784 -38.07 22.39 -32.45
N GLY A 785 -38.59 21.94 -33.59
CA GLY A 785 -39.07 22.86 -34.60
C GLY A 785 -38.04 23.23 -35.65
N GLU A 786 -36.79 23.39 -35.24
CA GLU A 786 -35.72 23.72 -36.17
C GLU A 786 -35.37 22.52 -37.04
N SER A 787 -34.84 22.81 -38.22
CA SER A 787 -34.36 21.79 -39.15
C SER A 787 -32.84 21.80 -39.07
N PHE A 788 -32.27 20.80 -38.41
CA PHE A 788 -30.83 20.75 -38.21
C PHE A 788 -30.16 19.98 -39.34
N ARG A 789 -28.86 20.24 -39.51
CA ARG A 789 -28.05 19.63 -40.56
C ARG A 789 -27.58 18.26 -40.10
N LEU A 790 -28.25 17.22 -40.58
CA LEU A 790 -27.79 15.84 -40.39
C LEU A 790 -26.88 15.52 -41.58
N THR A 791 -25.58 15.37 -41.31
CA THR A 791 -24.62 15.11 -42.38
C THR A 791 -24.07 13.71 -42.23
N ALA A 792 -24.30 12.86 -43.23
CA ALA A 792 -23.87 11.48 -43.20
C ALA A 792 -22.67 11.32 -44.12
N THR A 793 -21.50 11.10 -43.54
CA THR A 793 -20.26 10.93 -44.30
C THR A 793 -19.98 9.44 -44.40
N ILE A 794 -20.08 8.90 -45.61
CA ILE A 794 -19.87 7.48 -45.89
C ILE A 794 -18.44 7.30 -46.34
N PHE A 795 -17.69 6.46 -45.63
CA PHE A 795 -16.27 6.27 -45.87
C PHE A 795 -16.02 4.94 -46.55
N ASN A 796 -15.25 4.96 -47.63
CA ASN A 796 -14.69 3.78 -48.26
C ASN A 796 -13.18 3.88 -48.21
N TYR A 797 -12.55 2.91 -47.54
CA TYR A 797 -11.10 2.81 -47.45
C TYR A 797 -10.57 1.54 -48.09
N LEU A 798 -11.44 0.78 -48.76
CA LEU A 798 -11.00 -0.34 -49.59
C LEU A 798 -10.28 0.19 -50.82
N LYS A 799 -9.39 -0.64 -51.37
CA LYS A 799 -8.56 -0.19 -52.49
C LYS A 799 -9.30 -0.15 -53.82
N ASP A 800 -10.46 -0.80 -53.93
CA ASP A 800 -11.22 -0.84 -55.17
C ASP A 800 -12.38 0.14 -55.11
N CYS A 801 -12.75 0.67 -56.28
CA CYS A 801 -13.93 1.54 -56.36
C CYS A 801 -15.20 0.72 -56.18
N ILE A 802 -16.12 1.24 -55.37
CA ILE A 802 -17.34 0.52 -55.04
C ILE A 802 -18.56 1.41 -55.29
N ARG A 803 -19.72 0.74 -55.32
CA ARG A 803 -21.03 1.38 -55.38
C ARG A 803 -21.70 1.20 -54.03
N VAL A 804 -22.26 2.27 -53.50
CA VAL A 804 -22.95 2.21 -52.22
C VAL A 804 -24.40 2.61 -52.39
N GLN A 805 -25.25 2.02 -51.56
CA GLN A 805 -26.66 2.38 -51.45
C GLN A 805 -26.90 2.84 -50.02
N THR A 806 -27.47 4.04 -49.89
CA THR A 806 -27.68 4.70 -48.61
C THR A 806 -29.17 4.93 -48.41
N ASP A 807 -29.66 4.61 -47.22
CA ASP A 807 -31.03 4.99 -46.85
C ASP A 807 -31.17 5.29 -45.37
N LEU A 808 -31.89 6.36 -45.06
CA LEU A 808 -32.35 6.63 -43.71
C LEU A 808 -33.68 5.92 -43.51
N ALA A 809 -33.79 5.14 -42.44
CA ALA A 809 -35.03 4.41 -42.17
C ALA A 809 -36.04 5.40 -41.59
N LYS A 810 -37.10 5.66 -42.33
CA LYS A 810 -38.09 6.66 -41.97
C LYS A 810 -38.98 6.13 -40.85
N SER A 811 -39.08 6.87 -39.77
CA SER A 811 -39.98 6.56 -38.67
C SER A 811 -40.88 7.75 -38.41
N HIS A 812 -41.80 7.59 -37.46
CA HIS A 812 -42.79 8.62 -37.15
C HIS A 812 -42.32 9.54 -36.03
N GLU A 813 -41.01 9.74 -35.89
CA GLU A 813 -40.47 10.55 -34.81
C GLU A 813 -39.65 11.73 -35.29
N TYR A 814 -39.48 11.89 -36.59
CA TYR A 814 -38.76 13.04 -37.15
C TYR A 814 -39.28 13.28 -38.56
N GLN A 815 -39.22 14.55 -38.99
CA GLN A 815 -39.78 14.93 -40.28
C GLN A 815 -38.72 15.60 -41.15
N LEU A 816 -38.88 15.44 -42.46
CA LEU A 816 -37.96 15.98 -43.46
C LEU A 816 -38.69 16.02 -44.79
N GLU A 817 -38.18 16.86 -45.70
CA GLU A 817 -38.65 16.82 -47.09
C GLU A 817 -37.56 16.38 -48.06
N SER A 818 -36.42 15.89 -47.53
CA SER A 818 -35.66 14.75 -48.07
C SER A 818 -35.07 15.00 -49.47
N TRP A 819 -33.98 15.78 -49.51
CA TRP A 819 -33.12 15.70 -50.68
C TRP A 819 -32.51 14.30 -50.77
N ALA A 820 -32.75 13.63 -51.92
CA ALA A 820 -32.04 12.41 -52.35
C ALA A 820 -32.23 11.24 -51.38
N ASP A 821 -33.43 11.08 -50.85
CA ASP A 821 -33.76 9.96 -49.98
C ASP A 821 -34.32 8.82 -50.83
N SER A 822 -34.95 7.85 -50.15
CA SER A 822 -35.59 6.65 -50.71
C SER A 822 -34.58 5.79 -51.46
N GLN A 823 -33.57 5.32 -50.69
CA GLN A 823 -32.53 4.37 -51.11
C GLN A 823 -31.70 4.89 -52.27
N THR A 824 -30.96 5.96 -52.00
CA THR A 824 -30.10 6.55 -53.01
C THR A 824 -28.87 5.68 -53.26
N SER A 825 -28.26 5.87 -54.42
CA SER A 825 -27.09 5.10 -54.81
C SER A 825 -26.03 6.03 -55.36
N SER A 826 -24.76 5.70 -55.10
CA SER A 826 -23.66 6.52 -55.56
C SER A 826 -22.41 5.66 -55.74
N CYS A 827 -21.40 6.26 -56.35
CA CYS A 827 -20.12 5.61 -56.64
C CYS A 827 -19.01 6.34 -55.90
N LEU A 828 -18.08 5.58 -55.33
CA LEU A 828 -16.90 6.19 -54.73
C LEU A 828 -15.76 5.19 -54.84
N CYS A 829 -14.60 5.55 -54.31
CA CYS A 829 -13.41 4.74 -54.54
C CYS A 829 -12.51 4.81 -53.30
N ALA A 830 -11.22 4.52 -53.50
CA ALA A 830 -10.28 4.40 -52.40
C ALA A 830 -10.06 5.72 -51.69
N ASP A 831 -10.11 5.67 -50.35
CA ASP A 831 -9.97 6.80 -49.43
C ASP A 831 -10.97 7.91 -49.75
N ASP A 832 -12.23 7.53 -49.93
CA ASP A 832 -13.24 8.50 -50.34
C ASP A 832 -14.32 8.65 -49.28
N ALA A 833 -14.81 9.88 -49.16
CA ALA A 833 -15.83 10.24 -48.17
C ALA A 833 -16.97 10.94 -48.92
N LYS A 834 -18.06 10.20 -49.16
CA LYS A 834 -19.24 10.77 -49.81
C LYS A 834 -20.19 11.30 -48.75
N THR A 835 -20.43 12.60 -48.77
CA THR A 835 -21.18 13.27 -47.70
C THR A 835 -22.58 13.59 -48.21
N HIS A 836 -23.57 12.84 -47.73
CA HIS A 836 -24.97 13.17 -47.97
C HIS A 836 -25.44 14.14 -46.90
N HIS A 837 -26.40 14.97 -47.27
CA HIS A 837 -26.89 16.02 -46.39
C HIS A 837 -28.40 15.92 -46.25
N TRP A 838 -28.90 16.26 -45.06
CA TRP A 838 -30.32 16.42 -44.83
C TRP A 838 -30.50 17.53 -43.79
N ASN A 839 -31.68 18.15 -43.78
CA ASN A 839 -32.12 18.93 -42.63
C ASN A 839 -33.36 18.27 -42.08
N ILE A 840 -33.35 18.00 -40.77
CA ILE A 840 -34.41 17.25 -40.10
C ILE A 840 -35.06 18.13 -39.05
N THR A 841 -36.39 18.10 -38.99
CA THR A 841 -37.12 18.65 -37.86
C THR A 841 -37.74 17.51 -37.04
N ALA A 842 -37.82 17.71 -35.73
CA ALA A 842 -38.24 16.68 -34.80
C ALA A 842 -39.59 17.04 -34.19
N VAL A 843 -40.31 16.02 -33.74
CA VAL A 843 -41.64 16.21 -33.17
C VAL A 843 -41.71 15.73 -31.73
N LYS A 844 -40.83 14.81 -31.34
CA LYS A 844 -40.85 14.26 -29.99
C LYS A 844 -39.94 15.06 -29.09
N LEU A 845 -39.75 14.60 -27.86
CA LEU A 845 -38.85 15.23 -26.90
C LEU A 845 -37.85 14.21 -26.39
N GLY A 846 -36.81 14.70 -25.71
CA GLY A 846 -35.85 13.80 -25.11
C GLY A 846 -34.87 13.24 -26.14
N HIS A 847 -34.43 12.01 -25.89
CA HIS A 847 -33.47 11.36 -26.77
C HIS A 847 -34.21 10.55 -27.82
N ILE A 848 -33.91 10.82 -29.09
CA ILE A 848 -34.52 10.10 -30.20
C ILE A 848 -33.39 9.59 -31.10
N ASN A 849 -33.66 8.49 -31.80
CA ASN A 849 -32.63 7.75 -32.53
C ASN A 849 -32.75 8.02 -34.02
N PHE A 850 -31.60 8.32 -34.64
CA PHE A 850 -31.48 8.40 -36.09
C PHE A 850 -30.75 7.17 -36.58
N THR A 851 -31.37 6.41 -37.47
CA THR A 851 -30.80 5.18 -37.98
C THR A 851 -30.61 5.24 -39.49
N ILE A 852 -29.44 4.79 -39.93
CA ILE A 852 -29.04 4.84 -41.34
C ILE A 852 -28.49 3.47 -41.71
N SER A 853 -28.58 3.12 -43.00
CA SER A 853 -28.05 1.85 -43.48
C SER A 853 -27.41 2.06 -44.84
N THR A 854 -26.25 1.42 -45.04
CA THR A 854 -25.61 1.40 -46.35
C THR A 854 -25.22 -0.02 -46.71
N LYS A 855 -25.30 -0.31 -48.00
CA LYS A 855 -24.92 -1.60 -48.55
C LYS A 855 -23.99 -1.38 -49.73
N ILE A 856 -23.09 -2.32 -49.96
CA ILE A 856 -22.27 -2.35 -51.16
C ILE A 856 -22.98 -3.25 -52.15
N LEU A 857 -23.63 -2.64 -53.14
CA LEU A 857 -24.37 -3.40 -54.13
C LEU A 857 -23.41 -4.10 -55.09
N ASP A 858 -23.86 -5.23 -55.62
CA ASP A 858 -23.16 -5.83 -56.75
C ASP A 858 -23.37 -4.98 -57.98
N SER A 859 -22.27 -4.63 -58.65
CA SER A 859 -22.31 -3.62 -59.70
C SER A 859 -22.87 -4.23 -60.98
N ASN A 860 -24.11 -3.87 -61.32
CA ASN A 860 -24.67 -4.25 -62.61
C ASN A 860 -23.98 -3.50 -63.73
N GLU A 861 -23.64 -2.23 -63.49
CA GLU A 861 -22.89 -1.43 -64.43
C GLU A 861 -21.56 -1.00 -63.81
N PRO A 862 -20.51 -0.86 -64.62
CA PRO A 862 -19.25 -0.35 -64.07
C PRO A 862 -19.29 1.15 -63.88
N CYS A 863 -18.58 1.60 -62.85
CA CYS A 863 -18.41 3.03 -62.61
C CYS A 863 -17.05 3.24 -61.96
N GLY A 864 -16.50 4.43 -62.15
CA GLY A 864 -15.14 4.71 -61.73
C GLY A 864 -14.12 3.92 -62.52
N GLY A 865 -14.35 3.73 -63.82
CA GLY A 865 -13.49 2.92 -64.63
C GLY A 865 -13.97 1.49 -64.76
N GLN A 866 -13.40 0.60 -63.95
CA GLN A 866 -13.71 -0.82 -64.02
C GLN A 866 -15.01 -1.13 -63.27
N LYS A 867 -15.38 -2.40 -63.26
CA LYS A 867 -16.53 -2.85 -62.48
C LYS A 867 -16.19 -2.85 -61.00
N GLY A 868 -17.16 -2.43 -60.18
CA GLY A 868 -16.95 -2.44 -58.74
C GLY A 868 -16.95 -3.83 -58.17
N PHE A 869 -16.14 -4.03 -57.14
CA PHE A 869 -15.95 -5.33 -56.53
C PHE A 869 -16.42 -5.30 -55.09
N VAL A 870 -17.25 -6.28 -54.72
CA VAL A 870 -17.79 -6.38 -53.37
C VAL A 870 -16.84 -7.23 -52.52
N PRO A 871 -16.53 -6.79 -51.29
CA PRO A 871 -15.80 -7.66 -50.37
C PRO A 871 -16.70 -8.77 -49.85
N GLN A 872 -16.06 -9.84 -49.38
CA GLN A 872 -16.82 -10.95 -48.80
C GLN A 872 -17.35 -10.63 -47.42
N LYS A 873 -16.60 -9.87 -46.62
CA LYS A 873 -17.00 -9.50 -45.27
C LYS A 873 -17.19 -8.00 -45.16
N GLY A 874 -18.11 -7.61 -44.29
CA GLY A 874 -18.42 -6.19 -44.09
C GLY A 874 -19.07 -5.52 -45.28
N ARG A 875 -20.04 -6.20 -45.91
CA ARG A 875 -20.71 -5.62 -47.06
C ARG A 875 -21.70 -4.54 -46.66
N SER A 876 -22.39 -4.71 -45.55
CA SER A 876 -23.38 -3.75 -45.08
C SER A 876 -22.92 -3.10 -43.78
N ASP A 877 -23.44 -1.90 -43.53
CA ASP A 877 -23.10 -1.17 -42.32
C ASP A 877 -24.26 -0.25 -41.95
N THR A 878 -24.81 -0.44 -40.77
CA THR A 878 -25.88 0.42 -40.27
C THR A 878 -25.38 1.21 -39.06
N LEU A 879 -26.15 2.21 -38.67
CA LEU A 879 -25.75 3.08 -37.56
C LEU A 879 -26.98 3.66 -36.89
N ILE A 880 -26.99 3.61 -35.56
CA ILE A 880 -28.06 4.18 -34.74
C ILE A 880 -27.42 5.20 -33.80
N LYS A 881 -27.86 6.45 -33.89
CA LYS A 881 -27.25 7.54 -33.15
C LYS A 881 -28.32 8.32 -32.39
N PRO A 882 -28.17 8.51 -31.09
CA PRO A 882 -29.15 9.29 -30.35
C PRO A 882 -28.88 10.78 -30.41
N VAL A 883 -29.94 11.55 -30.19
CA VAL A 883 -29.85 13.00 -30.16
C VAL A 883 -30.87 13.51 -29.13
N LEU A 884 -30.51 14.60 -28.45
CA LEU A 884 -31.36 15.21 -27.44
C LEU A 884 -32.09 16.40 -28.04
N VAL A 885 -33.42 16.35 -28.04
CA VAL A 885 -34.26 17.43 -28.52
C VAL A 885 -35.06 17.99 -27.35
N LYS A 886 -35.05 19.33 -27.23
CA LYS A 886 -35.53 20.24 -26.20
C LYS A 886 -36.76 20.99 -26.69
N PRO A 887 -37.62 21.51 -25.80
CA PRO A 887 -38.82 22.23 -26.27
C PRO A 887 -38.47 23.59 -26.86
N GLU A 888 -39.44 24.13 -27.60
CA GLU A 888 -39.29 25.39 -28.30
C GLU A 888 -39.41 26.57 -27.35
N GLY A 889 -39.25 27.77 -27.88
CA GLY A 889 -39.44 28.98 -27.10
C GLY A 889 -38.27 29.28 -26.18
N VAL A 890 -38.48 30.31 -25.36
CA VAL A 890 -37.47 30.76 -24.41
C VAL A 890 -37.84 30.23 -23.03
N LEU A 891 -36.83 29.87 -22.25
CA LEU A 891 -37.04 29.29 -20.92
C LEU A 891 -37.16 30.39 -19.88
N VAL A 892 -37.95 30.11 -18.85
CA VAL A 892 -38.14 31.02 -17.73
C VAL A 892 -38.49 30.19 -16.50
N GLU A 893 -37.99 30.61 -15.35
CA GLU A 893 -38.13 29.89 -14.10
C GLU A 893 -38.91 30.73 -13.09
N LYS A 894 -39.83 30.08 -12.39
CA LYS A 894 -40.53 30.66 -11.25
C LYS A 894 -40.09 29.89 -10.01
N THR A 895 -39.50 30.60 -9.06
CA THR A 895 -38.95 30.00 -7.86
C THR A 895 -39.66 30.55 -6.63
N HIS A 896 -39.77 29.71 -5.60
CA HIS A 896 -40.32 30.17 -4.33
C HIS A 896 -39.63 29.45 -3.20
N SER A 897 -39.16 30.21 -2.21
CA SER A 897 -38.40 29.68 -1.09
C SER A 897 -39.16 29.86 0.21
N SER A 898 -38.99 28.90 1.11
CA SER A 898 -39.56 28.98 2.45
C SER A 898 -38.54 28.48 3.45
N LEU A 899 -38.53 29.08 4.63
CA LEU A 899 -37.69 28.65 5.75
C LEU A 899 -38.62 28.08 6.82
N LEU A 900 -38.81 26.77 6.79
CA LEU A 900 -39.72 26.10 7.71
C LEU A 900 -38.94 25.70 8.94
N CYS A 901 -39.22 26.36 10.08
CA CYS A 901 -38.51 26.07 11.32
C CYS A 901 -39.49 25.73 12.43
N PRO A 902 -39.83 24.46 12.60
CA PRO A 902 -40.54 24.05 13.83
C PRO A 902 -39.55 23.81 14.97
N LYS A 903 -39.96 24.19 16.17
CA LYS A 903 -39.16 24.01 17.37
C LYS A 903 -39.84 22.94 18.22
N GLY A 904 -39.48 21.68 17.97
CA GLY A 904 -40.09 20.55 18.64
C GLY A 904 -41.55 20.36 18.28
N LYS A 905 -41.90 20.61 17.03
CA LYS A 905 -43.31 20.66 16.65
C LYS A 905 -43.43 20.41 15.15
N VAL A 906 -44.59 20.73 14.58
CA VAL A 906 -44.86 20.62 13.16
C VAL A 906 -45.13 22.02 12.63
N ALA A 907 -44.38 22.41 11.59
CA ALA A 907 -44.60 23.67 10.90
C ALA A 907 -44.91 23.36 9.43
N SER A 908 -45.98 23.96 8.92
CA SER A 908 -46.46 23.67 7.58
C SER A 908 -46.55 24.96 6.77
N GLU A 909 -46.44 24.81 5.45
CA GLU A 909 -46.57 25.93 4.54
C GLU A 909 -47.21 25.42 3.26
N SER A 910 -48.18 26.16 2.75
CA SER A 910 -48.82 25.86 1.49
C SER A 910 -48.15 26.70 0.40
N VAL A 911 -47.53 26.03 -0.57
CA VAL A 911 -46.84 26.70 -1.65
C VAL A 911 -47.70 26.64 -2.91
N SER A 912 -47.85 27.77 -3.57
CA SER A 912 -48.67 27.89 -4.77
C SER A 912 -47.80 28.46 -5.89
N LEU A 913 -47.64 27.70 -6.96
CA LEU A 913 -46.81 28.10 -8.08
C LEU A 913 -47.58 27.81 -9.36
N GLU A 914 -47.70 28.82 -10.21
CA GLU A 914 -48.58 28.76 -11.38
C GLU A 914 -47.79 29.07 -12.64
N LEU A 915 -48.52 29.16 -13.76
CA LEU A 915 -47.94 29.31 -15.08
C LEU A 915 -48.92 30.00 -16.01
N PRO A 916 -48.44 30.90 -16.87
CA PRO A 916 -49.31 31.42 -17.94
C PRO A 916 -49.62 30.34 -18.96
N VAL A 917 -50.80 30.41 -19.54
CA VAL A 917 -51.25 29.38 -20.49
C VAL A 917 -50.76 29.83 -21.86
N ASP A 918 -49.49 29.52 -22.15
CA ASP A 918 -48.92 29.64 -23.49
C ASP A 918 -47.88 28.56 -23.74
N ILE A 919 -48.02 27.40 -23.10
CA ILE A 919 -46.93 26.43 -23.00
C ILE A 919 -47.16 25.30 -23.99
N VAL A 920 -46.09 24.92 -24.69
CA VAL A 920 -46.06 23.72 -25.52
C VAL A 920 -46.13 22.51 -24.59
N PRO A 921 -46.72 21.38 -25.01
CA PRO A 921 -46.84 20.24 -24.09
C PRO A 921 -45.51 19.56 -23.82
N ASP A 922 -45.46 18.90 -22.66
CA ASP A 922 -44.28 18.23 -22.09
C ASP A 922 -43.09 19.19 -21.96
N SER A 923 -43.36 20.41 -21.52
CA SER A 923 -42.33 21.42 -21.32
C SER A 923 -42.18 21.88 -19.88
N THR A 924 -43.25 21.85 -19.09
CA THR A 924 -43.17 22.27 -17.70
C THR A 924 -42.50 21.19 -16.85
N LYS A 925 -41.51 21.61 -16.07
CA LYS A 925 -40.93 20.72 -15.07
C LYS A 925 -40.79 21.49 -13.77
N ALA A 926 -40.90 20.78 -12.66
CA ALA A 926 -40.81 21.41 -11.35
C ALA A 926 -40.13 20.46 -10.38
N TYR A 927 -39.25 21.00 -9.55
CA TYR A 927 -38.54 20.17 -8.60
C TYR A 927 -38.27 20.96 -7.33
N VAL A 928 -38.17 20.23 -6.22
CA VAL A 928 -38.01 20.82 -4.90
C VAL A 928 -36.67 20.41 -4.32
N THR A 929 -36.00 21.35 -3.66
CA THR A 929 -34.73 21.12 -3.00
C THR A 929 -34.88 21.40 -1.52
N VAL A 930 -34.38 20.50 -0.69
CA VAL A 930 -34.35 20.68 0.75
C VAL A 930 -32.91 20.78 1.21
N LEU A 931 -32.66 21.69 2.15
CA LEU A 931 -31.34 21.92 2.69
C LEU A 931 -31.47 22.15 4.19
N GLY A 932 -30.62 21.49 4.96
CA GLY A 932 -30.65 21.62 6.41
C GLY A 932 -29.61 22.54 7.00
N ASP A 933 -28.74 23.14 6.20
CA ASP A 933 -27.65 23.94 6.73
C ASP A 933 -27.73 25.35 6.17
N ILE A 934 -27.11 26.28 6.89
CA ILE A 934 -27.13 27.70 6.52
C ILE A 934 -26.30 27.96 5.26
N MET A 935 -25.19 27.25 5.09
CA MET A 935 -24.33 27.45 3.94
C MET A 935 -23.95 26.09 3.36
N GLY A 936 -23.42 26.12 2.14
CA GLY A 936 -23.15 24.91 1.39
C GLY A 936 -22.02 24.07 1.93
N THR A 937 -20.78 24.57 1.82
CA THR A 937 -19.61 23.84 2.31
C THR A 937 -18.70 24.77 3.11
N ALA A 938 -17.47 24.29 3.36
CA ALA A 938 -16.34 25.06 3.91
C ALA A 938 -16.61 25.57 5.32
N LEU A 939 -17.10 24.67 6.17
CA LEU A 939 -17.06 24.92 7.61
C LEU A 939 -15.65 24.72 8.16
N GLN A 940 -14.89 23.81 7.52
CA GLN A 940 -13.49 23.62 7.91
C GLN A 940 -12.61 24.78 7.45
N ASN A 941 -13.07 25.57 6.48
CA ASN A 941 -12.42 26.85 6.20
C ASN A 941 -12.55 27.80 7.39
N LEU A 942 -13.73 27.83 8.02
CA LEU A 942 -13.91 28.58 9.26
C LEU A 942 -13.11 27.98 10.40
N ASP A 943 -12.89 26.67 10.38
CA ASP A 943 -11.96 26.06 11.34
C ASP A 943 -10.53 26.51 11.09
N GLY A 944 -10.13 26.64 9.83
CA GLY A 944 -8.78 27.02 9.47
C GLY A 944 -8.50 28.51 9.48
N LEU A 945 -9.52 29.35 9.65
CA LEU A 945 -9.28 30.79 9.79
C LEU A 945 -8.55 31.18 11.07
N VAL A 946 -8.55 30.33 12.10
CA VAL A 946 -7.92 30.70 13.37
C VAL A 946 -6.40 30.57 13.33
N GLN A 947 -5.83 30.00 12.29
CA GLN A 947 -4.40 29.72 12.24
C GLN A 947 -3.66 30.92 11.64
N MET A 948 -2.35 30.74 11.42
CA MET A 948 -1.36 31.66 10.84
C MET A 948 -1.35 33.01 11.55
N PRO A 949 -0.74 33.12 12.74
CA PRO A 949 -0.56 34.43 13.35
C PRO A 949 0.54 35.23 12.65
N SER A 950 0.44 36.55 12.77
CA SER A 950 1.43 37.44 12.16
C SER A 950 1.55 38.70 13.00
N GLY A 951 2.63 39.45 12.76
CA GLY A 951 2.85 40.69 13.47
C GLY A 951 3.45 41.77 12.59
N CYS A 952 3.33 41.61 11.27
CA CYS A 952 3.90 42.52 10.30
C CYS A 952 2.81 43.18 9.48
N GLY A 953 2.97 44.48 9.21
CA GLY A 953 2.01 45.22 8.42
C GLY A 953 0.73 45.51 9.21
N GLU A 954 -0.29 45.94 8.46
CA GLU A 954 -1.61 46.20 9.02
C GLU A 954 -2.61 45.09 8.69
N GLN A 955 -2.16 43.99 8.10
CA GLN A 955 -3.01 42.82 7.92
C GLN A 955 -3.12 41.98 9.18
N ASN A 956 -2.30 42.27 10.21
CA ASN A 956 -2.34 41.52 11.45
C ASN A 956 -3.65 41.72 12.20
N MET A 957 -4.19 42.94 12.19
CA MET A 957 -5.46 43.19 12.89
C MET A 957 -6.64 42.56 12.16
N VAL A 958 -6.61 42.49 10.82
CA VAL A 958 -7.74 41.91 10.11
C VAL A 958 -7.60 40.39 10.05
N LEU A 959 -6.41 39.83 10.34
CA LEU A 959 -6.36 38.39 10.56
C LEU A 959 -6.63 38.00 12.00
N PHE A 960 -6.41 38.90 12.97
CA PHE A 960 -6.74 38.60 14.35
C PHE A 960 -8.17 38.95 14.74
N ALA A 961 -8.87 39.69 13.88
CA ALA A 961 -10.31 39.89 14.08
C ALA A 961 -11.20 38.63 13.99
N PRO A 962 -11.09 37.70 13.02
CA PRO A 962 -12.16 36.70 12.87
C PRO A 962 -12.23 35.60 13.92
N ILE A 963 -11.31 35.54 14.89
CA ILE A 963 -11.31 34.44 15.89
C ILE A 963 -12.51 34.52 16.81
N ILE A 964 -12.82 35.72 17.32
CA ILE A 964 -13.98 35.90 18.19
C ILE A 964 -15.28 35.67 17.42
N TYR A 965 -15.29 36.00 16.13
CA TYR A 965 -16.47 35.80 15.31
C TYR A 965 -16.70 34.33 14.97
N VAL A 966 -15.64 33.57 14.66
CA VAL A 966 -15.85 32.15 14.37
C VAL A 966 -16.15 31.36 15.65
N LEU A 967 -15.62 31.78 16.81
CA LEU A 967 -15.99 31.05 18.01
C LEU A 967 -17.33 31.49 18.58
N GLN A 968 -17.83 32.67 18.18
CA GLN A 968 -19.22 33.00 18.43
C GLN A 968 -20.14 32.22 17.48
N TYR A 969 -19.69 31.99 16.25
CA TYR A 969 -20.50 31.32 15.23
C TYR A 969 -20.59 29.83 15.47
N LEU A 970 -19.48 29.20 15.90
CA LEU A 970 -19.42 27.74 15.95
C LEU A 970 -20.20 27.18 17.14
N GLU A 971 -20.32 27.94 18.23
CA GLU A 971 -21.05 27.47 19.40
C GLU A 971 -22.55 27.49 19.18
N LYS A 972 -23.04 28.29 18.23
CA LYS A 972 -24.46 28.32 17.89
C LYS A 972 -24.80 27.39 16.73
N ALA A 973 -23.82 26.68 16.18
CA ALA A 973 -24.05 25.73 15.11
C ALA A 973 -24.06 24.28 15.58
N GLY A 974 -23.67 24.03 16.83
CA GLY A 974 -23.68 22.69 17.38
C GLY A 974 -22.45 21.85 17.07
N LEU A 975 -21.40 22.44 16.53
CA LEU A 975 -20.16 21.73 16.19
C LEU A 975 -18.95 22.40 16.83
N LEU A 976 -19.11 22.86 18.06
CA LEU A 976 -18.02 23.53 18.76
C LEU A 976 -17.06 22.51 19.36
N THR A 977 -15.77 22.79 19.23
CA THR A 977 -14.71 21.94 19.76
C THR A 977 -13.81 22.75 20.67
N GLU A 978 -13.42 22.17 21.81
CA GLU A 978 -12.69 22.91 22.83
C GLU A 978 -11.21 23.07 22.53
N GLU A 979 -10.63 22.18 21.72
CA GLU A 979 -9.20 22.28 21.44
C GLU A 979 -8.89 23.41 20.47
N ILE A 980 -9.74 23.63 19.47
CA ILE A 980 -9.57 24.80 18.61
C ILE A 980 -9.99 26.08 19.33
N ARG A 981 -10.90 25.96 20.31
CA ARG A 981 -11.24 27.07 21.21
C ARG A 981 -10.02 27.53 22.00
N SER A 982 -9.28 26.57 22.58
CA SER A 982 -8.07 26.90 23.35
C SER A 982 -6.92 27.37 22.46
N ARG A 983 -6.74 26.74 21.29
CA ARG A 983 -5.68 27.16 20.36
C ARG A 983 -5.97 28.53 19.76
N ALA A 984 -7.23 28.82 19.49
CA ALA A 984 -7.60 30.10 18.91
C ALA A 984 -7.49 31.23 19.93
N VAL A 985 -7.84 30.97 21.20
CA VAL A 985 -7.62 32.02 22.19
C VAL A 985 -6.16 32.14 22.61
N GLY A 986 -5.36 31.09 22.46
CA GLY A 986 -3.92 31.26 22.63
C GLY A 986 -3.31 32.11 21.53
N PHE A 987 -3.76 31.91 20.29
CA PHE A 987 -3.37 32.76 19.17
C PHE A 987 -3.85 34.19 19.35
N LEU A 988 -5.04 34.38 19.94
CA LEU A 988 -5.53 35.73 20.20
C LEU A 988 -4.79 36.39 21.35
N GLU A 989 -4.37 35.62 22.36
CA GLU A 989 -3.65 36.18 23.49
C GLU A 989 -2.22 36.55 23.12
N ILE A 990 -1.58 35.77 22.24
CA ILE A 990 -0.31 36.22 21.68
C ILE A 990 -0.51 37.23 20.57
N GLY A 991 -1.74 37.39 20.07
CA GLY A 991 -2.08 38.44 19.14
C GLY A 991 -2.44 39.77 19.74
N TYR A 992 -2.64 39.81 21.07
CA TYR A 992 -2.83 41.08 21.75
C TYR A 992 -1.54 41.89 21.79
N GLN A 993 -0.39 41.21 21.80
CA GLN A 993 0.90 41.89 21.85
C GLN A 993 1.32 42.43 20.49
N LYS A 994 0.68 41.99 19.40
CA LYS A 994 1.08 42.39 18.06
C LYS A 994 0.58 43.76 17.66
N GLU A 995 -0.28 44.38 18.46
CA GLU A 995 -0.72 45.76 18.22
C GLU A 995 -0.07 46.75 19.16
N LEU A 996 0.95 46.33 19.90
CA LEU A 996 1.54 47.17 20.94
C LEU A 996 2.71 48.01 20.46
N MET A 997 3.45 47.57 19.44
CA MET A 997 4.52 48.40 18.88
C MET A 997 4.01 49.39 17.84
N TYR A 998 2.73 49.32 17.47
CA TYR A 998 2.11 50.35 16.65
C TYR A 998 1.40 51.40 17.49
N LYS A 999 1.55 51.34 18.82
CA LYS A 999 0.98 52.34 19.70
C LYS A 999 1.72 53.66 19.55
N HIS A 1000 0.97 54.74 19.35
CA HIS A 1000 1.57 56.06 19.20
C HIS A 1000 1.97 56.60 20.57
N SER A 1001 2.85 57.61 20.55
CA SER A 1001 3.28 58.26 21.78
C SER A 1001 2.19 59.14 22.39
N ASN A 1002 1.20 59.54 21.60
CA ASN A 1002 0.10 60.35 22.12
C ASN A 1002 -0.87 59.54 22.99
N GLY A 1003 -0.88 58.21 22.85
CA GLY A 1003 -1.77 57.38 23.62
C GLY A 1003 -2.83 56.72 22.75
N SER A 1004 -2.52 56.55 21.47
CA SER A 1004 -3.43 55.96 20.50
C SER A 1004 -2.65 54.98 19.64
N TYR A 1005 -3.31 54.42 18.64
CA TYR A 1005 -2.70 53.46 17.73
C TYR A 1005 -2.45 54.11 16.38
N SER A 1006 -1.46 53.59 15.65
CA SER A 1006 -1.08 54.12 14.35
C SER A 1006 -0.91 52.98 13.35
N ALA A 1007 -0.95 53.35 12.07
CA ALA A 1007 -0.77 52.37 11.00
C ALA A 1007 0.67 51.87 10.94
N PHE A 1008 1.62 52.78 11.17
CA PHE A 1008 3.06 52.41 11.10
C PHE A 1008 3.91 53.47 11.82
N GLY A 1009 4.56 53.09 12.93
CA GLY A 1009 5.44 54.02 13.65
C GLY A 1009 4.72 54.74 14.78
N GLU A 1010 5.46 55.20 15.79
CA GLU A 1010 4.86 55.93 16.94
C GLU A 1010 5.09 57.43 16.80
N ARG A 1011 5.69 57.89 15.71
CA ARG A 1011 5.92 59.34 15.51
C ARG A 1011 5.18 59.85 14.27
N ASP A 1012 4.45 58.99 13.57
CA ASP A 1012 3.78 59.40 12.31
C ASP A 1012 2.75 60.50 12.59
N GLY A 1013 1.97 60.37 13.66
CA GLY A 1013 0.95 61.38 14.02
C GLY A 1013 -0.26 60.71 14.65
N ASN A 1014 -1.27 61.49 15.04
CA ASN A 1014 -2.52 60.88 15.57
C ASN A 1014 -3.02 59.87 14.54
N GLY A 1015 -3.49 58.70 14.98
CA GLY A 1015 -3.87 57.67 14.05
C GLY A 1015 -5.21 57.90 13.38
N ASN A 1016 -5.50 57.07 12.39
CA ASN A 1016 -6.74 57.14 11.65
C ASN A 1016 -7.90 56.62 12.49
N THR A 1017 -9.11 57.07 12.14
CA THR A 1017 -10.30 56.65 12.89
C THR A 1017 -10.67 55.21 12.59
N TRP A 1018 -10.31 54.70 11.40
CA TRP A 1018 -10.68 53.35 11.00
C TRP A 1018 -9.96 52.30 11.83
N LEU A 1019 -8.63 52.45 11.97
CA LEU A 1019 -7.84 51.45 12.68
C LEU A 1019 -8.10 51.49 14.18
N THR A 1020 -8.32 52.69 14.73
CA THR A 1020 -8.66 52.82 16.14
C THR A 1020 -10.05 52.25 16.43
N ALA A 1021 -11.01 52.46 15.52
CA ALA A 1021 -12.32 51.85 15.68
C ALA A 1021 -12.27 50.34 15.51
N PHE A 1022 -11.40 49.85 14.63
CA PHE A 1022 -11.25 48.42 14.43
C PHE A 1022 -10.64 47.73 15.65
N VAL A 1023 -9.60 48.33 16.24
CA VAL A 1023 -9.04 47.74 17.45
C VAL A 1023 -9.95 47.96 18.66
N THR A 1024 -10.79 49.00 18.64
CA THR A 1024 -11.80 49.18 19.68
C THR A 1024 -12.85 48.08 19.62
N LYS A 1025 -13.32 47.75 18.41
CA LYS A 1025 -14.24 46.63 18.22
C LYS A 1025 -13.61 45.29 18.58
N CYS A 1026 -12.35 45.10 18.20
CA CYS A 1026 -11.65 43.85 18.48
C CYS A 1026 -11.36 43.67 19.96
N PHE A 1027 -11.13 44.76 20.69
CA PHE A 1027 -10.92 44.66 22.13
C PHE A 1027 -12.23 44.55 22.89
N GLY A 1028 -13.29 45.21 22.42
CA GLY A 1028 -14.56 45.15 23.12
C GLY A 1028 -15.38 43.91 22.85
N GLN A 1029 -15.11 43.22 21.75
CA GLN A 1029 -15.83 41.99 21.43
C GLN A 1029 -15.08 40.73 21.84
N ALA A 1030 -13.88 40.86 22.41
CA ALA A 1030 -13.09 39.72 22.85
C ALA A 1030 -13.23 39.43 24.33
N GLN A 1031 -14.07 40.17 25.05
CA GLN A 1031 -14.25 39.95 26.48
C GLN A 1031 -15.09 38.71 26.79
N LYS A 1032 -15.78 38.15 25.80
CA LYS A 1032 -16.56 36.94 25.99
C LYS A 1032 -15.70 35.68 26.02
N PHE A 1033 -14.45 35.76 25.58
CA PHE A 1033 -13.58 34.60 25.47
C PHE A 1033 -12.33 34.70 26.33
N ILE A 1034 -11.63 35.84 26.30
CA ILE A 1034 -10.46 36.07 27.12
C ILE A 1034 -10.62 37.41 27.83
N PHE A 1035 -9.67 37.72 28.71
CA PHE A 1035 -9.72 38.95 29.51
C PHE A 1035 -9.02 40.06 28.75
N ILE A 1036 -9.79 41.07 28.33
CA ILE A 1036 -9.27 42.26 27.68
C ILE A 1036 -9.61 43.45 28.55
N ASP A 1037 -8.60 44.24 28.91
CA ASP A 1037 -8.83 45.41 29.76
C ASP A 1037 -9.49 46.52 28.95
N PRO A 1038 -10.47 47.21 29.53
CA PRO A 1038 -11.13 48.31 28.83
C PRO A 1038 -10.50 49.68 29.01
N LYS A 1039 -9.28 49.75 29.58
CA LYS A 1039 -8.63 51.04 29.79
C LYS A 1039 -8.13 51.64 28.48
N ASN A 1040 -7.73 50.79 27.53
CA ASN A 1040 -7.28 51.29 26.23
C ASN A 1040 -8.44 51.86 25.41
N ILE A 1041 -9.65 51.37 25.65
CA ILE A 1041 -10.85 51.93 25.01
C ILE A 1041 -11.09 53.35 25.49
N GLN A 1042 -10.98 53.58 26.81
CA GLN A 1042 -11.15 54.92 27.36
C GLN A 1042 -9.98 55.82 27.01
N ASP A 1043 -8.80 55.24 26.78
CA ASP A 1043 -7.69 56.04 26.26
C ASP A 1043 -7.91 56.43 24.81
N ALA A 1044 -8.61 55.59 24.04
CA ALA A 1044 -8.91 55.92 22.65
C ALA A 1044 -10.04 56.94 22.52
N LEU A 1045 -11.02 56.91 23.45
CA LEU A 1045 -12.22 57.75 23.32
C LEU A 1045 -11.92 59.23 23.45
N LYS A 1046 -10.89 59.61 24.21
CA LYS A 1046 -10.51 61.02 24.26
C LYS A 1046 -9.93 61.50 22.94
N TRP A 1047 -9.29 60.61 22.18
CA TRP A 1047 -8.81 60.99 20.86
C TRP A 1047 -9.88 60.91 19.78
N MET A 1048 -10.91 60.07 19.97
CA MET A 1048 -12.10 60.20 19.13
C MET A 1048 -12.80 61.53 19.37
N ALA A 1049 -12.87 61.97 20.63
CA ALA A 1049 -13.49 63.26 20.93
C ALA A 1049 -12.64 64.43 20.45
N GLY A 1050 -11.31 64.31 20.52
CA GLY A 1050 -10.44 65.37 20.04
C GLY A 1050 -10.28 65.43 18.54
N ASN A 1051 -10.41 64.29 17.86
CA ASN A 1051 -10.23 64.26 16.41
C ASN A 1051 -11.42 64.88 15.68
N GLN A 1052 -12.64 64.56 16.11
CA GLN A 1052 -13.85 65.04 15.47
C GLN A 1052 -14.56 66.03 16.38
N LEU A 1053 -14.85 67.22 15.85
CA LEU A 1053 -15.57 68.25 16.56
C LEU A 1053 -17.08 67.98 16.49
N PRO A 1054 -17.85 68.41 17.50
CA PRO A 1054 -19.31 68.36 17.36
C PRO A 1054 -19.86 69.34 16.34
N SER A 1055 -19.15 70.45 16.08
CA SER A 1055 -19.55 71.36 15.02
C SER A 1055 -19.24 70.81 13.63
N GLY A 1056 -18.27 69.92 13.51
CA GLY A 1056 -17.93 69.31 12.24
C GLY A 1056 -17.09 68.07 12.41
N CYS A 1057 -17.51 66.98 11.77
CA CYS A 1057 -16.88 65.68 11.96
C CYS A 1057 -15.78 65.46 10.92
N TYR A 1058 -14.83 64.58 11.28
CA TYR A 1058 -13.71 64.13 10.45
C TYR A 1058 -12.81 65.29 9.99
N ALA A 1059 -12.07 65.83 10.98
CA ALA A 1059 -11.11 66.90 10.74
C ALA A 1059 -9.77 66.42 10.15
N ASN A 1060 -9.70 65.19 9.63
CA ASN A 1060 -8.64 64.67 8.75
C ASN A 1060 -7.28 64.60 9.45
N VAL A 1061 -7.26 63.92 10.60
CA VAL A 1061 -6.01 63.55 11.27
C VAL A 1061 -5.90 62.03 11.24
N GLY A 1062 -4.84 61.53 10.63
CA GLY A 1062 -4.65 60.09 10.51
C GLY A 1062 -4.79 59.63 9.07
N ASN A 1063 -3.91 58.72 8.66
CA ASN A 1063 -3.90 58.20 7.30
C ASN A 1063 -3.50 56.74 7.32
N LEU A 1064 -4.19 55.93 6.52
CA LEU A 1064 -3.90 54.51 6.40
C LEU A 1064 -2.81 54.26 5.37
N LEU A 1065 -1.98 53.26 5.65
CA LEU A 1065 -0.90 52.90 4.72
C LEU A 1065 -1.43 52.24 3.45
N HIS A 1066 -2.52 51.49 3.56
CA HIS A 1066 -3.05 50.74 2.43
C HIS A 1066 -4.30 51.43 1.89
N THR A 1067 -4.31 51.68 0.58
CA THR A 1067 -5.40 52.37 -0.09
C THR A 1067 -6.44 51.37 -0.60
N ALA A 1068 -7.65 51.91 -0.86
CA ALA A 1068 -8.86 51.16 -1.27
C ALA A 1068 -9.18 50.02 -0.30
N MET A 1069 -9.07 50.32 0.99
CA MET A 1069 -9.09 49.30 2.03
C MET A 1069 -10.17 49.55 3.08
N LYS A 1070 -10.45 50.83 3.40
CA LYS A 1070 -11.41 51.17 4.45
C LYS A 1070 -12.86 50.91 4.03
N GLY A 1071 -13.13 50.80 2.75
CA GLY A 1071 -14.49 50.52 2.30
C GLY A 1071 -14.57 50.53 0.81
N GLY A 1072 -15.79 50.51 0.29
CA GLY A 1072 -15.99 50.53 -1.15
C GLY A 1072 -16.03 51.94 -1.72
N VAL A 1073 -16.31 52.92 -0.87
CA VAL A 1073 -16.38 54.31 -1.29
C VAL A 1073 -15.22 55.13 -0.74
N ASP A 1074 -14.82 54.85 0.51
CA ASP A 1074 -13.72 55.51 1.24
C ASP A 1074 -13.94 57.02 1.36
N ASP A 1075 -15.07 57.38 1.96
CA ASP A 1075 -15.37 58.77 2.29
C ASP A 1075 -15.43 58.97 3.80
N GLU A 1076 -15.53 60.24 4.21
CA GLU A 1076 -15.38 60.59 5.62
C GLU A 1076 -16.59 60.21 6.45
N VAL A 1077 -17.79 60.20 5.84
CA VAL A 1077 -19.00 59.92 6.60
C VAL A 1077 -19.09 58.44 6.97
N SER A 1078 -18.51 57.55 6.16
CA SER A 1078 -18.51 56.13 6.49
C SER A 1078 -17.59 55.83 7.65
N LEU A 1079 -16.40 56.43 7.66
CA LEU A 1079 -15.46 56.26 8.77
C LEU A 1079 -16.01 56.91 10.05
N THR A 1080 -16.68 58.06 9.91
CA THR A 1080 -17.31 58.72 11.05
C THR A 1080 -18.45 57.88 11.64
N ALA A 1081 -19.28 57.28 10.77
CA ALA A 1081 -20.37 56.44 11.23
C ALA A 1081 -19.87 55.13 11.84
N TYR A 1082 -18.72 54.63 11.37
CA TYR A 1082 -18.19 53.42 11.98
C TYR A 1082 -17.57 53.74 13.36
N VAL A 1083 -16.83 54.86 13.47
CA VAL A 1083 -16.16 55.15 14.74
C VAL A 1083 -17.17 55.63 15.78
N THR A 1084 -18.30 56.17 15.35
CA THR A 1084 -19.37 56.50 16.28
C THR A 1084 -20.39 55.38 16.44
N ALA A 1085 -20.33 54.35 15.60
CA ALA A 1085 -21.10 53.13 15.80
C ALA A 1085 -20.33 52.06 16.55
N ALA A 1086 -19.04 52.26 16.78
CA ALA A 1086 -18.22 51.27 17.47
C ALA A 1086 -18.44 51.30 18.97
N LEU A 1087 -18.97 52.38 19.52
CA LEU A 1087 -19.15 52.50 20.96
C LEU A 1087 -20.31 51.67 21.47
N LEU A 1088 -21.44 51.70 20.77
CA LEU A 1088 -22.67 51.09 21.25
C LEU A 1088 -22.89 49.70 20.67
N GLU A 1089 -21.94 49.16 19.92
CA GLU A 1089 -22.12 47.86 19.29
C GLU A 1089 -21.69 46.70 20.17
N MET A 1090 -21.15 46.97 21.36
CA MET A 1090 -20.87 45.89 22.31
C MET A 1090 -22.07 45.55 23.18
N GLY A 1091 -23.14 46.35 23.11
CA GLY A 1091 -24.30 46.14 23.95
C GLY A 1091 -24.68 47.39 24.72
N LYS A 1092 -24.02 48.49 24.40
CA LYS A 1092 -24.29 49.77 25.05
C LYS A 1092 -25.40 50.53 24.31
N ASP A 1093 -26.00 51.49 25.00
CA ASP A 1093 -26.99 52.38 24.45
C ASP A 1093 -26.34 53.72 24.12
N VAL A 1094 -27.16 54.71 23.77
CA VAL A 1094 -26.65 56.07 23.56
C VAL A 1094 -26.50 56.77 24.91
N ASP A 1095 -25.26 57.02 25.30
CA ASP A 1095 -24.98 57.67 26.58
C ASP A 1095 -23.74 58.55 26.56
N ASP A 1096 -23.09 58.74 25.41
CA ASP A 1096 -21.80 59.39 25.33
C ASP A 1096 -21.91 60.68 24.50
N PRO A 1097 -21.03 61.66 24.75
CA PRO A 1097 -20.99 62.82 23.84
C PRO A 1097 -20.46 62.49 22.47
N MET A 1098 -19.64 61.44 22.34
CA MET A 1098 -19.09 61.06 21.05
C MET A 1098 -20.17 60.50 20.13
N VAL A 1099 -21.03 59.62 20.64
CA VAL A 1099 -22.13 59.12 19.82
C VAL A 1099 -23.21 60.19 19.62
N SER A 1100 -23.31 61.15 20.54
CA SER A 1100 -24.26 62.25 20.36
C SER A 1100 -23.81 63.19 19.24
N GLN A 1101 -22.53 63.54 19.20
CA GLN A 1101 -22.05 64.35 18.08
C GLN A 1101 -21.95 63.55 16.79
N GLY A 1102 -21.81 62.22 16.88
CA GLY A 1102 -21.91 61.39 15.69
C GLY A 1102 -23.30 61.37 15.09
N LEU A 1103 -24.33 61.25 15.93
CA LEU A 1103 -25.69 61.30 15.41
C LEU A 1103 -26.08 62.72 15.00
N ARG A 1104 -25.47 63.74 15.61
CA ARG A 1104 -25.65 65.11 15.15
C ARG A 1104 -25.04 65.33 13.77
N CYS A 1105 -23.88 64.71 13.50
CA CYS A 1105 -23.30 64.75 12.17
C CYS A 1105 -24.11 63.92 11.17
N LEU A 1106 -24.68 62.80 11.62
CA LEU A 1106 -25.30 61.84 10.71
C LEU A 1106 -26.77 62.11 10.43
N LYS A 1107 -27.46 62.90 11.26
CA LYS A 1107 -28.87 63.17 11.02
C LYS A 1107 -29.08 64.15 9.87
N ASN A 1108 -28.09 64.98 9.57
CA ASN A 1108 -28.17 65.83 8.38
C ASN A 1108 -27.97 65.01 7.12
N SER A 1109 -27.09 63.99 7.18
CA SER A 1109 -26.85 63.13 6.04
C SER A 1109 -27.90 62.03 5.89
N ALA A 1110 -28.72 61.80 6.92
CA ALA A 1110 -29.78 60.82 6.83
C ALA A 1110 -30.91 61.30 5.92
N THR A 1111 -31.19 62.60 5.93
CA THR A 1111 -32.18 63.18 5.04
C THR A 1111 -31.61 63.54 3.68
N SER A 1112 -30.29 63.45 3.50
CA SER A 1112 -29.65 63.83 2.24
C SER A 1112 -29.62 62.69 1.23
N THR A 1113 -29.99 61.47 1.64
CA THR A 1113 -29.90 60.22 0.87
C THR A 1113 -28.50 60.00 0.30
N THR A 1114 -28.44 59.41 -0.92
CA THR A 1114 -27.29 59.27 -1.83
C THR A 1114 -26.27 58.24 -1.32
N ASN A 1115 -25.76 57.40 -2.23
CA ASN A 1115 -24.70 56.40 -1.98
C ASN A 1115 -25.13 55.37 -0.93
N LEU A 1116 -26.03 54.48 -1.39
CA LEU A 1116 -26.76 53.50 -0.58
C LEU A 1116 -25.90 52.60 0.30
N TYR A 1117 -24.61 52.42 -0.03
CA TYR A 1117 -23.65 51.81 0.90
C TYR A 1117 -23.55 52.61 2.18
N THR A 1118 -23.33 53.92 2.06
CA THR A 1118 -23.28 54.80 3.23
C THR A 1118 -24.64 54.94 3.89
N GLN A 1119 -25.73 54.89 3.11
CA GLN A 1119 -27.08 54.93 3.66
C GLN A 1119 -27.37 53.70 4.50
N ALA A 1120 -26.93 52.52 4.05
CA ALA A 1120 -27.11 51.29 4.81
C ALA A 1120 -26.28 51.29 6.07
N LEU A 1121 -25.03 51.76 6.00
CA LEU A 1121 -24.25 51.76 7.23
C LEU A 1121 -24.58 52.93 8.17
N LEU A 1122 -25.31 53.95 7.70
CA LEU A 1122 -25.87 54.92 8.65
C LEU A 1122 -27.24 54.51 9.14
N ALA A 1123 -27.92 53.60 8.45
CA ALA A 1123 -29.09 52.95 9.03
C ALA A 1123 -28.68 51.91 10.06
N TYR A 1124 -27.45 51.41 9.95
CA TYR A 1124 -26.90 50.46 10.93
C TYR A 1124 -26.78 51.06 12.33
N ILE A 1125 -26.29 52.30 12.43
CA ILE A 1125 -26.12 52.91 13.75
C ILE A 1125 -27.48 53.30 14.35
N PHE A 1126 -28.46 53.69 13.52
CA PHE A 1126 -29.79 53.96 14.04
C PHE A 1126 -30.53 52.68 14.38
N SER A 1127 -30.20 51.56 13.72
CA SER A 1127 -30.71 50.27 14.15
C SER A 1127 -30.06 49.82 15.46
N LEU A 1128 -28.81 50.22 15.69
CA LEU A 1128 -28.20 50.03 17.00
C LEU A 1128 -28.84 50.93 18.04
N ALA A 1129 -29.31 52.11 17.65
CA ALA A 1129 -29.99 53.02 18.56
C ALA A 1129 -31.41 52.59 18.89
N GLY A 1130 -31.99 51.69 18.11
CA GLY A 1130 -33.32 51.19 18.39
C GLY A 1130 -34.45 52.15 18.10
N GLU A 1131 -34.21 53.14 17.24
CA GLU A 1131 -35.21 54.15 16.92
C GLU A 1131 -35.70 53.96 15.49
N MET A 1132 -37.02 54.15 15.31
CA MET A 1132 -37.68 54.03 14.01
C MET A 1132 -38.30 55.40 13.74
N ASP A 1133 -37.47 56.34 13.26
CA ASP A 1133 -37.98 57.64 12.87
C ASP A 1133 -37.40 58.19 11.57
N ILE A 1134 -36.16 57.88 11.22
CA ILE A 1134 -35.54 58.40 10.00
C ILE A 1134 -34.86 57.32 9.18
N ARG A 1135 -34.60 56.13 9.71
CA ARG A 1135 -34.05 55.05 8.91
C ARG A 1135 -35.09 54.34 8.08
N ASN A 1136 -36.38 54.55 8.36
CA ASN A 1136 -37.45 53.94 7.57
C ASN A 1136 -37.73 54.69 6.28
N ILE A 1137 -37.34 55.97 6.20
CA ILE A 1137 -37.54 56.73 4.97
C ILE A 1137 -36.48 56.46 3.93
N LEU A 1138 -35.38 55.79 4.32
CA LEU A 1138 -34.36 55.36 3.37
C LEU A 1138 -34.27 53.85 3.24
N LEU A 1139 -35.00 53.10 4.07
CA LEU A 1139 -35.08 51.65 3.92
C LEU A 1139 -35.87 51.26 2.68
N LYS A 1140 -36.86 52.08 2.31
CA LYS A 1140 -37.72 51.76 1.17
C LYS A 1140 -36.99 51.91 -0.16
N GLN A 1141 -36.01 52.81 -0.24
CA GLN A 1141 -35.22 52.96 -1.45
C GLN A 1141 -34.00 52.04 -1.47
N LEU A 1142 -33.76 51.30 -0.39
CA LEU A 1142 -32.65 50.36 -0.34
C LEU A 1142 -33.04 49.01 -0.92
N ASP A 1143 -34.13 48.42 -0.41
CA ASP A 1143 -34.52 47.08 -0.82
C ASP A 1143 -35.13 47.06 -2.22
N GLN A 1144 -35.71 48.17 -2.67
CA GLN A 1144 -36.29 48.24 -4.01
C GLN A 1144 -35.22 48.39 -5.09
N GLN A 1145 -34.00 48.78 -4.73
CA GLN A 1145 -32.90 48.85 -5.68
C GLN A 1145 -32.07 47.57 -5.72
N ALA A 1146 -32.45 46.55 -4.94
CA ALA A 1146 -31.74 45.28 -4.95
C ALA A 1146 -32.11 44.48 -6.19
N ILE A 1147 -31.11 43.94 -6.87
CA ILE A 1147 -31.38 43.11 -8.03
C ILE A 1147 -31.74 41.70 -7.59
N ILE A 1148 -32.38 40.96 -8.50
CA ILE A 1148 -32.89 39.63 -8.23
C ILE A 1148 -32.13 38.63 -9.08
N SER A 1149 -31.49 37.67 -8.43
CA SER A 1149 -30.80 36.57 -9.11
C SER A 1149 -31.46 35.24 -8.77
N GLY A 1150 -32.79 35.21 -8.80
CA GLY A 1150 -33.55 34.05 -8.38
C GLY A 1150 -33.97 34.18 -6.93
N GLU A 1151 -33.65 33.17 -6.13
CA GLU A 1151 -33.84 33.27 -4.69
C GLU A 1151 -32.59 33.71 -3.95
N SER A 1152 -31.46 33.81 -4.65
CA SER A 1152 -30.22 34.34 -4.08
C SER A 1152 -30.10 35.79 -4.55
N ILE A 1153 -30.89 36.66 -3.93
CA ILE A 1153 -30.87 38.08 -4.27
C ILE A 1153 -29.88 38.79 -3.36
N TYR A 1154 -29.47 39.99 -3.77
CA TYR A 1154 -28.56 40.83 -3.00
C TYR A 1154 -28.70 42.27 -3.47
N TRP A 1155 -28.25 43.19 -2.62
CA TRP A 1155 -28.34 44.60 -2.94
C TRP A 1155 -27.22 45.03 -3.88
N SER A 1156 -27.58 45.80 -4.91
CA SER A 1156 -26.63 46.39 -5.83
C SER A 1156 -26.87 47.89 -5.89
N GLN A 1157 -25.78 48.65 -6.00
CA GLN A 1157 -25.87 50.10 -6.03
C GLN A 1157 -26.40 50.61 -7.36
N ALA A 1173 -17.35 43.32 -5.15
CA ALA A 1173 -16.72 43.47 -3.84
C ALA A 1173 -17.46 44.47 -2.98
N VAL A 1174 -17.81 45.61 -3.58
CA VAL A 1174 -18.56 46.64 -2.87
C VAL A 1174 -19.99 46.19 -2.61
N ASP A 1175 -20.57 45.44 -3.56
CA ASP A 1175 -21.95 44.97 -3.41
C ASP A 1175 -22.07 43.89 -2.34
N VAL A 1176 -21.03 43.08 -2.14
CA VAL A 1176 -21.05 42.07 -1.09
C VAL A 1176 -20.96 42.74 0.28
N GLU A 1177 -20.14 43.80 0.39
CA GLU A 1177 -20.09 44.60 1.61
C GLU A 1177 -21.41 45.28 1.91
N LEU A 1178 -22.06 45.82 0.87
CA LEU A 1178 -23.36 46.45 1.01
C LEU A 1178 -24.42 45.43 1.42
N THR A 1179 -24.32 44.21 0.88
CA THR A 1179 -25.22 43.12 1.26
C THR A 1179 -25.03 42.73 2.72
N ALA A 1180 -23.78 42.70 3.20
CA ALA A 1180 -23.51 42.35 4.59
C ALA A 1180 -24.00 43.43 5.56
N TYR A 1181 -23.71 44.70 5.27
CA TYR A 1181 -24.19 45.80 6.10
C TYR A 1181 -25.71 45.93 6.07
N ALA A 1182 -26.35 45.71 4.92
CA ALA A 1182 -27.80 45.80 4.88
C ALA A 1182 -28.48 44.60 5.51
N LEU A 1183 -27.84 43.42 5.49
CA LEU A 1183 -28.35 42.28 6.24
C LEU A 1183 -28.28 42.53 7.74
N LEU A 1184 -27.16 43.09 8.22
CA LEU A 1184 -27.10 43.44 9.64
C LEU A 1184 -27.99 44.63 9.99
N ALA A 1185 -28.30 45.51 9.04
CA ALA A 1185 -29.26 46.58 9.31
C ALA A 1185 -30.68 46.03 9.39
N GLN A 1186 -31.02 45.07 8.53
CA GLN A 1186 -32.34 44.48 8.56
C GLN A 1186 -32.51 43.47 9.70
N LEU A 1187 -31.42 42.95 10.23
CA LEU A 1187 -31.45 41.95 11.29
C LEU A 1187 -31.28 42.54 12.69
N THR A 1188 -30.46 43.58 12.82
CA THR A 1188 -30.19 44.20 14.11
C THR A 1188 -31.39 44.97 14.64
N LYS A 1189 -32.21 45.52 13.74
CA LYS A 1189 -33.40 46.26 14.10
C LYS A 1189 -34.45 45.33 14.73
N PRO A 1190 -35.27 45.83 15.65
CA PRO A 1190 -36.29 44.98 16.28
C PRO A 1190 -37.49 44.76 15.35
N SER A 1191 -38.47 44.01 15.88
CA SER A 1191 -39.72 43.63 15.22
C SER A 1191 -39.47 42.87 13.91
N LEU A 1192 -38.82 41.72 14.05
CA LEU A 1192 -38.59 40.84 12.91
C LEU A 1192 -39.89 40.11 12.56
N THR A 1193 -40.32 40.24 11.32
CA THR A 1193 -41.51 39.56 10.83
C THR A 1193 -41.12 38.45 9.87
N GLN A 1194 -42.13 37.67 9.46
CA GLN A 1194 -41.90 36.49 8.65
C GLN A 1194 -41.46 36.83 7.23
N LYS A 1195 -41.95 37.94 6.69
CA LYS A 1195 -41.47 38.42 5.39
C LYS A 1195 -40.03 38.90 5.50
N GLU A 1196 -39.69 39.56 6.61
CA GLU A 1196 -38.30 39.92 6.86
C GLU A 1196 -37.43 38.69 7.11
N ILE A 1197 -38.01 37.64 7.72
CA ILE A 1197 -37.30 36.37 7.91
C ILE A 1197 -36.98 35.73 6.57
N ALA A 1198 -37.96 35.70 5.65
CA ALA A 1198 -37.73 35.11 4.33
C ALA A 1198 -36.78 35.95 3.48
N LYS A 1199 -36.85 37.28 3.62
CA LYS A 1199 -35.95 38.17 2.90
C LYS A 1199 -34.52 38.01 3.38
N ALA A 1200 -34.31 37.98 4.70
CA ALA A 1200 -32.98 37.76 5.26
C ALA A 1200 -32.46 36.36 4.98
N THR A 1201 -33.37 35.38 4.87
CA THR A 1201 -32.99 34.03 4.47
C THR A 1201 -32.50 33.98 3.03
N SER A 1202 -33.15 34.73 2.14
CA SER A 1202 -32.68 34.86 0.77
C SER A 1202 -31.32 35.56 0.70
N ILE A 1203 -31.12 36.58 1.54
CA ILE A 1203 -29.86 37.31 1.58
C ILE A 1203 -28.72 36.43 2.06
N VAL A 1204 -28.93 35.65 3.13
CA VAL A 1204 -27.87 34.80 3.63
C VAL A 1204 -27.71 33.57 2.73
N ALA A 1205 -28.73 33.21 1.95
CA ALA A 1205 -28.57 32.16 0.95
C ALA A 1205 -27.68 32.63 -0.20
N TRP A 1206 -27.76 33.92 -0.55
CA TRP A 1206 -26.81 34.45 -1.54
C TRP A 1206 -25.42 34.58 -0.93
N LEU A 1207 -25.34 34.96 0.35
CA LEU A 1207 -24.05 35.02 1.03
C LEU A 1207 -23.45 33.66 1.36
N ALA A 1208 -24.22 32.59 1.23
CA ALA A 1208 -23.72 31.24 1.48
C ALA A 1208 -22.72 30.81 0.41
N LYS A 1209 -22.93 31.25 -0.82
CA LYS A 1209 -22.08 30.84 -1.94
C LYS A 1209 -20.93 31.80 -2.17
N GLN A 1210 -20.82 32.87 -1.39
CA GLN A 1210 -19.73 33.84 -1.55
C GLN A 1210 -18.47 33.29 -0.91
N HIS A 1211 -17.47 32.98 -1.73
CA HIS A 1211 -16.18 32.52 -1.22
C HIS A 1211 -15.33 33.65 -0.68
N ASN A 1212 -15.64 34.90 -1.00
CA ASN A 1212 -14.97 36.04 -0.40
C ASN A 1212 -15.62 36.47 0.90
N ALA A 1213 -16.75 35.85 1.28
CA ALA A 1213 -17.38 36.17 2.57
C ALA A 1213 -16.58 35.59 3.73
N TYR A 1214 -15.82 34.53 3.49
CA TYR A 1214 -14.95 33.94 4.49
C TYR A 1214 -13.83 33.18 3.79
N GLY A 1215 -12.62 33.33 4.30
CA GLY A 1215 -11.47 32.66 3.70
C GLY A 1215 -10.31 33.58 3.43
N GLY A 1216 -10.49 34.87 3.68
CA GLY A 1216 -9.45 35.86 3.47
C GLY A 1216 -8.76 36.20 4.78
N PHE A 1217 -7.43 36.18 4.74
CA PHE A 1217 -6.60 36.55 5.89
C PHE A 1217 -6.03 37.96 5.78
N SER A 1218 -5.55 38.34 4.60
CA SER A 1218 -5.11 39.70 4.32
C SER A 1218 -6.16 40.49 3.54
N SER A 1219 -7.42 40.08 3.61
CA SER A 1219 -8.48 40.69 2.84
C SER A 1219 -9.07 41.86 3.61
N THR A 1220 -10.21 42.37 3.15
CA THR A 1220 -10.82 43.58 3.70
C THR A 1220 -11.70 43.23 4.89
N GLN A 1221 -12.51 44.20 5.32
CA GLN A 1221 -13.41 44.05 6.46
C GLN A 1221 -14.73 43.37 6.10
N ASP A 1222 -14.90 42.96 4.84
CA ASP A 1222 -16.11 42.26 4.40
C ASP A 1222 -16.26 40.92 5.08
N THR A 1223 -15.14 40.24 5.34
CA THR A 1223 -15.16 38.90 5.91
C THR A 1223 -15.71 38.88 7.33
N VAL A 1224 -15.24 39.81 8.17
CA VAL A 1224 -15.68 39.84 9.56
C VAL A 1224 -17.13 40.34 9.67
N VAL A 1225 -17.57 41.24 8.78
CA VAL A 1225 -18.94 41.74 8.90
C VAL A 1225 -19.94 40.73 8.34
N ALA A 1226 -19.58 39.98 7.28
CA ALA A 1226 -20.46 38.92 6.81
C ALA A 1226 -20.46 37.75 7.79
N LEU A 1227 -19.33 37.52 8.45
CA LEU A 1227 -19.24 36.42 9.41
C LEU A 1227 -20.01 36.73 10.69
N GLN A 1228 -19.97 37.98 11.15
CA GLN A 1228 -20.81 38.36 12.28
C GLN A 1228 -22.28 38.50 11.90
N ALA A 1229 -22.56 38.76 10.62
CA ALA A 1229 -23.95 38.67 10.13
C ALA A 1229 -24.44 37.23 10.20
N LEU A 1230 -23.58 36.28 9.84
CA LEU A 1230 -23.90 34.85 9.99
C LEU A 1230 -24.08 34.47 11.45
N ALA A 1231 -23.24 35.02 12.34
CA ALA A 1231 -23.34 34.77 13.77
C ALA A 1231 -24.63 35.31 14.36
N LYS A 1232 -25.02 36.53 13.97
CA LYS A 1232 -26.28 37.10 14.46
C LYS A 1232 -27.48 36.41 13.85
N TYR A 1233 -27.38 35.92 12.62
CA TYR A 1233 -28.49 35.20 12.01
C TYR A 1233 -28.65 33.81 12.59
N ALA A 1234 -27.54 33.20 13.03
CA ALA A 1234 -27.64 31.96 13.79
C ALA A 1234 -28.15 32.22 15.20
N THR A 1235 -27.89 33.42 15.74
CA THR A 1235 -28.39 33.77 17.06
C THR A 1235 -29.90 33.97 17.07
N THR A 1236 -30.41 34.75 16.11
CA THR A 1236 -31.80 35.20 16.20
C THR A 1236 -32.80 34.14 15.75
N ALA A 1237 -32.75 33.76 14.47
CA ALA A 1237 -33.85 32.98 13.90
C ALA A 1237 -33.45 31.57 13.50
N TYR A 1238 -32.45 31.41 12.64
CA TYR A 1238 -32.15 30.12 12.04
C TYR A 1238 -31.15 29.38 12.92
N MET A 1239 -31.60 28.42 13.57
CA MET A 1239 -30.69 27.46 14.17
C MET A 1239 -30.63 26.19 13.33
N PRO A 1240 -29.48 25.53 13.25
CA PRO A 1240 -29.35 24.37 12.35
C PRO A 1240 -30.14 23.17 12.82
N SER A 1241 -30.50 22.32 11.85
CA SER A 1241 -31.34 21.16 12.12
C SER A 1241 -30.56 20.08 12.88
N GLU A 1242 -31.27 19.38 13.76
CA GLU A 1242 -30.71 18.16 14.32
C GLU A 1242 -31.69 16.99 14.25
N GLU A 1243 -32.99 17.25 14.07
CA GLU A 1243 -33.91 16.17 13.71
C GLU A 1243 -35.10 16.80 12.95
N ILE A 1244 -35.09 16.66 11.63
CA ILE A 1244 -36.21 17.10 10.81
C ILE A 1244 -36.67 15.94 9.95
N ASN A 1245 -37.94 15.58 10.07
CA ASN A 1245 -38.62 14.72 9.13
C ASN A 1245 -39.59 15.58 8.34
N LEU A 1246 -39.37 15.68 7.05
CA LEU A 1246 -40.17 16.55 6.19
C LEU A 1246 -41.00 15.71 5.23
N VAL A 1247 -42.24 16.14 5.01
CA VAL A 1247 -43.13 15.48 4.06
C VAL A 1247 -43.72 16.53 3.11
N VAL A 1248 -43.71 16.20 1.83
CA VAL A 1248 -44.39 17.00 0.81
C VAL A 1248 -45.59 16.20 0.34
N LYS A 1249 -46.72 16.89 0.16
CA LYS A 1249 -47.95 16.26 -0.31
C LYS A 1249 -48.57 17.13 -1.40
N SER A 1250 -48.95 16.49 -2.50
CA SER A 1250 -49.44 17.16 -3.69
C SER A 1250 -50.95 17.02 -3.82
N THR A 1251 -51.48 17.49 -4.95
CA THR A 1251 -52.92 17.41 -5.19
C THR A 1251 -53.36 15.98 -5.50
N GLU A 1252 -52.51 15.21 -6.19
CA GLU A 1252 -52.83 13.86 -6.62
C GLU A 1252 -52.42 12.79 -5.62
N ASN A 1253 -52.47 13.13 -4.32
CA ASN A 1253 -52.10 12.31 -3.14
C ASN A 1253 -50.75 11.59 -3.29
N PHE A 1254 -49.79 12.28 -3.90
CA PHE A 1254 -48.41 11.84 -3.89
C PHE A 1254 -47.67 12.54 -2.75
N GLN A 1255 -46.84 11.78 -2.04
CA GLN A 1255 -46.12 12.29 -0.90
C GLN A 1255 -44.67 11.83 -0.96
N ARG A 1256 -43.81 12.58 -0.30
CA ARG A 1256 -42.39 12.21 -0.22
C ARG A 1256 -41.80 12.73 1.07
N THR A 1257 -40.85 11.98 1.63
CA THR A 1257 -40.31 12.22 2.96
C THR A 1257 -38.80 12.37 2.90
N PHE A 1258 -38.30 13.41 3.54
CA PHE A 1258 -36.87 13.65 3.74
C PHE A 1258 -36.52 13.51 5.22
N ASN A 1259 -35.31 13.02 5.47
CA ASN A 1259 -34.77 12.91 6.83
C ASN A 1259 -33.47 13.70 6.88
N ILE A 1260 -33.39 14.65 7.80
CA ILE A 1260 -32.22 15.52 7.94
C ILE A 1260 -31.87 15.53 9.43
N GLN A 1261 -30.80 14.82 9.81
CA GLN A 1261 -30.41 14.79 11.22
C GLN A 1261 -29.04 15.40 11.51
N SER A 1262 -27.93 14.82 11.08
CA SER A 1262 -26.66 15.42 11.50
C SER A 1262 -25.58 15.37 10.43
N VAL A 1263 -25.64 14.36 9.56
CA VAL A 1263 -24.60 14.15 8.57
C VAL A 1263 -25.11 14.33 7.14
N ASN A 1264 -26.40 14.14 6.90
CA ASN A 1264 -27.04 14.60 5.66
C ASN A 1264 -27.66 15.98 5.83
N ARG A 1265 -27.17 16.76 6.80
CA ARG A 1265 -27.65 18.12 6.99
C ARG A 1265 -27.20 19.05 5.88
N LEU A 1266 -25.96 18.91 5.42
CA LEU A 1266 -25.42 19.75 4.37
C LEU A 1266 -25.73 19.23 2.98
N VAL A 1267 -26.32 18.03 2.88
CA VAL A 1267 -26.62 17.46 1.58
C VAL A 1267 -27.84 18.18 1.00
N PHE A 1268 -27.65 18.76 -0.18
CA PHE A 1268 -28.65 19.64 -0.80
C PHE A 1268 -29.54 18.77 -1.67
N GLN A 1269 -30.56 18.17 -1.05
CA GLN A 1269 -31.30 17.08 -1.67
C GLN A 1269 -32.34 17.60 -2.65
N GLN A 1270 -32.53 16.86 -3.74
CA GLN A 1270 -33.52 17.16 -4.76
C GLN A 1270 -34.63 16.12 -4.75
N ASP A 1271 -35.78 16.53 -5.30
CA ASP A 1271 -36.85 15.61 -5.63
C ASP A 1271 -37.64 16.16 -6.80
N THR A 1272 -37.88 15.30 -7.79
CA THR A 1272 -38.68 15.66 -8.96
C THR A 1272 -40.11 15.19 -8.73
N LEU A 1273 -41.06 16.09 -8.92
CA LEU A 1273 -42.47 15.90 -8.70
C LEU A 1273 -43.23 15.77 -10.02
N PRO A 1274 -44.18 14.83 -10.13
CA PRO A 1274 -44.86 14.58 -11.41
C PRO A 1274 -46.21 15.26 -11.58
N ASN A 1275 -46.65 16.09 -10.63
CA ASN A 1275 -47.97 16.68 -10.68
C ASN A 1275 -48.01 17.88 -11.61
N VAL A 1276 -49.22 18.21 -12.06
CA VAL A 1276 -49.50 19.53 -12.62
C VAL A 1276 -49.27 20.58 -11.55
N PRO A 1277 -48.55 21.67 -11.84
CA PRO A 1277 -48.19 22.65 -10.79
C PRO A 1277 -49.39 23.42 -10.27
N GLY A 1278 -49.50 23.46 -8.94
CA GLY A 1278 -50.61 24.08 -8.24
C GLY A 1278 -50.26 24.28 -6.78
N MET A 1279 -51.20 24.04 -5.87
CA MET A 1279 -50.95 24.22 -4.45
C MET A 1279 -50.51 22.89 -3.82
N TYR A 1280 -49.43 22.96 -3.04
CA TYR A 1280 -48.74 21.82 -2.46
C TYR A 1280 -48.55 22.12 -0.98
N THR A 1281 -48.45 21.06 -0.17
CA THR A 1281 -48.27 21.24 1.27
C THR A 1281 -46.89 20.74 1.69
N LEU A 1282 -46.20 21.57 2.47
CA LEU A 1282 -44.79 21.40 2.85
C LEU A 1282 -44.77 21.34 4.37
N GLU A 1283 -44.58 20.16 4.96
CA GLU A 1283 -44.67 19.99 6.40
C GLU A 1283 -43.35 19.51 6.96
N ALA A 1284 -42.90 20.14 8.04
CA ALA A 1284 -41.67 19.76 8.72
C ALA A 1284 -41.99 19.42 10.18
N SER A 1285 -41.53 18.26 10.62
CA SER A 1285 -41.81 17.77 11.97
C SER A 1285 -40.50 17.49 12.69
N GLY A 1286 -40.43 17.92 13.94
CA GLY A 1286 -39.25 17.68 14.75
C GLY A 1286 -38.67 18.94 15.35
N GLN A 1287 -37.36 18.94 15.54
CA GLN A 1287 -36.62 20.07 16.09
C GLN A 1287 -35.52 20.44 15.12
N GLY A 1288 -35.56 21.67 14.63
CA GLY A 1288 -34.61 22.17 13.65
C GLY A 1288 -35.28 23.09 12.64
N CYS A 1289 -34.48 23.83 11.88
CA CYS A 1289 -35.00 24.67 10.81
C CYS A 1289 -34.46 24.17 9.48
N VAL A 1290 -35.32 24.16 8.46
CA VAL A 1290 -34.97 23.59 7.16
C VAL A 1290 -35.38 24.61 6.10
N TYR A 1291 -34.70 24.58 4.95
CA TYR A 1291 -34.90 25.52 3.85
C TYR A 1291 -35.36 24.75 2.63
N VAL A 1292 -36.53 25.10 2.12
CA VAL A 1292 -37.15 24.41 0.99
C VAL A 1292 -37.28 25.40 -0.17
N GLN A 1293 -36.71 25.05 -1.32
CA GLN A 1293 -36.75 25.90 -2.49
C GLN A 1293 -37.39 25.13 -3.64
N THR A 1294 -38.46 25.69 -4.21
CA THR A 1294 -39.20 25.07 -5.30
C THR A 1294 -38.93 25.83 -6.59
N VAL A 1295 -38.50 25.12 -7.62
CA VAL A 1295 -38.15 25.72 -8.91
C VAL A 1295 -39.05 25.10 -9.99
N LEU A 1296 -39.72 25.97 -10.76
CA LEU A 1296 -40.52 25.59 -11.90
C LEU A 1296 -39.87 26.15 -13.15
N ARG A 1297 -39.40 25.29 -14.04
CA ARG A 1297 -38.82 25.68 -15.31
C ARG A 1297 -39.83 25.40 -16.41
N TYR A 1298 -40.10 26.39 -17.25
CA TYR A 1298 -41.05 26.20 -18.33
C TYR A 1298 -40.68 27.09 -19.50
N ASN A 1299 -41.24 26.78 -20.67
CA ASN A 1299 -40.88 27.44 -21.91
C ASN A 1299 -42.08 28.18 -22.46
N ILE A 1300 -41.89 29.47 -22.78
CA ILE A 1300 -43.02 30.31 -23.27
C ILE A 1300 -42.77 30.66 -24.73
N LEU A 1301 -43.84 30.89 -25.49
CA LEU A 1301 -43.68 31.31 -26.91
C LEU A 1301 -43.01 32.69 -26.92
N PRO A 1302 -42.02 32.94 -27.81
CA PRO A 1302 -41.41 34.26 -27.91
C PRO A 1302 -42.36 35.42 -28.29
N PRO A 1303 -43.32 35.32 -29.24
CA PRO A 1303 -44.28 36.40 -29.49
C PRO A 1303 -45.20 36.64 -28.28
N GLU B 1 -17.77 -31.47 -34.12
CA GLU B 1 -19.09 -32.06 -34.24
C GLU B 1 -20.06 -31.44 -33.24
N LEU B 2 -19.93 -31.84 -31.98
CA LEU B 2 -20.74 -31.28 -30.90
C LEU B 2 -19.85 -30.46 -29.97
N PRO B 3 -20.08 -29.16 -29.83
CA PRO B 3 -19.22 -28.35 -28.98
C PRO B 3 -19.50 -28.59 -27.50
N ASN B 4 -18.47 -28.38 -26.68
CA ASN B 4 -18.53 -28.65 -25.26
C ASN B 4 -17.84 -27.55 -24.49
N TYR B 5 -18.32 -27.33 -23.26
CA TYR B 5 -17.75 -26.34 -22.37
C TYR B 5 -17.61 -26.97 -20.99
N LEU B 6 -16.81 -26.32 -20.15
CA LEU B 6 -16.60 -26.81 -18.78
C LEU B 6 -16.20 -25.63 -17.90
N VAL B 7 -16.96 -25.40 -16.84
CA VAL B 7 -16.72 -24.30 -15.91
C VAL B 7 -16.34 -24.89 -14.56
N THR B 8 -15.27 -24.36 -13.98
CA THR B 8 -14.71 -24.88 -12.73
C THR B 8 -14.65 -23.75 -11.70
N LEU B 9 -15.13 -24.03 -10.49
CA LEU B 9 -15.09 -23.08 -9.39
C LEU B 9 -14.68 -23.86 -8.15
N PRO B 10 -14.02 -23.22 -7.18
CA PRO B 10 -13.92 -23.86 -5.86
C PRO B 10 -15.29 -23.91 -5.18
N ALA B 11 -15.50 -24.97 -4.42
CA ALA B 11 -16.80 -25.18 -3.80
C ALA B 11 -16.92 -24.57 -2.41
N ARG B 12 -15.93 -23.81 -1.97
CA ARG B 12 -15.95 -23.22 -0.63
C ARG B 12 -15.11 -21.94 -0.69
N LEU B 13 -15.78 -20.80 -0.76
CA LEU B 13 -15.12 -19.51 -0.96
C LEU B 13 -14.97 -18.80 0.38
N ASN B 14 -13.76 -18.30 0.65
CA ASN B 14 -13.48 -17.54 1.84
C ASN B 14 -13.53 -16.05 1.53
N PHE B 15 -14.18 -15.28 2.40
CA PHE B 15 -14.48 -13.87 2.11
C PHE B 15 -13.27 -12.95 1.94
N PRO B 16 -12.23 -12.93 2.79
CA PRO B 16 -11.13 -11.98 2.53
C PRO B 16 -10.15 -12.40 1.45
N SER B 17 -10.37 -13.53 0.77
CA SER B 17 -9.46 -14.02 -0.26
C SER B 17 -10.04 -13.81 -1.65
N VAL B 18 -9.20 -14.05 -2.66
CA VAL B 18 -9.62 -14.04 -4.05
C VAL B 18 -9.66 -15.48 -4.54
N GLN B 19 -10.49 -15.75 -5.54
CA GLN B 19 -10.66 -17.11 -6.01
C GLN B 19 -10.63 -17.15 -7.53
N LYS B 20 -10.15 -18.27 -8.07
CA LYS B 20 -10.14 -18.48 -9.51
C LYS B 20 -11.49 -19.01 -9.98
N VAL B 21 -11.75 -18.81 -11.27
CA VAL B 21 -12.86 -19.49 -11.95
C VAL B 21 -12.42 -19.72 -13.39
N CYS B 22 -12.77 -20.89 -13.92
CA CYS B 22 -12.21 -21.35 -15.19
C CYS B 22 -13.31 -21.74 -16.16
N LEU B 23 -13.05 -21.48 -17.44
CA LEU B 23 -13.99 -21.83 -18.51
C LEU B 23 -13.18 -22.41 -19.66
N ASP B 24 -13.55 -23.62 -20.09
CA ASP B 24 -12.86 -24.34 -21.15
C ASP B 24 -13.86 -24.61 -22.27
N LEU B 25 -13.47 -24.36 -23.51
CA LEU B 25 -14.38 -24.39 -24.63
C LEU B 25 -13.80 -25.15 -25.81
N SER B 26 -14.65 -25.94 -26.45
CA SER B 26 -14.29 -26.72 -27.61
C SER B 26 -14.11 -25.83 -28.84
N PRO B 27 -13.43 -26.33 -29.87
CA PRO B 27 -13.63 -25.76 -31.20
C PRO B 27 -15.07 -25.91 -31.65
N GLY B 28 -15.55 -24.93 -32.40
CA GLY B 28 -16.96 -24.73 -32.59
C GLY B 28 -17.32 -23.42 -31.94
N TYR B 29 -18.62 -23.23 -31.64
CA TYR B 29 -19.19 -22.00 -31.06
C TYR B 29 -18.87 -20.82 -31.96
N SER B 30 -18.18 -19.78 -31.48
CA SER B 30 -17.81 -18.53 -32.15
C SER B 30 -19.00 -17.70 -32.63
N ASP B 31 -20.21 -18.02 -32.17
CA ASP B 31 -21.38 -17.19 -32.41
C ASP B 31 -22.25 -17.07 -31.17
N VAL B 32 -21.92 -17.77 -30.09
CA VAL B 32 -22.63 -17.67 -28.83
C VAL B 32 -21.75 -16.90 -27.85
N LYS B 33 -22.40 -16.34 -26.83
CA LYS B 33 -21.73 -15.59 -25.79
C LYS B 33 -22.03 -16.26 -24.45
N PHE B 34 -20.99 -16.81 -23.84
CA PHE B 34 -21.06 -17.41 -22.52
C PHE B 34 -20.91 -16.34 -21.44
N THR B 35 -21.84 -16.33 -20.50
CA THR B 35 -21.71 -15.57 -19.27
C THR B 35 -21.71 -16.56 -18.13
N VAL B 36 -20.64 -16.54 -17.34
CA VAL B 36 -20.69 -17.17 -16.02
C VAL B 36 -20.79 -16.03 -15.01
N THR B 37 -21.68 -16.20 -14.05
CA THR B 37 -21.90 -15.17 -13.05
C THR B 37 -22.26 -15.81 -11.72
N LEU B 38 -21.97 -15.08 -10.65
CA LEU B 38 -22.16 -15.58 -9.29
C LEU B 38 -23.16 -14.65 -8.61
N GLU B 39 -24.39 -15.14 -8.42
CA GLU B 39 -25.40 -14.36 -7.75
C GLU B 39 -25.53 -14.78 -6.29
N THR B 40 -25.79 -13.79 -5.44
CA THR B 40 -26.03 -13.96 -4.02
C THR B 40 -27.21 -13.06 -3.67
N LYS B 41 -27.49 -12.89 -2.37
CA LYS B 41 -28.73 -12.27 -1.93
C LYS B 41 -28.68 -10.75 -1.90
N ASP B 42 -27.59 -10.13 -2.33
CA ASP B 42 -27.56 -8.68 -2.45
C ASP B 42 -26.98 -8.15 -3.77
N LYS B 43 -26.18 -8.92 -4.50
CA LYS B 43 -25.57 -8.44 -5.72
C LYS B 43 -25.31 -9.62 -6.65
N THR B 44 -25.05 -9.29 -7.91
CA THR B 44 -24.76 -10.28 -8.93
C THR B 44 -23.69 -9.70 -9.84
N GLN B 45 -22.46 -10.18 -9.71
CA GLN B 45 -21.37 -9.71 -10.55
C GLN B 45 -21.11 -10.71 -11.67
N LYS B 46 -20.89 -10.17 -12.86
CA LYS B 46 -20.66 -11.00 -14.05
C LYS B 46 -19.21 -11.43 -14.06
N LEU B 47 -18.96 -12.73 -13.84
CA LEU B 47 -17.59 -13.21 -13.75
C LEU B 47 -16.93 -13.25 -15.12
N LEU B 48 -17.63 -13.76 -16.14
CA LEU B 48 -17.10 -13.76 -17.50
C LEU B 48 -18.22 -13.50 -18.50
N GLU B 49 -18.10 -12.37 -19.21
CA GLU B 49 -18.66 -12.18 -20.55
C GLU B 49 -17.61 -12.63 -21.54
N TYR B 50 -17.98 -13.58 -22.39
CA TYR B 50 -16.98 -14.35 -23.11
C TYR B 50 -17.59 -14.99 -24.34
N SER B 51 -17.17 -14.59 -25.52
CA SER B 51 -17.66 -15.29 -26.70
C SER B 51 -16.73 -16.45 -27.04
N GLY B 52 -17.26 -17.39 -27.82
CA GLY B 52 -16.51 -18.59 -28.14
C GLY B 52 -15.40 -18.32 -29.15
N LEU B 53 -14.46 -19.25 -29.21
CA LEU B 53 -13.35 -19.17 -30.14
C LEU B 53 -13.34 -20.42 -31.01
N LYS B 54 -12.63 -20.32 -32.15
CA LYS B 54 -12.61 -21.40 -33.12
C LYS B 54 -11.73 -22.58 -32.70
N LYS B 55 -10.94 -22.44 -31.64
CA LYS B 55 -10.16 -23.52 -31.06
C LYS B 55 -10.71 -23.88 -29.69
N ARG B 56 -10.02 -24.79 -29.02
CA ARG B 56 -10.27 -25.05 -27.61
C ARG B 56 -9.50 -24.03 -26.77
N HIS B 57 -10.19 -23.32 -25.89
CA HIS B 57 -9.53 -22.31 -25.08
C HIS B 57 -9.88 -22.48 -23.62
N LEU B 58 -8.88 -22.28 -22.76
CA LEU B 58 -9.03 -22.29 -21.31
C LEU B 58 -8.76 -20.90 -20.78
N HIS B 59 -9.80 -20.23 -20.31
CA HIS B 59 -9.68 -18.89 -19.77
C HIS B 59 -10.09 -18.89 -18.32
N CYS B 60 -9.21 -18.40 -17.45
CA CYS B 60 -9.47 -18.39 -16.02
C CYS B 60 -9.20 -17.00 -15.46
N ILE B 61 -10.11 -16.53 -14.62
CA ILE B 61 -10.01 -15.19 -14.06
C ILE B 61 -10.12 -15.28 -12.55
N SER B 62 -9.52 -14.31 -11.87
CA SER B 62 -9.53 -14.25 -10.42
C SER B 62 -10.48 -13.15 -9.99
N PHE B 63 -11.37 -13.46 -9.05
CA PHE B 63 -12.38 -12.52 -8.61
C PHE B 63 -12.39 -12.44 -7.09
N LEU B 64 -12.73 -11.26 -6.59
CA LEU B 64 -12.99 -11.08 -5.16
C LEU B 64 -14.31 -11.72 -4.79
N VAL B 65 -14.33 -12.37 -3.63
CA VAL B 65 -15.53 -13.09 -3.17
C VAL B 65 -16.56 -12.07 -2.69
N PRO B 66 -17.85 -12.24 -3.03
CA PRO B 66 -18.86 -11.32 -2.53
C PRO B 66 -19.05 -11.45 -1.03
N PRO B 67 -19.51 -10.39 -0.35
CA PRO B 67 -19.66 -10.46 1.10
C PRO B 67 -20.82 -11.37 1.50
N PRO B 68 -20.76 -11.96 2.69
CA PRO B 68 -21.86 -12.83 3.15
C PRO B 68 -23.11 -12.04 3.49
N ALA B 69 -24.19 -12.29 2.76
CA ALA B 69 -25.46 -11.64 3.04
C ALA B 69 -26.10 -12.21 4.30
N GLY B 70 -25.83 -13.48 4.62
CA GLY B 70 -26.28 -14.05 5.87
C GLY B 70 -25.48 -13.61 7.08
N GLY B 71 -24.33 -12.98 6.86
CA GLY B 71 -23.52 -12.45 7.94
C GLY B 71 -22.20 -13.18 8.09
N THR B 72 -22.25 -14.52 8.06
CA THR B 72 -21.03 -15.31 8.11
C THR B 72 -21.01 -16.50 7.16
N GLU B 73 -22.14 -16.91 6.59
CA GLU B 73 -22.22 -18.15 5.81
C GLU B 73 -23.49 -18.11 4.99
N GLU B 74 -23.38 -18.35 3.68
CA GLU B 74 -24.54 -18.35 2.81
C GLU B 74 -24.28 -19.27 1.63
N VAL B 75 -25.36 -19.59 0.92
CA VAL B 75 -25.30 -20.40 -0.28
C VAL B 75 -25.55 -19.47 -1.46
N ALA B 76 -24.50 -19.16 -2.22
CA ALA B 76 -24.63 -18.44 -3.46
C ALA B 76 -24.83 -19.43 -4.61
N THR B 77 -25.05 -18.90 -5.80
CA THR B 77 -25.25 -19.75 -6.97
C THR B 77 -24.39 -19.23 -8.11
N ILE B 78 -23.65 -20.11 -8.77
CA ILE B 78 -22.97 -19.75 -10.01
C ILE B 78 -23.75 -20.35 -11.17
N ARG B 79 -23.95 -19.55 -12.21
CA ARG B 79 -24.66 -20.02 -13.38
C ARG B 79 -23.89 -19.67 -14.65
N VAL B 80 -24.06 -20.56 -15.63
CA VAL B 80 -23.50 -20.41 -16.97
C VAL B 80 -24.67 -20.26 -17.96
N SER B 81 -24.51 -19.35 -18.91
CA SER B 81 -25.54 -19.07 -19.90
C SER B 81 -24.86 -18.72 -21.21
N GLY B 82 -24.96 -19.62 -22.17
CA GLY B 82 -24.50 -19.34 -23.52
C GLY B 82 -25.65 -18.89 -24.39
N VAL B 83 -25.71 -17.59 -24.68
CA VAL B 83 -26.84 -17.01 -25.39
C VAL B 83 -26.36 -16.45 -26.73
N GLY B 84 -27.14 -16.71 -27.78
CA GLY B 84 -26.83 -16.15 -29.08
C GLY B 84 -27.17 -17.07 -30.23
N ASN B 85 -27.67 -16.46 -31.33
CA ASN B 85 -28.00 -17.11 -32.60
C ASN B 85 -28.97 -18.28 -32.41
N ASN B 86 -30.10 -17.93 -31.78
CA ASN B 86 -31.13 -18.72 -31.08
C ASN B 86 -30.58 -19.99 -30.43
N ILE B 87 -29.48 -19.83 -29.68
CA ILE B 87 -28.91 -20.88 -28.84
C ILE B 87 -28.90 -20.35 -27.42
N SER B 88 -29.55 -21.07 -26.51
CA SER B 88 -29.67 -20.67 -25.11
C SER B 88 -29.31 -21.84 -24.20
N PHE B 89 -28.02 -21.98 -23.90
CA PHE B 89 -27.57 -22.89 -22.87
C PHE B 89 -27.69 -22.23 -21.51
N GLU B 90 -28.23 -22.94 -20.54
CA GLU B 90 -28.40 -22.37 -19.20
C GLU B 90 -28.26 -23.48 -18.17
N GLU B 91 -27.24 -23.37 -17.31
CA GLU B 91 -27.06 -24.30 -16.21
C GLU B 91 -26.67 -23.53 -14.96
N LYS B 92 -26.89 -24.13 -13.80
CA LYS B 92 -26.59 -23.46 -12.53
C LYS B 92 -26.24 -24.50 -11.48
N LYS B 93 -25.46 -24.06 -10.49
CA LYS B 93 -25.05 -24.91 -9.38
C LYS B 93 -24.78 -24.05 -8.16
N LYS B 94 -25.13 -24.60 -7.00
CA LYS B 94 -25.00 -23.88 -5.73
C LYS B 94 -23.59 -24.04 -5.18
N VAL B 95 -23.10 -22.98 -4.52
CA VAL B 95 -21.77 -22.95 -3.95
C VAL B 95 -21.89 -22.26 -2.59
N LEU B 96 -20.95 -22.55 -1.70
CA LEU B 96 -20.99 -22.04 -0.33
C LEU B 96 -19.96 -20.94 -0.14
N ILE B 97 -20.37 -19.88 0.54
CA ILE B 97 -19.46 -18.78 0.91
C ILE B 97 -19.48 -18.68 2.43
N GLN B 98 -18.31 -18.79 3.04
CA GLN B 98 -18.18 -18.66 4.50
C GLN B 98 -16.94 -17.86 4.81
N ARG B 99 -16.92 -17.29 6.02
CA ARG B 99 -15.74 -16.58 6.50
C ARG B 99 -14.66 -17.58 6.88
N GLN B 100 -13.41 -17.26 6.54
CA GLN B 100 -12.31 -18.16 6.80
C GLN B 100 -11.93 -18.15 8.28
N GLY B 101 -11.37 -19.27 8.73
CA GLY B 101 -11.04 -19.44 10.13
C GLY B 101 -9.82 -18.66 10.57
N ASN B 102 -10.00 -17.69 11.45
CA ASN B 102 -8.89 -16.91 11.99
C ASN B 102 -8.22 -17.75 13.06
N GLY B 103 -7.10 -18.38 12.71
CA GLY B 103 -6.34 -19.13 13.69
C GLY B 103 -5.60 -18.20 14.63
N THR B 104 -5.32 -18.68 15.84
CA THR B 104 -4.70 -17.85 16.86
C THR B 104 -3.87 -18.73 17.78
N PHE B 105 -2.59 -18.40 17.92
CA PHE B 105 -1.76 -19.08 18.92
C PHE B 105 -1.09 -18.07 19.83
N VAL B 106 -0.83 -18.50 21.05
CA VAL B 106 -0.10 -17.73 22.04
C VAL B 106 1.16 -18.51 22.43
N GLN B 107 2.30 -17.83 22.41
CA GLN B 107 3.50 -18.39 23.01
C GLN B 107 3.92 -17.52 24.18
N THR B 108 4.64 -18.13 25.11
CA THR B 108 5.31 -17.45 26.20
C THR B 108 6.81 -17.65 26.07
N ASP B 109 7.57 -16.88 26.84
CA ASP B 109 9.01 -17.03 26.81
C ASP B 109 9.45 -18.33 27.48
N LYS B 110 8.93 -18.61 28.66
CA LYS B 110 9.17 -19.89 29.30
C LYS B 110 7.85 -20.60 29.51
N PRO B 111 7.84 -21.94 29.52
CA PRO B 111 6.66 -22.68 29.98
C PRO B 111 6.58 -22.88 31.48
N LEU B 112 7.44 -22.21 32.25
CA LEU B 112 7.59 -22.50 33.68
C LEU B 112 8.26 -21.31 34.34
N TYR B 113 7.69 -20.81 35.44
CA TYR B 113 8.20 -19.63 36.11
C TYR B 113 8.26 -19.83 37.60
N THR B 114 9.31 -19.29 38.23
CA THR B 114 9.20 -19.03 39.65
C THR B 114 8.31 -17.82 39.87
N PRO B 115 7.64 -17.73 41.01
CA PRO B 115 6.99 -16.46 41.38
C PRO B 115 8.03 -15.37 41.60
N GLY B 116 7.68 -14.15 41.19
CA GLY B 116 8.60 -13.04 41.25
C GLY B 116 9.32 -12.74 39.95
N GLN B 117 8.91 -13.35 38.85
CA GLN B 117 9.52 -13.10 37.54
C GLN B 117 8.48 -12.51 36.60
N GLN B 118 8.94 -12.12 35.42
CA GLN B 118 8.12 -11.39 34.46
C GLN B 118 7.69 -12.35 33.34
N VAL B 119 6.38 -12.45 33.13
CA VAL B 119 5.81 -13.35 32.12
C VAL B 119 5.55 -12.53 30.87
N TYR B 120 6.20 -12.91 29.77
CA TYR B 120 5.99 -12.30 28.47
C TYR B 120 5.19 -13.27 27.62
N PHE B 121 4.34 -12.72 26.74
CA PHE B 121 3.60 -13.58 25.82
C PHE B 121 3.26 -12.83 24.54
N ARG B 122 3.28 -13.57 23.43
CA ARG B 122 2.89 -13.08 22.12
C ARG B 122 1.66 -13.84 21.66
N ILE B 123 0.67 -13.10 21.15
CA ILE B 123 -0.55 -13.69 20.63
C ILE B 123 -0.68 -13.30 19.15
N VAL B 124 -0.86 -14.31 18.30
CA VAL B 124 -0.80 -14.16 16.85
C VAL B 124 -2.10 -14.68 16.24
N THR B 125 -2.70 -13.88 15.36
CA THR B 125 -3.77 -14.32 14.47
C THR B 125 -3.20 -14.77 13.13
N MET B 126 -4.03 -15.45 12.36
CA MET B 126 -3.55 -16.18 11.21
C MET B 126 -4.71 -16.42 10.26
N ASP B 127 -4.46 -16.32 8.96
CA ASP B 127 -5.44 -16.73 7.97
C ASP B 127 -5.12 -18.13 7.45
N SER B 128 -6.05 -18.66 6.65
CA SER B 128 -5.83 -19.95 6.02
C SER B 128 -4.80 -19.90 4.91
N ASN B 129 -4.52 -18.72 4.36
CA ASN B 129 -3.40 -18.51 3.46
C ASN B 129 -2.14 -18.07 4.19
N PHE B 130 -2.14 -18.21 5.53
CA PHE B 130 -1.01 -17.94 6.43
C PHE B 130 -0.56 -16.48 6.41
N VAL B 131 -1.47 -15.56 6.11
CA VAL B 131 -1.14 -14.15 6.25
C VAL B 131 -1.76 -13.64 7.55
N PRO B 132 -1.04 -12.82 8.31
CA PRO B 132 -1.60 -12.34 9.58
C PRO B 132 -2.60 -11.21 9.37
N VAL B 133 -3.54 -11.11 10.30
CA VAL B 133 -4.49 -10.01 10.30
C VAL B 133 -4.30 -9.18 11.55
N ASN B 134 -4.44 -7.88 11.40
CA ASN B 134 -4.41 -6.93 12.52
C ASN B 134 -5.84 -6.63 12.99
N ASP B 135 -6.54 -7.70 13.35
CA ASP B 135 -7.89 -7.58 13.85
C ASP B 135 -7.88 -6.97 15.25
N LYS B 136 -8.90 -6.17 15.53
CA LYS B 136 -8.95 -5.42 16.78
C LYS B 136 -9.30 -6.37 17.92
N TYR B 137 -8.36 -6.54 18.85
CA TYR B 137 -8.59 -7.41 19.99
C TYR B 137 -9.52 -6.72 20.97
N SER B 138 -10.55 -7.42 21.44
CA SER B 138 -11.45 -6.85 22.42
C SER B 138 -10.78 -6.81 23.79
N MET B 139 -10.44 -7.98 24.33
CA MET B 139 -9.81 -8.07 25.64
C MET B 139 -9.01 -9.36 25.70
N VAL B 140 -7.90 -9.31 26.45
CA VAL B 140 -7.18 -10.51 26.82
C VAL B 140 -7.07 -10.54 28.34
N GLU B 141 -7.07 -11.76 28.88
CA GLU B 141 -7.18 -11.95 30.32
C GLU B 141 -6.18 -12.99 30.78
N LEU B 142 -5.71 -12.82 32.01
CA LEU B 142 -4.77 -13.74 32.62
C LEU B 142 -5.36 -14.21 33.94
N GLN B 143 -5.49 -15.52 34.09
CA GLN B 143 -6.24 -16.14 35.17
C GLN B 143 -5.33 -16.94 36.07
N ASP B 144 -5.52 -16.76 37.38
CA ASP B 144 -4.98 -17.65 38.40
C ASP B 144 -5.61 -19.03 38.24
N PRO B 145 -4.91 -20.09 38.64
CA PRO B 145 -5.48 -21.45 38.58
C PRO B 145 -6.66 -21.72 39.52
N ASN B 146 -7.04 -20.79 40.40
CA ASN B 146 -8.30 -20.84 41.12
C ASN B 146 -9.46 -20.21 40.34
N SER B 147 -9.32 -20.11 39.00
CA SER B 147 -10.29 -19.51 38.08
C SER B 147 -10.60 -18.05 38.45
N ASN B 148 -9.59 -17.33 38.89
CA ASN B 148 -9.70 -15.91 39.22
C ASN B 148 -8.85 -15.11 38.23
N ARG B 149 -9.47 -14.15 37.56
CA ARG B 149 -8.77 -13.34 36.57
C ARG B 149 -7.88 -12.34 37.29
N ILE B 150 -6.56 -12.50 37.16
CA ILE B 150 -5.61 -11.66 37.89
C ILE B 150 -5.09 -10.50 37.05
N ALA B 151 -5.18 -10.59 35.72
CA ALA B 151 -4.71 -9.49 34.89
C ALA B 151 -5.64 -9.32 33.69
N GLN B 152 -5.68 -8.09 33.17
CA GLN B 152 -6.68 -7.70 32.19
C GLN B 152 -6.12 -6.63 31.27
N TRP B 153 -6.23 -6.85 29.96
CA TRP B 153 -5.91 -5.82 28.98
C TRP B 153 -7.11 -5.63 28.05
N LEU B 154 -7.50 -4.37 27.85
CA LEU B 154 -8.57 -4.00 26.93
C LEU B 154 -8.00 -3.20 25.77
N GLU B 155 -8.49 -3.52 24.56
CA GLU B 155 -8.31 -2.74 23.32
C GLU B 155 -6.82 -2.62 22.96
N VAL B 156 -6.26 -3.75 22.59
CA VAL B 156 -4.88 -3.82 22.14
C VAL B 156 -4.88 -4.07 20.63
N VAL B 157 -4.06 -3.30 19.92
CA VAL B 157 -4.00 -3.34 18.46
C VAL B 157 -2.74 -4.12 18.05
N PRO B 158 -2.84 -5.05 17.10
CA PRO B 158 -1.64 -5.77 16.66
C PRO B 158 -0.72 -4.90 15.84
N GLU B 159 0.58 -5.15 16.00
CA GLU B 159 1.60 -4.58 15.13
C GLU B 159 2.11 -5.71 14.23
N GLN B 160 1.80 -5.60 12.93
CA GLN B 160 2.05 -6.60 11.89
C GLN B 160 1.47 -7.97 12.24
N GLY B 161 0.28 -7.97 12.82
CA GLY B 161 -0.47 -9.19 13.05
C GLY B 161 -0.29 -9.82 14.42
N ILE B 162 0.69 -9.37 15.21
CA ILE B 162 0.98 -10.00 16.49
C ILE B 162 0.85 -8.97 17.60
N VAL B 163 0.63 -9.46 18.83
CA VAL B 163 0.74 -8.60 20.00
C VAL B 163 1.79 -9.18 20.94
N ASP B 164 2.59 -8.27 21.53
CA ASP B 164 3.66 -8.58 22.46
C ASP B 164 3.32 -7.93 23.79
N LEU B 165 3.01 -8.72 24.80
CA LEU B 165 2.55 -8.21 26.07
C LEU B 165 3.40 -8.77 27.20
N SER B 166 3.43 -8.04 28.31
CA SER B 166 4.23 -8.39 29.47
C SER B 166 3.39 -8.24 30.73
N PHE B 167 3.75 -9.00 31.76
CA PHE B 167 3.10 -8.91 33.05
C PHE B 167 4.12 -9.24 34.13
N GLN B 168 4.03 -8.53 35.25
CA GLN B 168 4.88 -8.80 36.40
C GLN B 168 4.11 -9.66 37.39
N LEU B 169 4.57 -10.89 37.60
CA LEU B 169 3.96 -11.76 38.58
C LEU B 169 4.31 -11.30 39.99
N ALA B 170 3.43 -11.64 40.94
CA ALA B 170 3.66 -11.27 42.32
C ALA B 170 4.78 -12.12 42.93
N PRO B 171 5.54 -11.55 43.87
CA PRO B 171 6.55 -12.37 44.59
C PRO B 171 5.95 -13.41 45.50
N GLU B 172 4.68 -13.29 45.88
CA GLU B 172 3.98 -14.32 46.65
C GLU B 172 2.84 -14.94 45.86
N ALA B 173 2.95 -14.96 44.53
CA ALA B 173 1.91 -15.56 43.70
C ALA B 173 1.90 -17.07 43.88
N MET B 174 0.69 -17.63 44.01
CA MET B 174 0.56 -19.03 44.39
C MET B 174 0.82 -19.93 43.18
N LEU B 175 1.00 -21.21 43.44
CA LEU B 175 1.63 -22.12 42.51
C LEU B 175 0.57 -22.94 41.78
N GLY B 176 0.62 -22.92 40.45
CA GLY B 176 -0.33 -23.67 39.66
C GLY B 176 -0.26 -23.27 38.20
N THR B 177 -1.21 -23.79 37.43
CA THR B 177 -1.22 -23.59 35.98
C THR B 177 -2.04 -22.37 35.63
N TYR B 178 -1.38 -21.23 35.46
CA TYR B 178 -2.04 -19.98 35.10
C TYR B 178 -2.42 -20.03 33.62
N THR B 179 -3.44 -19.27 33.25
CA THR B 179 -3.99 -19.37 31.90
C THR B 179 -4.13 -17.99 31.27
N VAL B 180 -3.64 -17.86 30.03
CA VAL B 180 -3.89 -16.68 29.20
C VAL B 180 -5.02 -17.01 28.25
N ALA B 181 -6.07 -16.20 28.25
CA ALA B 181 -7.23 -16.41 27.39
C ALA B 181 -7.54 -15.15 26.62
N VAL B 182 -8.11 -15.32 25.43
CA VAL B 182 -8.43 -14.22 24.53
C VAL B 182 -9.92 -14.21 24.27
N ALA B 183 -10.61 -13.16 24.75
CA ALA B 183 -11.96 -12.77 24.37
C ALA B 183 -13.02 -13.84 24.66
N GLU B 184 -12.75 -14.66 25.69
CA GLU B 184 -13.55 -15.84 26.08
C GLU B 184 -13.74 -16.81 24.91
N GLY B 185 -12.70 -16.96 24.10
CA GLY B 185 -12.73 -17.80 22.93
C GLY B 185 -12.23 -19.20 23.21
N LYS B 186 -11.90 -19.91 22.14
CA LYS B 186 -11.40 -21.27 22.25
C LYS B 186 -9.89 -21.33 22.40
N THR B 187 -9.19 -20.21 22.28
CA THR B 187 -7.74 -20.19 22.42
C THR B 187 -7.34 -19.91 23.87
N PHE B 188 -6.32 -20.63 24.33
CA PHE B 188 -5.82 -20.48 25.68
C PHE B 188 -4.38 -21.00 25.72
N GLY B 189 -3.57 -20.38 26.56
CA GLY B 189 -2.22 -20.83 26.79
C GLY B 189 -1.90 -20.96 28.25
N THR B 190 -1.56 -22.15 28.70
CA THR B 190 -1.32 -22.42 30.12
C THR B 190 0.17 -22.43 30.38
N PHE B 191 0.60 -21.72 31.42
CA PHE B 191 1.97 -21.81 31.91
C PHE B 191 1.95 -22.15 33.39
N SER B 192 2.78 -23.11 33.78
CA SER B 192 2.85 -23.51 35.17
C SER B 192 3.76 -22.56 35.93
N VAL B 193 3.41 -22.29 37.19
CA VAL B 193 4.24 -21.50 38.09
C VAL B 193 4.46 -22.32 39.35
N GLU B 194 5.71 -22.70 39.60
CA GLU B 194 6.10 -23.33 40.86
C GLU B 194 7.58 -23.08 41.09
N GLU B 195 8.03 -23.44 42.29
CA GLU B 195 9.45 -23.35 42.61
C GLU B 195 10.21 -24.47 41.90
N TYR B 196 11.41 -24.15 41.41
CA TYR B 196 12.21 -25.15 40.73
C TYR B 196 13.69 -24.84 40.87
N VAL B 197 14.50 -25.78 40.40
CA VAL B 197 15.93 -25.59 40.22
C VAL B 197 16.30 -26.19 38.85
N LEU B 198 17.21 -25.54 38.14
CA LEU B 198 17.50 -25.91 36.76
C LEU B 198 18.34 -27.18 36.70
N PRO B 199 17.93 -28.21 35.97
CA PRO B 199 18.75 -29.41 35.81
C PRO B 199 19.86 -29.16 34.82
N LYS B 200 21.08 -29.55 35.17
CA LYS B 200 22.19 -29.35 34.26
C LYS B 200 22.41 -30.52 33.31
N PHE B 201 21.69 -31.63 33.48
CA PHE B 201 21.90 -32.80 32.64
C PHE B 201 20.59 -33.48 32.31
N LYS B 202 20.57 -34.20 31.21
CA LYS B 202 19.44 -34.99 30.79
C LYS B 202 19.89 -36.42 30.55
N VAL B 203 18.91 -37.31 30.44
CA VAL B 203 19.15 -38.74 30.21
C VAL B 203 18.07 -39.28 29.28
N GLU B 204 18.47 -40.12 28.33
CA GLU B 204 17.53 -40.73 27.40
C GLU B 204 18.07 -42.08 26.96
N VAL B 205 17.16 -42.92 26.45
CA VAL B 205 17.57 -44.19 25.88
C VAL B 205 18.19 -43.97 24.50
N VAL B 206 19.00 -44.93 24.07
CA VAL B 206 19.62 -44.84 22.76
C VAL B 206 19.22 -46.04 21.92
N GLU B 207 19.60 -47.24 22.36
CA GLU B 207 19.32 -48.44 21.59
C GLU B 207 17.91 -49.02 21.76
N PRO B 208 17.31 -49.17 23.00
CA PRO B 208 15.93 -49.69 23.02
C PRO B 208 14.89 -48.67 22.58
N LYS B 209 14.43 -48.83 21.35
CA LYS B 209 13.39 -47.99 20.80
C LYS B 209 12.25 -48.77 20.18
N GLU B 210 12.47 -50.02 19.79
CA GLU B 210 11.44 -50.92 19.32
C GLU B 210 11.71 -52.31 19.90
N LEU B 211 10.64 -53.02 20.24
CA LEU B 211 10.74 -54.39 20.71
C LEU B 211 9.83 -55.28 19.87
N SER B 212 10.44 -56.19 19.12
CA SER B 212 9.73 -57.23 18.41
C SER B 212 9.91 -58.56 19.15
N THR B 213 8.97 -59.47 18.94
CA THR B 213 8.93 -60.72 19.69
C THR B 213 9.96 -61.74 19.22
N VAL B 214 10.60 -61.52 18.06
CA VAL B 214 11.56 -62.50 17.54
C VAL B 214 12.95 -62.34 18.13
N GLN B 215 13.18 -61.33 18.96
CA GLN B 215 14.49 -61.14 19.57
C GLN B 215 14.72 -62.15 20.68
N GLU B 216 15.99 -62.31 21.06
CA GLU B 216 16.37 -63.16 22.18
C GLU B 216 16.72 -62.32 23.42
N SER B 217 17.69 -61.42 23.29
CA SER B 217 18.03 -60.48 24.33
C SER B 217 18.34 -59.14 23.68
N PHE B 218 17.84 -58.06 24.26
CA PHE B 218 17.96 -56.74 23.67
C PHE B 218 18.81 -55.84 24.55
N LEU B 219 19.62 -55.01 23.90
CA LEU B 219 20.48 -54.09 24.63
C LEU B 219 19.66 -52.93 25.18
N VAL B 220 19.96 -52.53 26.40
CA VAL B 220 19.50 -51.27 26.97
C VAL B 220 20.71 -50.35 27.03
N LYS B 221 20.71 -49.34 26.18
CA LYS B 221 21.77 -48.34 26.14
C LYS B 221 21.16 -47.03 26.63
N ILE B 222 21.26 -46.81 27.92
CA ILE B 222 20.85 -45.53 28.49
C ILE B 222 22.04 -44.60 28.35
N CYS B 223 21.79 -43.31 28.19
CA CYS B 223 22.92 -42.38 28.08
C CYS B 223 22.48 -41.02 28.61
N CYS B 224 23.37 -40.43 29.40
CA CYS B 224 23.12 -39.16 30.08
C CYS B 224 24.19 -38.14 29.70
N ARG B 225 23.73 -36.96 29.29
CA ARG B 225 24.60 -35.90 28.80
C ARG B 225 24.31 -34.60 29.52
N TYR B 226 25.33 -33.76 29.66
CA TYR B 226 25.10 -32.41 30.10
C TYR B 226 24.45 -31.59 28.99
N THR B 227 23.95 -30.41 29.37
CA THR B 227 23.33 -29.54 28.38
C THR B 227 24.35 -28.90 27.46
N TYR B 228 25.60 -28.76 27.91
CA TYR B 228 26.65 -28.19 27.10
C TYR B 228 27.41 -29.22 26.27
N GLY B 229 26.77 -30.35 25.96
CA GLY B 229 27.32 -31.31 25.03
C GLY B 229 28.40 -32.22 25.58
N LYS B 230 28.63 -32.21 26.88
CA LYS B 230 29.70 -33.04 27.40
C LYS B 230 29.13 -34.25 28.13
N PRO B 231 29.81 -35.40 28.07
CA PRO B 231 29.33 -36.57 28.80
C PRO B 231 29.58 -36.42 30.30
N MET B 232 28.85 -37.20 31.07
CA MET B 232 28.95 -37.13 32.51
C MET B 232 29.07 -38.53 33.11
N LEU B 233 29.79 -38.59 34.23
CA LEU B 233 29.96 -39.82 34.99
C LEU B 233 28.92 -39.83 36.09
N GLY B 234 28.38 -41.00 36.40
CA GLY B 234 27.39 -41.05 37.48
C GLY B 234 26.96 -42.47 37.74
N ALA B 235 26.06 -42.59 38.72
CA ALA B 235 25.48 -43.88 39.08
C ALA B 235 24.08 -43.97 38.49
N VAL B 236 23.83 -45.02 37.71
CA VAL B 236 22.61 -45.17 36.95
C VAL B 236 21.85 -46.37 37.47
N GLN B 237 20.58 -46.18 37.79
CA GLN B 237 19.69 -47.27 38.18
C GLN B 237 18.51 -47.28 37.22
N VAL B 238 18.38 -48.36 36.46
CA VAL B 238 17.37 -48.48 35.42
C VAL B 238 16.40 -49.58 35.85
N SER B 239 15.11 -49.24 35.92
CA SER B 239 14.07 -50.23 36.12
C SER B 239 13.36 -50.44 34.80
N VAL B 240 13.58 -51.59 34.17
CA VAL B 240 12.84 -51.99 32.99
C VAL B 240 11.73 -52.94 33.44
N CYS B 241 10.49 -52.62 33.10
CA CYS B 241 9.42 -53.38 33.71
C CYS B 241 8.26 -53.57 32.74
N GLN B 242 7.66 -54.75 32.81
CA GLN B 242 6.42 -55.07 32.10
C GLN B 242 5.29 -55.12 33.13
N LYS B 243 4.31 -54.23 32.96
CA LYS B 243 3.17 -54.20 33.85
C LYS B 243 2.19 -55.31 33.50
N ALA B 244 1.48 -55.78 34.52
CA ALA B 244 0.38 -56.71 34.31
C ALA B 244 -0.81 -55.95 33.76
N ASN B 245 -1.33 -56.40 32.62
CA ASN B 245 -2.45 -55.71 31.99
C ASN B 245 -3.74 -55.97 32.75
N THR B 246 -4.47 -54.90 33.05
CA THR B 246 -5.78 -55.04 33.66
C THR B 246 -6.77 -55.57 32.63
N TYR B 247 -7.64 -56.46 33.07
CA TYR B 247 -8.59 -57.10 32.18
C TYR B 247 -9.71 -56.15 31.79
N TRP B 248 -10.34 -56.44 30.66
CA TRP B 248 -11.41 -55.58 30.17
C TRP B 248 -12.68 -55.73 31.00
N TYR B 249 -12.89 -56.89 31.60
CA TYR B 249 -14.00 -57.08 32.53
C TYR B 249 -13.57 -56.60 33.91
N ARG B 250 -14.10 -55.45 34.32
CA ARG B 250 -13.75 -54.84 35.61
C ARG B 250 -14.75 -55.23 36.70
N GLU B 251 -15.00 -56.53 36.85
CA GLU B 251 -15.91 -57.00 37.90
C GLU B 251 -15.41 -58.21 38.66
N VAL B 252 -14.47 -58.99 38.14
CA VAL B 252 -14.08 -60.26 38.73
C VAL B 252 -12.62 -60.51 38.40
N GLU B 253 -11.94 -61.29 39.28
CA GLU B 253 -10.50 -61.56 39.27
C GLU B 253 -9.68 -60.26 39.38
N ARG B 254 -9.83 -59.63 40.54
CA ARG B 254 -9.02 -58.47 40.90
C ARG B 254 -7.61 -58.83 41.35
N GLU B 255 -7.34 -60.11 41.58
CA GLU B 255 -6.00 -60.55 41.97
C GLU B 255 -5.06 -60.46 40.77
N GLN B 256 -4.04 -59.61 40.91
CA GLN B 256 -3.14 -59.27 39.81
C GLN B 256 -1.73 -59.79 40.12
N LEU B 257 -1.11 -60.38 39.10
CA LEU B 257 0.26 -60.85 39.23
C LEU B 257 1.21 -59.66 39.30
N PRO B 258 2.27 -59.74 40.11
CA PRO B 258 3.21 -58.62 40.24
C PRO B 258 3.98 -58.34 38.96
N ASP B 259 4.32 -57.06 38.77
CA ASP B 259 4.87 -56.59 37.51
C ASP B 259 6.29 -57.08 37.32
N LYS B 260 6.58 -57.59 36.12
CA LYS B 260 7.87 -58.22 35.83
C LYS B 260 8.89 -57.12 35.64
N CYS B 261 9.52 -56.72 36.74
CA CYS B 261 10.51 -55.66 36.74
C CYS B 261 11.91 -56.25 36.85
N ARG B 262 12.88 -55.54 36.26
CA ARG B 262 14.29 -55.87 36.34
C ARG B 262 15.03 -54.58 36.66
N ASN B 263 15.83 -54.61 37.71
CA ASN B 263 16.58 -53.45 38.19
C ASN B 263 18.05 -53.63 37.85
N LEU B 264 18.64 -52.62 37.21
CA LEU B 264 20.01 -52.69 36.71
C LEU B 264 20.77 -51.50 37.25
N SER B 265 21.88 -51.77 37.92
CA SER B 265 22.75 -50.73 38.46
C SER B 265 24.03 -50.67 37.62
N GLY B 266 24.52 -49.46 37.40
CA GLY B 266 25.72 -49.32 36.60
C GLY B 266 26.39 -47.99 36.79
N GLN B 267 27.61 -47.92 36.27
CA GLN B 267 28.38 -46.68 36.19
C GLN B 267 28.66 -46.39 34.72
N THR B 268 28.48 -45.14 34.32
CA THR B 268 28.68 -44.76 32.93
C THR B 268 30.17 -44.74 32.59
N ASP B 269 30.45 -44.90 31.30
CA ASP B 269 31.81 -45.00 30.80
C ASP B 269 32.40 -43.60 30.59
N LYS B 270 33.53 -43.54 29.87
CA LYS B 270 34.16 -42.28 29.55
C LYS B 270 33.31 -41.47 28.56
N THR B 271 32.55 -42.14 27.70
CA THR B 271 31.59 -41.49 26.83
C THR B 271 30.24 -41.26 27.50
N GLY B 272 30.08 -41.72 28.74
CA GLY B 272 28.89 -41.43 29.53
C GLY B 272 27.61 -42.08 29.09
N CYS B 273 27.69 -43.25 28.46
CA CYS B 273 26.50 -43.99 28.05
C CYS B 273 26.63 -45.41 28.60
N PHE B 274 25.70 -45.81 29.45
CA PHE B 274 25.72 -47.12 30.09
C PHE B 274 24.93 -48.13 29.26
N SER B 275 25.58 -49.23 28.90
CA SER B 275 24.97 -50.26 28.07
C SER B 275 24.95 -51.59 28.81
N ALA B 276 23.82 -52.29 28.75
CA ALA B 276 23.69 -53.61 29.37
C ALA B 276 22.63 -54.43 28.64
N PRO B 277 22.91 -55.68 28.30
CA PRO B 277 21.89 -56.52 27.66
C PRO B 277 20.88 -57.04 28.67
N VAL B 278 19.63 -57.13 28.25
CA VAL B 278 18.53 -57.66 29.05
C VAL B 278 17.88 -58.79 28.27
N ASP B 279 17.79 -59.96 28.88
CA ASP B 279 17.07 -61.07 28.29
C ASP B 279 15.57 -60.79 28.33
N MET B 280 14.94 -60.71 27.16
CA MET B 280 13.55 -60.32 27.05
C MET B 280 12.60 -61.49 27.21
N ALA B 281 13.11 -62.70 27.42
CA ALA B 281 12.27 -63.84 27.76
C ALA B 281 11.79 -63.81 29.20
N THR B 282 12.37 -62.94 30.04
CA THR B 282 11.86 -62.74 31.40
C THR B 282 10.47 -62.13 31.39
N PHE B 283 10.24 -61.16 30.50
CA PHE B 283 8.92 -60.55 30.39
C PHE B 283 7.97 -61.49 29.66
N ASP B 284 6.72 -61.54 30.15
CA ASP B 284 5.71 -62.45 29.62
C ASP B 284 5.09 -61.84 28.37
N LEU B 285 5.53 -62.30 27.21
CA LEU B 285 4.99 -61.82 25.95
C LEU B 285 3.79 -62.64 25.46
N ILE B 286 3.64 -63.87 25.96
CA ILE B 286 2.61 -64.75 25.42
C ILE B 286 1.24 -64.43 26.02
N GLY B 287 1.18 -64.29 27.34
CA GLY B 287 -0.10 -64.16 28.01
C GLY B 287 -0.72 -62.78 27.86
N TYR B 288 -2.05 -62.77 27.90
CA TYR B 288 -2.80 -61.52 27.82
C TYR B 288 -2.81 -60.77 29.15
N ALA B 289 -2.50 -61.46 30.26
CA ALA B 289 -2.55 -60.85 31.58
C ALA B 289 -1.42 -59.84 31.78
N TYR B 290 -0.30 -60.00 31.09
CA TYR B 290 0.75 -59.02 31.09
C TYR B 290 0.67 -58.16 29.83
N SER B 291 0.95 -56.87 29.98
CA SER B 291 0.79 -55.93 28.88
C SER B 291 1.88 -56.10 27.85
N HIS B 292 1.56 -55.73 26.61
CA HIS B 292 2.52 -55.76 25.50
C HIS B 292 3.22 -54.41 25.35
N GLN B 293 3.78 -53.92 26.45
CA GLN B 293 4.31 -52.56 26.50
C GLN B 293 5.32 -52.48 27.63
N ILE B 294 6.57 -52.30 27.31
CA ILE B 294 7.61 -52.22 28.32
C ILE B 294 7.75 -50.76 28.74
N ASN B 295 8.19 -50.55 29.98
CA ASN B 295 8.37 -49.21 30.52
C ASN B 295 9.73 -49.14 31.18
N ILE B 296 10.53 -48.16 30.78
CA ILE B 296 11.91 -48.01 31.24
C ILE B 296 11.99 -46.71 32.03
N VAL B 297 12.23 -46.82 33.34
CA VAL B 297 12.43 -45.65 34.19
C VAL B 297 13.88 -45.66 34.63
N ALA B 298 14.65 -44.68 34.17
CA ALA B 298 16.08 -44.62 34.46
C ALA B 298 16.36 -43.40 35.31
N THR B 299 16.97 -43.61 36.48
CA THR B 299 17.35 -42.53 37.38
C THR B 299 18.87 -42.48 37.46
N VAL B 300 19.43 -41.32 37.15
CA VAL B 300 20.88 -41.12 37.15
C VAL B 300 21.21 -40.07 38.21
N VAL B 301 22.15 -40.41 39.08
CA VAL B 301 22.62 -39.50 40.14
C VAL B 301 24.09 -39.19 39.91
N GLU B 302 24.43 -37.90 39.95
CA GLU B 302 25.80 -37.45 39.87
C GLU B 302 26.52 -37.76 41.18
N GLU B 303 27.82 -38.08 41.09
CA GLU B 303 28.56 -38.47 42.27
C GLU B 303 28.88 -37.25 43.13
N GLY B 304 28.75 -37.42 44.45
CA GLY B 304 29.08 -36.38 45.39
C GLY B 304 28.14 -35.21 45.44
N THR B 305 27.03 -35.23 44.71
CA THR B 305 26.12 -34.10 44.61
C THR B 305 24.72 -34.44 45.08
N GLY B 306 24.17 -35.57 44.65
CA GLY B 306 22.87 -36.01 45.08
C GLY B 306 21.72 -35.65 44.17
N VAL B 307 21.96 -34.81 43.16
CA VAL B 307 20.91 -34.49 42.20
C VAL B 307 20.66 -35.68 41.30
N GLU B 308 19.41 -35.85 40.87
CA GLU B 308 19.01 -37.00 40.08
C GLU B 308 18.14 -36.55 38.92
N ALA B 309 18.27 -37.27 37.81
CA ALA B 309 17.42 -37.06 36.65
C ALA B 309 16.81 -38.39 36.24
N ASN B 310 15.50 -38.39 36.02
CA ASN B 310 14.80 -39.60 35.61
C ASN B 310 14.24 -39.45 34.20
N ALA B 311 14.26 -40.54 33.46
CA ALA B 311 13.69 -40.62 32.12
C ALA B 311 12.70 -41.77 32.08
N THR B 312 11.53 -41.51 31.49
CA THR B 312 10.46 -42.50 31.35
C THR B 312 10.25 -42.76 29.88
N GLN B 313 10.66 -43.94 29.43
CA GLN B 313 10.53 -44.36 28.03
C GLN B 313 9.53 -45.50 27.97
N ASN B 314 8.38 -45.24 27.35
CA ASN B 314 7.31 -46.22 27.23
C ASN B 314 7.35 -46.78 25.81
N ILE B 315 7.78 -48.03 25.67
CA ILE B 315 7.96 -48.64 24.37
C ILE B 315 6.91 -49.73 24.18
N TYR B 316 6.08 -49.57 23.15
CA TYR B 316 5.13 -50.61 22.80
C TYR B 316 5.87 -51.81 22.19
N ILE B 317 5.48 -53.01 22.59
CA ILE B 317 6.03 -54.24 22.07
C ILE B 317 5.07 -54.78 21.02
N SER B 318 5.55 -54.92 19.79
CA SER B 318 4.66 -55.31 18.71
C SER B 318 5.11 -56.61 18.07
N PRO B 319 4.17 -57.51 17.73
CA PRO B 319 4.54 -58.72 17.00
C PRO B 319 4.76 -58.47 15.51
N GLN B 320 4.46 -57.29 15.01
CA GLN B 320 4.68 -56.95 13.62
C GLN B 320 6.17 -56.79 13.34
N MET B 321 6.64 -57.43 12.27
CA MET B 321 8.03 -57.32 11.85
C MET B 321 8.21 -56.67 10.49
N GLY B 322 7.13 -56.26 9.84
CA GLY B 322 7.23 -55.64 8.54
C GLY B 322 5.89 -55.06 8.10
N SER B 323 5.97 -54.14 7.15
CA SER B 323 4.79 -53.41 6.70
C SER B 323 4.84 -53.20 5.20
N MET B 324 3.87 -53.77 4.49
CA MET B 324 3.60 -53.45 3.10
C MET B 324 2.47 -52.43 3.04
N THR B 325 2.76 -51.26 2.46
CA THR B 325 1.79 -50.20 2.29
C THR B 325 1.88 -49.65 0.87
N PHE B 326 0.73 -49.33 0.29
CA PHE B 326 0.65 -48.66 -1.00
C PHE B 326 0.66 -47.16 -0.76
N GLU B 327 1.64 -46.46 -1.34
CA GLU B 327 1.75 -45.01 -1.16
C GLU B 327 1.89 -44.23 -2.46
N ASP B 328 2.28 -44.87 -3.56
CA ASP B 328 2.42 -44.20 -4.86
C ASP B 328 1.66 -45.05 -5.86
N THR B 329 0.34 -44.83 -5.92
CA THR B 329 -0.56 -45.65 -6.71
C THR B 329 -1.86 -44.88 -6.89
N SER B 330 -2.64 -45.31 -7.87
CA SER B 330 -3.93 -44.71 -8.17
C SER B 330 -5.05 -45.63 -7.76
N ASN B 331 -6.12 -45.06 -7.21
CA ASN B 331 -7.30 -45.84 -6.86
C ASN B 331 -8.06 -46.28 -8.12
N PHE B 332 -7.88 -45.58 -9.22
CA PHE B 332 -8.51 -45.88 -10.50
C PHE B 332 -7.50 -46.55 -11.43
N TYR B 333 -8.02 -47.13 -12.51
CA TYR B 333 -7.17 -47.63 -13.58
C TYR B 333 -7.88 -47.46 -14.92
N HIS B 334 -7.09 -47.17 -15.94
CA HIS B 334 -7.63 -47.13 -17.29
C HIS B 334 -7.73 -48.55 -17.86
N PRO B 335 -8.83 -48.87 -18.56
CA PRO B 335 -8.91 -50.18 -19.23
C PRO B 335 -7.91 -50.27 -20.36
N ASN B 336 -7.46 -51.52 -20.61
CA ASN B 336 -6.45 -52.04 -21.54
C ASN B 336 -5.27 -51.10 -21.82
N PHE B 337 -4.70 -50.55 -20.74
CA PHE B 337 -3.47 -49.76 -20.75
C PHE B 337 -2.69 -50.11 -19.50
N PRO B 338 -1.35 -50.04 -19.55
CA PRO B 338 -0.55 -50.44 -18.38
C PRO B 338 -0.71 -49.51 -17.18
N PHE B 339 -0.61 -50.11 -15.99
CA PHE B 339 -0.79 -49.42 -14.73
C PHE B 339 0.49 -49.55 -13.90
N SER B 340 0.94 -48.44 -13.34
CA SER B 340 2.20 -48.39 -12.61
C SER B 340 1.95 -48.07 -11.14
N GLY B 341 2.85 -48.54 -10.28
CA GLY B 341 2.75 -48.24 -8.87
C GLY B 341 4.04 -48.55 -8.15
N LYS B 342 4.13 -48.04 -6.92
CA LYS B 342 5.28 -48.27 -6.06
C LYS B 342 4.82 -48.66 -4.67
N ILE B 343 5.56 -49.55 -4.03
CA ILE B 343 5.25 -50.08 -2.70
C ILE B 343 6.39 -49.71 -1.75
N ARG B 344 6.04 -49.21 -0.57
CA ARG B 344 7.04 -48.99 0.46
C ARG B 344 7.28 -50.29 1.23
N VAL B 345 8.56 -50.62 1.42
CA VAL B 345 8.97 -51.83 2.12
C VAL B 345 9.68 -51.42 3.40
N ARG B 346 9.11 -51.80 4.54
CA ARG B 346 9.69 -51.46 5.83
C ARG B 346 9.67 -52.69 6.73
N GLY B 347 10.54 -52.67 7.74
CA GLY B 347 10.70 -53.77 8.67
C GLY B 347 10.10 -53.47 10.03
N HIS B 348 10.65 -54.14 11.05
CA HIS B 348 10.14 -53.97 12.41
C HIS B 348 10.51 -52.63 13.01
N ASP B 349 11.62 -52.03 12.55
CA ASP B 349 12.06 -50.72 12.99
C ASP B 349 11.57 -49.61 12.07
N ASP B 350 10.70 -49.95 11.10
CA ASP B 350 10.25 -49.08 10.01
C ASP B 350 11.41 -48.53 9.19
N SER B 351 12.45 -49.33 9.02
CA SER B 351 13.59 -49.00 8.18
C SER B 351 13.46 -49.69 6.84
N PHE B 352 14.13 -49.13 5.83
CA PHE B 352 14.00 -49.61 4.45
C PHE B 352 14.75 -50.92 4.30
N LEU B 353 13.99 -52.00 4.06
CA LEU B 353 14.58 -53.32 3.92
C LEU B 353 15.25 -53.46 2.55
N LYS B 354 16.24 -54.35 2.49
CA LYS B 354 17.06 -54.52 1.30
C LYS B 354 16.89 -55.93 0.75
N ASN B 355 16.60 -56.02 -0.55
CA ASN B 355 16.53 -57.24 -1.35
C ASN B 355 15.46 -58.20 -0.79
N HIS B 356 14.22 -57.72 -0.80
CA HIS B 356 13.07 -58.49 -0.35
C HIS B 356 12.20 -58.85 -1.54
N LEU B 357 11.94 -60.15 -1.70
CA LEU B 357 11.09 -60.64 -2.78
C LEU B 357 9.64 -60.41 -2.39
N VAL B 358 9.10 -59.26 -2.76
CA VAL B 358 7.71 -58.96 -2.48
C VAL B 358 6.84 -59.64 -3.52
N PHE B 359 5.66 -60.09 -3.11
CA PHE B 359 4.79 -60.87 -3.98
C PHE B 359 3.50 -60.10 -4.20
N LEU B 360 3.22 -59.78 -5.46
CA LEU B 360 2.00 -59.10 -5.86
C LEU B 360 0.99 -60.15 -6.30
N VAL B 361 -0.20 -60.13 -5.72
CA VAL B 361 -1.27 -61.02 -6.14
C VAL B 361 -2.46 -60.15 -6.54
N ILE B 362 -3.14 -60.57 -7.60
CA ILE B 362 -4.17 -59.78 -8.27
C ILE B 362 -5.44 -60.60 -8.26
N TYR B 363 -6.50 -60.04 -7.70
CA TYR B 363 -7.80 -60.70 -7.57
C TYR B 363 -8.74 -60.04 -8.56
N GLY B 364 -9.10 -60.77 -9.61
CA GLY B 364 -9.99 -60.27 -10.64
C GLY B 364 -10.96 -61.34 -11.09
N THR B 365 -11.89 -60.95 -11.95
CA THR B 365 -12.89 -61.88 -12.45
C THR B 365 -12.36 -62.77 -13.57
N ASN B 366 -11.19 -62.47 -14.13
CA ASN B 366 -10.58 -63.33 -15.13
C ASN B 366 -9.74 -64.43 -14.49
N GLY B 367 -9.06 -64.12 -13.39
CA GLY B 367 -8.23 -65.09 -12.72
C GLY B 367 -7.26 -64.45 -11.73
N THR B 368 -7.01 -65.15 -10.64
CA THR B 368 -6.06 -64.67 -9.65
C THR B 368 -4.64 -64.86 -10.17
N PHE B 369 -3.86 -63.77 -10.20
CA PHE B 369 -2.56 -63.78 -10.83
C PHE B 369 -1.48 -63.47 -9.81
N ASN B 370 -0.32 -64.13 -9.94
CA ASN B 370 0.80 -63.91 -9.04
C ASN B 370 2.01 -63.36 -9.78
N GLN B 371 2.82 -62.59 -9.06
CA GLN B 371 4.00 -61.96 -9.62
C GLN B 371 5.00 -61.70 -8.50
N THR B 372 6.29 -61.79 -8.81
CA THR B 372 7.35 -61.53 -7.85
C THR B 372 8.13 -60.27 -8.24
N LEU B 373 8.65 -59.58 -7.22
CA LEU B 373 9.34 -58.32 -7.47
C LEU B 373 10.48 -58.18 -6.49
N VAL B 374 11.62 -57.69 -6.98
CA VAL B 374 12.81 -57.46 -6.19
C VAL B 374 12.93 -55.96 -5.92
N THR B 375 13.06 -55.60 -4.65
CA THR B 375 13.23 -54.21 -4.27
C THR B 375 14.62 -53.71 -4.62
N ASP B 376 14.75 -52.40 -4.76
CA ASP B 376 16.03 -51.78 -5.07
C ASP B 376 16.79 -51.53 -3.77
N ASN B 377 17.90 -50.79 -3.86
CA ASN B 377 18.63 -50.39 -2.66
C ASN B 377 18.19 -49.03 -2.16
N ASN B 378 16.87 -48.83 -2.06
CA ASN B 378 16.28 -47.64 -1.48
C ASN B 378 15.14 -47.97 -0.54
N GLY B 379 14.43 -49.09 -0.75
CA GLY B 379 13.29 -49.44 0.07
C GLY B 379 11.98 -49.32 -0.68
N LEU B 380 12.04 -49.43 -2.00
CA LEU B 380 10.87 -49.28 -2.86
C LEU B 380 10.69 -50.51 -3.73
N ALA B 381 9.44 -50.77 -4.08
CA ALA B 381 9.09 -51.88 -4.98
C ALA B 381 8.28 -51.31 -6.14
N PRO B 382 8.90 -51.01 -7.28
CA PRO B 382 8.15 -50.48 -8.42
C PRO B 382 7.63 -51.56 -9.35
N PHE B 383 6.33 -51.54 -9.66
CA PHE B 383 5.71 -52.56 -10.48
C PHE B 383 4.83 -51.93 -11.54
N THR B 384 4.67 -52.66 -12.65
CA THR B 384 3.72 -52.33 -13.69
C THR B 384 2.94 -53.57 -14.09
N LEU B 385 1.68 -53.36 -14.46
CA LEU B 385 0.75 -54.44 -14.78
C LEU B 385 0.06 -54.13 -16.11
N GLU B 386 -0.25 -55.18 -16.84
CA GLU B 386 -1.09 -55.07 -18.03
C GLU B 386 -2.56 -55.21 -17.62
N THR B 387 -3.40 -54.36 -18.21
CA THR B 387 -4.82 -54.35 -17.90
C THR B 387 -5.67 -54.74 -19.10
N SER B 388 -5.08 -55.40 -20.09
CA SER B 388 -5.82 -55.79 -21.29
C SER B 388 -6.81 -56.92 -20.99
N GLY B 389 -6.41 -57.88 -20.16
CA GLY B 389 -7.27 -58.97 -19.78
C GLY B 389 -8.19 -58.69 -18.61
N TRP B 390 -8.14 -57.49 -18.02
CA TRP B 390 -8.95 -57.19 -16.85
C TRP B 390 -10.40 -56.88 -17.22
N ASN B 391 -10.65 -56.54 -18.50
CA ASN B 391 -11.98 -56.38 -19.11
C ASN B 391 -12.83 -55.31 -18.43
N GLY B 392 -12.19 -54.26 -17.90
CA GLY B 392 -12.92 -53.14 -17.32
C GLY B 392 -13.62 -53.44 -16.01
N THR B 393 -13.19 -54.48 -15.30
CA THR B 393 -13.84 -54.92 -14.08
C THR B 393 -12.99 -54.48 -12.89
N ASP B 394 -13.64 -54.05 -11.81
CA ASP B 394 -12.93 -53.67 -10.59
C ASP B 394 -12.19 -54.86 -9.97
N VAL B 395 -10.94 -54.60 -9.58
CA VAL B 395 -10.06 -55.67 -9.10
C VAL B 395 -9.54 -55.33 -7.72
N SER B 396 -8.78 -56.25 -7.13
CA SER B 396 -8.09 -56.01 -5.89
C SER B 396 -6.62 -56.40 -6.03
N LEU B 397 -5.76 -55.65 -5.36
CA LEU B 397 -4.33 -55.92 -5.34
C LEU B 397 -3.90 -56.18 -3.90
N GLU B 398 -3.05 -57.19 -3.71
CA GLU B 398 -2.51 -57.49 -2.40
C GLU B 398 -1.01 -57.77 -2.52
N GLY B 399 -0.22 -56.97 -1.83
CA GLY B 399 1.22 -57.15 -1.78
C GLY B 399 1.65 -57.74 -0.46
N LYS B 400 2.30 -58.90 -0.53
CA LYS B 400 2.63 -59.70 0.65
C LYS B 400 4.12 -60.01 0.68
N PHE B 401 4.55 -60.54 1.82
CA PHE B 401 5.90 -61.09 1.96
C PHE B 401 6.00 -62.45 1.29
N GLN B 402 5.15 -63.40 1.72
CA GLN B 402 5.15 -64.76 1.23
C GLN B 402 3.72 -65.15 0.85
N MET B 403 3.61 -66.25 0.09
CA MET B 403 2.28 -66.78 -0.24
C MET B 403 1.59 -67.37 0.98
N GLU B 404 2.28 -68.26 1.69
CA GLU B 404 1.68 -68.97 2.81
C GLU B 404 1.76 -68.11 4.07
N ASP B 405 0.63 -67.96 4.75
CA ASP B 405 0.58 -67.22 6.00
C ASP B 405 1.03 -68.10 7.17
N LEU B 406 1.29 -67.45 8.30
CA LEU B 406 1.74 -68.17 9.49
C LEU B 406 0.56 -68.88 10.15
N VAL B 407 0.81 -70.11 10.60
CA VAL B 407 -0.21 -70.92 11.24
C VAL B 407 -0.38 -70.47 12.68
N TYR B 408 -1.64 -70.31 13.11
CA TYR B 408 -1.92 -69.95 14.49
C TYR B 408 -1.59 -71.12 15.43
N ASN B 409 -0.93 -70.79 16.54
CA ASN B 409 -0.44 -71.78 17.49
C ASN B 409 -0.97 -71.47 18.88
N PRO B 410 -1.16 -72.49 19.72
CA PRO B 410 -1.55 -72.21 21.12
C PRO B 410 -0.38 -71.69 21.95
N GLU B 411 0.83 -72.17 21.65
CA GLU B 411 1.99 -71.82 22.44
C GLU B 411 2.58 -70.46 22.10
N GLN B 412 2.19 -69.87 20.97
CA GLN B 412 2.79 -68.63 20.50
C GLN B 412 1.69 -67.67 20.06
N VAL B 413 1.96 -66.38 20.22
CA VAL B 413 1.10 -65.34 19.64
C VAL B 413 1.28 -65.36 18.13
N PRO B 414 0.18 -65.41 17.34
CA PRO B 414 0.34 -65.42 15.88
C PRO B 414 0.82 -64.09 15.31
N ARG B 415 2.07 -64.07 14.85
CA ARG B 415 2.65 -62.85 14.29
C ARG B 415 2.08 -62.60 12.91
N TYR B 416 1.65 -61.36 12.67
CA TYR B 416 0.96 -61.00 11.45
C TYR B 416 1.89 -60.26 10.48
N TYR B 417 1.66 -60.48 9.20
CA TYR B 417 2.32 -59.72 8.13
C TYR B 417 1.38 -58.60 7.72
N GLN B 418 1.82 -57.35 7.89
CA GLN B 418 1.01 -56.21 7.50
C GLN B 418 1.09 -56.06 5.99
N ASN B 419 0.18 -56.74 5.30
CA ASN B 419 0.14 -56.75 3.85
C ASN B 419 -0.44 -55.45 3.32
N ALA B 420 -0.30 -55.24 2.02
CA ALA B 420 -0.83 -54.06 1.35
C ALA B 420 -2.08 -54.45 0.58
N TYR B 421 -3.21 -53.86 0.95
CA TYR B 421 -4.51 -54.15 0.33
C TYR B 421 -4.98 -52.92 -0.45
N LEU B 422 -5.52 -53.16 -1.64
CA LEU B 422 -6.04 -52.07 -2.44
C LEU B 422 -7.17 -52.56 -3.33
N HIS B 423 -8.12 -51.66 -3.59
CA HIS B 423 -9.24 -51.91 -4.50
C HIS B 423 -9.14 -50.94 -5.66
N LEU B 424 -9.10 -51.46 -6.88
CA LEU B 424 -9.00 -50.64 -8.08
C LEU B 424 -10.34 -50.63 -8.80
N ARG B 425 -10.88 -49.44 -9.04
CA ARG B 425 -12.12 -49.09 -9.71
C ARG B 425 -11.86 -48.80 -11.19
N PRO B 426 -12.75 -49.21 -12.09
CA PRO B 426 -12.55 -48.89 -13.51
C PRO B 426 -12.94 -47.46 -13.81
N PHE B 427 -12.12 -46.81 -14.64
CA PHE B 427 -12.39 -45.45 -15.05
C PHE B 427 -13.52 -45.41 -16.06
N TYR B 428 -14.41 -44.43 -15.90
CA TYR B 428 -15.52 -44.24 -16.84
C TYR B 428 -14.95 -43.61 -18.09
N SER B 429 -14.56 -44.46 -19.04
CA SER B 429 -13.92 -44.03 -20.28
C SER B 429 -14.81 -44.43 -21.44
N THR B 430 -15.51 -43.44 -22.01
CA THR B 430 -16.35 -43.70 -23.17
C THR B 430 -15.52 -43.83 -24.44
N THR B 431 -14.43 -43.07 -24.54
CA THR B 431 -13.56 -43.09 -25.72
C THR B 431 -12.20 -43.64 -25.33
N ARG B 432 -11.63 -44.49 -26.19
CA ARG B 432 -10.38 -45.14 -25.87
C ARG B 432 -9.22 -44.16 -26.08
N SER B 433 -8.44 -43.96 -25.01
CA SER B 433 -7.24 -43.14 -24.96
C SER B 433 -6.56 -43.42 -23.62
N PHE B 434 -5.33 -42.97 -23.49
CA PHE B 434 -4.59 -43.15 -22.25
C PHE B 434 -3.94 -41.84 -21.84
N LEU B 435 -4.01 -41.53 -20.55
CA LEU B 435 -3.32 -40.39 -19.98
C LEU B 435 -2.83 -40.82 -18.60
N GLY B 436 -1.52 -40.91 -18.44
CA GLY B 436 -0.94 -41.30 -17.17
C GLY B 436 0.07 -40.26 -16.70
N ILE B 437 0.13 -40.06 -15.39
CA ILE B 437 1.03 -39.11 -14.77
C ILE B 437 2.02 -39.88 -13.91
N HIS B 438 3.32 -39.61 -14.10
CA HIS B 438 4.34 -40.30 -13.35
C HIS B 438 4.48 -39.69 -11.96
N ARG B 439 4.58 -40.55 -10.95
CA ARG B 439 4.63 -40.13 -9.56
C ARG B 439 5.99 -39.51 -9.23
N LEU B 440 6.04 -38.81 -8.10
CA LEU B 440 7.27 -38.18 -7.63
C LEU B 440 7.50 -38.58 -6.18
N ASN B 441 8.44 -39.53 -5.99
CA ASN B 441 9.08 -40.03 -4.76
C ASN B 441 8.23 -40.01 -3.48
N GLY B 442 8.82 -39.61 -2.36
CA GLY B 442 8.09 -39.47 -1.12
C GLY B 442 7.59 -38.05 -0.95
N PRO B 443 7.90 -37.43 0.20
CA PRO B 443 7.55 -36.02 0.39
C PRO B 443 8.40 -35.11 -0.49
N LEU B 444 7.74 -34.20 -1.19
CA LEU B 444 8.42 -33.32 -2.12
C LEU B 444 9.06 -32.15 -1.40
N LYS B 445 9.82 -31.36 -2.15
CA LYS B 445 10.48 -30.18 -1.65
C LYS B 445 9.70 -28.94 -2.07
N CYS B 446 9.51 -28.02 -1.13
CA CYS B 446 8.84 -26.77 -1.38
C CYS B 446 9.71 -25.80 -2.16
N GLY B 447 9.09 -25.05 -3.06
CA GLY B 447 9.73 -23.89 -3.67
C GLY B 447 10.43 -24.18 -4.99
N GLN B 448 11.10 -25.34 -5.07
CA GLN B 448 11.82 -25.69 -6.28
C GLN B 448 10.86 -26.12 -7.37
N PRO B 449 11.10 -25.72 -8.63
CA PRO B 449 10.23 -26.19 -9.72
C PRO B 449 10.50 -27.65 -10.07
N GLN B 450 9.59 -28.51 -9.66
CA GLN B 450 9.67 -29.91 -10.02
C GLN B 450 9.23 -30.10 -11.46
N GLU B 451 9.76 -31.16 -12.08
CA GLU B 451 9.36 -31.54 -13.42
C GLU B 451 8.60 -32.85 -13.36
N VAL B 452 7.37 -32.86 -13.88
CA VAL B 452 6.57 -34.07 -13.92
C VAL B 452 6.40 -34.49 -15.38
N LEU B 453 6.62 -35.77 -15.64
CA LEU B 453 6.48 -36.34 -16.97
C LEU B 453 5.13 -37.02 -17.08
N VAL B 454 4.37 -36.64 -18.10
CA VAL B 454 3.03 -37.16 -18.35
C VAL B 454 3.00 -37.81 -19.72
N ASP B 455 2.52 -39.04 -19.79
CA ASP B 455 2.47 -39.74 -21.06
C ASP B 455 1.03 -39.98 -21.48
N TYR B 456 0.84 -40.13 -22.78
CA TYR B 456 -0.50 -40.19 -23.34
C TYR B 456 -0.47 -41.02 -24.61
N TYR B 457 -1.66 -41.51 -24.96
CA TYR B 457 -1.91 -42.15 -26.24
C TYR B 457 -3.28 -41.69 -26.71
N ILE B 458 -3.31 -41.01 -27.85
CA ILE B 458 -4.55 -40.58 -28.48
C ILE B 458 -4.87 -41.54 -29.60
N ASP B 459 -5.96 -42.26 -29.46
CA ASP B 459 -6.34 -43.24 -30.46
C ASP B 459 -6.92 -42.54 -31.68
N PRO B 460 -6.45 -42.86 -32.89
CA PRO B 460 -6.90 -42.12 -34.08
C PRO B 460 -8.31 -42.47 -34.56
N ALA B 461 -8.96 -43.49 -33.98
CA ALA B 461 -10.33 -43.77 -34.37
C ALA B 461 -11.33 -42.78 -33.77
N ASP B 462 -11.07 -42.31 -32.54
CA ASP B 462 -11.93 -41.35 -31.88
C ASP B 462 -11.31 -39.96 -31.82
N ALA B 463 -10.48 -39.64 -32.81
CA ALA B 463 -9.93 -38.30 -32.96
C ALA B 463 -9.67 -38.04 -34.44
N SER B 464 -9.63 -36.76 -34.79
CA SER B 464 -9.31 -36.42 -36.16
C SER B 464 -7.88 -35.88 -36.26
N PRO B 465 -7.11 -36.28 -37.27
CA PRO B 465 -5.70 -35.88 -37.34
C PRO B 465 -5.49 -34.42 -37.66
N ASP B 466 -6.46 -33.75 -38.29
CA ASP B 466 -6.29 -32.33 -38.62
C ASP B 466 -6.43 -31.44 -37.39
N GLN B 467 -7.41 -31.71 -36.53
CA GLN B 467 -7.60 -30.91 -35.33
C GLN B 467 -6.63 -31.35 -34.23
N GLU B 468 -6.17 -30.38 -33.45
CA GLU B 468 -5.23 -30.68 -32.38
C GLU B 468 -5.98 -31.03 -31.10
N ILE B 469 -5.29 -31.73 -30.21
CA ILE B 469 -5.85 -32.17 -28.93
C ILE B 469 -5.05 -31.50 -27.83
N SER B 470 -5.75 -30.79 -26.94
CA SER B 470 -5.09 -30.01 -25.91
C SER B 470 -5.46 -30.54 -24.53
N PHE B 471 -4.46 -30.67 -23.67
CA PHE B 471 -4.63 -31.16 -22.31
C PHE B 471 -4.69 -29.98 -21.36
N SER B 472 -5.75 -29.94 -20.55
CA SER B 472 -5.95 -28.89 -19.58
C SER B 472 -5.60 -29.43 -18.20
N TYR B 473 -4.76 -28.71 -17.47
CA TYR B 473 -4.29 -29.17 -16.18
C TYR B 473 -4.54 -28.14 -15.09
N TYR B 474 -4.93 -28.68 -13.92
CA TYR B 474 -5.32 -27.92 -12.74
C TYR B 474 -4.46 -28.40 -11.60
N LEU B 475 -3.67 -27.51 -11.01
CA LEU B 475 -2.88 -27.84 -9.83
C LEU B 475 -3.59 -27.17 -8.67
N ILE B 476 -4.19 -27.98 -7.79
CA ILE B 476 -5.16 -27.52 -6.81
C ILE B 476 -4.61 -27.77 -5.42
N GLY B 477 -4.65 -26.75 -4.57
CA GLY B 477 -4.21 -26.90 -3.20
C GLY B 477 -5.09 -26.21 -2.20
N LYS B 478 -5.42 -26.93 -1.12
CA LYS B 478 -6.23 -26.46 0.02
C LYS B 478 -7.61 -25.98 -0.41
N GLY B 479 -8.23 -26.71 -1.33
CA GLY B 479 -9.60 -26.45 -1.72
C GLY B 479 -9.80 -25.32 -2.70
N SER B 480 -8.74 -24.70 -3.18
CA SER B 480 -8.84 -23.60 -4.14
C SER B 480 -7.83 -23.82 -5.25
N LEU B 481 -8.15 -23.29 -6.43
CA LEU B 481 -7.28 -23.45 -7.59
C LEU B 481 -6.03 -22.62 -7.41
N VAL B 482 -4.87 -23.24 -7.65
CA VAL B 482 -3.58 -22.59 -7.45
C VAL B 482 -2.90 -22.29 -8.77
N MET B 483 -2.70 -23.31 -9.61
CA MET B 483 -2.01 -23.06 -10.87
C MET B 483 -2.84 -23.68 -11.98
N GLU B 484 -2.75 -23.08 -13.17
CA GLU B 484 -3.61 -23.42 -14.28
C GLU B 484 -2.78 -23.58 -15.55
N GLY B 485 -3.24 -24.41 -16.47
CA GLY B 485 -2.59 -24.44 -17.76
C GLY B 485 -3.37 -25.18 -18.81
N GLN B 486 -3.08 -24.83 -20.07
CA GLN B 486 -3.61 -25.45 -21.27
C GLN B 486 -2.44 -25.71 -22.19
N LYS B 487 -2.16 -26.98 -22.50
CA LYS B 487 -0.99 -27.31 -23.31
C LYS B 487 -1.47 -28.14 -24.50
N HIS B 488 -1.18 -27.66 -25.70
CA HIS B 488 -1.69 -28.25 -26.93
C HIS B 488 -0.72 -29.27 -27.50
N LEU B 489 -1.26 -30.29 -28.17
CA LEU B 489 -0.48 -31.23 -28.96
C LEU B 489 -1.16 -31.39 -30.31
N ASN B 490 -0.38 -31.35 -31.39
CA ASN B 490 -0.93 -31.62 -32.71
C ASN B 490 -1.18 -33.11 -32.87
N SER B 491 -2.24 -33.44 -33.63
CA SER B 491 -2.59 -34.82 -33.90
C SER B 491 -1.90 -35.37 -35.15
N LYS B 492 -0.87 -34.67 -35.65
CA LYS B 492 -0.02 -35.22 -36.69
C LYS B 492 0.93 -36.29 -36.16
N LYS B 493 1.10 -36.37 -34.83
CA LYS B 493 1.86 -37.46 -34.22
C LYS B 493 1.11 -38.79 -34.31
N LYS B 494 -0.21 -38.75 -34.47
CA LYS B 494 -1.15 -39.87 -34.62
C LYS B 494 -1.11 -40.70 -33.32
N GLY B 495 -1.38 -41.99 -33.42
CA GLY B 495 -1.45 -42.84 -32.25
C GLY B 495 -0.13 -43.45 -31.83
N LEU B 496 0.40 -42.99 -30.70
CA LEU B 496 1.63 -43.55 -30.13
C LEU B 496 1.62 -43.26 -28.64
N LYS B 497 2.51 -43.93 -27.92
CA LYS B 497 2.70 -43.67 -26.49
C LYS B 497 3.68 -42.52 -26.32
N ALA B 498 3.20 -41.31 -26.60
CA ALA B 498 4.04 -40.14 -26.52
C ALA B 498 4.02 -39.57 -25.10
N SER B 499 4.83 -38.53 -24.87
CA SER B 499 4.93 -37.94 -23.55
C SER B 499 5.36 -36.48 -23.66
N PHE B 500 5.11 -35.74 -22.59
CA PHE B 500 5.56 -34.36 -22.45
C PHE B 500 5.69 -34.05 -20.96
N SER B 501 6.02 -32.81 -20.64
CA SER B 501 6.41 -32.48 -19.28
C SER B 501 5.74 -31.20 -18.82
N LEU B 502 5.64 -31.06 -17.49
CA LEU B 502 5.11 -29.89 -16.84
C LEU B 502 6.09 -29.43 -15.77
N SER B 503 6.22 -28.11 -15.62
CA SER B 503 7.10 -27.50 -14.63
C SER B 503 6.22 -26.95 -13.51
N LEU B 504 6.11 -27.71 -12.43
CA LEU B 504 5.27 -27.36 -11.30
C LEU B 504 6.10 -26.63 -10.26
N THR B 505 5.45 -25.78 -9.48
CA THR B 505 6.09 -25.13 -8.34
C THR B 505 5.19 -25.26 -7.13
N PHE B 506 5.73 -25.79 -6.05
CA PHE B 506 4.96 -26.05 -4.83
C PHE B 506 5.29 -25.02 -3.78
N THR B 507 4.23 -24.39 -3.24
CA THR B 507 4.38 -23.34 -2.24
C THR B 507 3.50 -23.63 -1.02
N SER B 508 3.40 -22.66 -0.11
CA SER B 508 2.54 -22.82 1.05
C SER B 508 1.06 -22.69 0.70
N ARG B 509 0.74 -22.05 -0.43
CA ARG B 509 -0.63 -22.04 -0.93
C ARG B 509 -1.08 -23.44 -1.31
N LEU B 510 -0.18 -24.20 -1.93
CA LEU B 510 -0.43 -25.62 -2.12
C LEU B 510 -0.31 -26.36 -0.80
N ALA B 511 -1.07 -27.44 -0.69
CA ALA B 511 -1.29 -28.15 0.55
C ALA B 511 -0.07 -28.99 0.92
N PRO B 512 -0.07 -29.61 2.10
CA PRO B 512 0.75 -30.81 2.28
C PRO B 512 0.36 -31.94 1.35
N ASP B 513 -0.93 -32.06 1.00
CA ASP B 513 -1.40 -33.00 -0.01
C ASP B 513 -2.18 -32.24 -1.09
N PRO B 514 -1.51 -31.68 -2.09
CA PRO B 514 -2.23 -31.07 -3.20
C PRO B 514 -2.48 -32.06 -4.33
N SER B 515 -3.37 -31.69 -5.23
CA SER B 515 -3.79 -32.56 -6.30
C SER B 515 -3.44 -31.96 -7.66
N LEU B 516 -3.29 -32.83 -8.65
CA LEU B 516 -3.10 -32.42 -10.04
C LEU B 516 -4.10 -33.20 -10.88
N VAL B 517 -4.91 -32.48 -11.66
CA VAL B 517 -5.91 -33.08 -12.54
C VAL B 517 -5.59 -32.67 -13.97
N ILE B 518 -5.43 -33.65 -14.86
CA ILE B 518 -5.16 -33.40 -16.27
C ILE B 518 -6.27 -34.08 -17.07
N TYR B 519 -6.84 -33.36 -18.03
CA TYR B 519 -7.94 -33.93 -18.82
C TYR B 519 -7.92 -33.39 -20.24
N ALA B 520 -8.78 -33.99 -21.06
CA ALA B 520 -8.99 -33.58 -22.44
C ALA B 520 -10.36 -34.06 -22.90
N ILE B 521 -11.03 -33.24 -23.70
CA ILE B 521 -12.32 -33.60 -24.31
C ILE B 521 -12.08 -33.78 -25.80
N PHE B 522 -12.42 -34.95 -26.31
CA PHE B 522 -12.42 -35.22 -27.74
C PHE B 522 -13.73 -34.72 -28.37
N PRO B 523 -13.72 -34.39 -29.66
CA PRO B 523 -14.97 -33.91 -30.31
C PRO B 523 -16.07 -34.95 -30.45
N SER B 524 -15.79 -36.23 -30.18
CA SER B 524 -16.88 -37.21 -30.08
C SER B 524 -17.75 -36.97 -28.85
N GLY B 525 -17.19 -36.33 -27.81
CA GLY B 525 -17.94 -36.04 -26.61
C GLY B 525 -17.30 -36.63 -25.38
N GLY B 526 -16.38 -37.58 -25.58
CA GLY B 526 -15.76 -38.26 -24.47
C GLY B 526 -14.70 -37.42 -23.78
N VAL B 527 -14.24 -37.93 -22.65
CA VAL B 527 -13.23 -37.25 -21.84
C VAL B 527 -12.19 -38.27 -21.39
N VAL B 528 -10.94 -37.83 -21.32
CA VAL B 528 -9.86 -38.62 -20.76
C VAL B 528 -9.18 -37.78 -19.68
N ALA B 529 -8.80 -38.43 -18.57
CA ALA B 529 -8.34 -37.69 -17.41
C ALA B 529 -7.44 -38.56 -16.55
N ASP B 530 -6.68 -37.88 -15.69
CA ASP B 530 -5.90 -38.52 -14.63
C ASP B 530 -5.69 -37.52 -13.51
N LYS B 531 -5.86 -37.99 -12.27
CA LYS B 531 -5.66 -37.19 -11.07
C LYS B 531 -4.61 -37.87 -10.21
N ILE B 532 -3.62 -37.10 -9.75
CA ILE B 532 -2.69 -37.64 -8.76
C ILE B 532 -2.71 -36.73 -7.54
N GLN B 533 -2.32 -37.31 -6.41
CA GLN B 533 -2.21 -36.64 -5.14
C GLN B 533 -0.72 -36.52 -4.80
N PHE B 534 -0.27 -35.29 -4.58
CA PHE B 534 1.13 -35.10 -4.25
C PHE B 534 1.37 -35.26 -2.76
N SER B 535 2.61 -35.01 -2.35
CA SER B 535 2.97 -35.03 -0.94
C SER B 535 4.07 -33.97 -0.76
N VAL B 536 3.70 -32.83 -0.20
CA VAL B 536 4.61 -31.73 0.05
C VAL B 536 4.82 -31.64 1.55
N GLU B 537 6.04 -31.29 1.97
CA GLU B 537 6.29 -31.01 3.37
C GLU B 537 5.56 -29.74 3.81
N MET B 538 5.36 -29.63 5.12
CA MET B 538 4.59 -28.53 5.70
C MET B 538 5.40 -27.25 5.58
N CYS B 539 5.08 -26.49 4.53
CA CYS B 539 5.92 -25.42 4.01
C CYS B 539 5.38 -24.05 4.41
N PHE B 540 6.25 -23.06 4.27
CA PHE B 540 5.87 -21.68 4.47
C PHE B 540 6.45 -20.85 3.33
N ASP B 541 5.71 -19.83 2.91
CA ASP B 541 6.19 -18.97 1.84
C ASP B 541 7.31 -18.06 2.30
N ASN B 542 7.34 -17.75 3.59
CA ASN B 542 8.41 -16.96 4.19
C ASN B 542 9.47 -17.93 4.70
N GLN B 543 10.56 -18.07 3.94
CA GLN B 543 11.65 -18.96 4.34
C GLN B 543 12.58 -18.22 5.29
N VAL B 544 12.59 -18.64 6.55
CA VAL B 544 13.30 -17.95 7.61
C VAL B 544 14.29 -18.91 8.26
N SER B 545 15.50 -18.42 8.52
CA SER B 545 16.55 -19.21 9.14
C SER B 545 17.24 -18.38 10.22
N LEU B 546 17.83 -19.07 11.19
CA LEU B 546 18.67 -18.46 12.21
C LEU B 546 20.04 -19.08 12.19
N GLY B 547 21.05 -18.24 12.35
CA GLY B 547 22.40 -18.73 12.50
C GLY B 547 23.14 -18.04 13.61
N PHE B 548 23.65 -18.80 14.58
CA PHE B 548 24.60 -18.25 15.53
C PHE B 548 26.01 -18.37 14.97
N SER B 549 26.75 -17.28 14.99
CA SER B 549 28.15 -17.30 14.68
C SER B 549 28.93 -16.75 15.85
N PRO B 550 29.99 -17.46 16.33
CA PRO B 550 30.50 -18.71 15.77
C PRO B 550 29.97 -20.00 16.38
N SER B 551 28.73 -19.97 16.88
CA SER B 551 27.90 -21.12 17.29
C SER B 551 28.39 -21.87 18.53
N GLN B 552 29.50 -21.47 19.15
CA GLN B 552 29.93 -22.03 20.43
C GLN B 552 30.83 -20.99 21.08
N GLN B 553 30.40 -20.43 22.21
CA GLN B 553 31.07 -19.27 22.77
C GLN B 553 31.29 -19.44 24.27
N LEU B 554 32.42 -18.94 24.74
CA LEU B 554 32.63 -18.77 26.17
C LEU B 554 31.67 -17.72 26.69
N PRO B 555 31.16 -17.86 27.92
CA PRO B 555 30.25 -16.86 28.48
C PRO B 555 30.92 -15.53 28.75
N GLY B 556 30.26 -14.46 28.34
CA GLY B 556 30.81 -13.12 28.41
C GLY B 556 31.26 -12.52 27.10
N ALA B 557 31.00 -13.18 25.97
CA ALA B 557 31.43 -12.69 24.66
C ALA B 557 30.25 -12.67 23.70
N GLU B 558 30.25 -11.67 22.82
CA GLU B 558 29.12 -11.44 21.93
C GLU B 558 29.06 -12.48 20.82
N VAL B 559 27.84 -12.76 20.36
CA VAL B 559 27.57 -13.76 19.35
C VAL B 559 26.66 -13.13 18.30
N GLU B 560 27.03 -13.23 17.03
CA GLU B 560 26.20 -12.66 15.96
C GLU B 560 25.09 -13.65 15.62
N LEU B 561 23.85 -13.25 15.90
CA LEU B 561 22.68 -13.96 15.45
C LEU B 561 22.21 -13.36 14.13
N GLN B 562 22.07 -14.21 13.13
CA GLN B 562 21.62 -13.81 11.81
C GLN B 562 20.24 -14.38 11.55
N LEU B 563 19.31 -13.51 11.18
CA LEU B 563 17.91 -13.83 11.01
C LEU B 563 17.54 -13.55 9.56
N GLN B 564 17.06 -14.57 8.86
CA GLN B 564 16.90 -14.54 7.41
C GLN B 564 15.43 -14.79 7.08
N ALA B 565 14.71 -13.72 6.73
CA ALA B 565 13.31 -13.82 6.37
C ALA B 565 13.06 -12.97 5.13
N ALA B 566 11.79 -12.83 4.76
CA ALA B 566 11.41 -11.98 3.65
C ALA B 566 11.58 -10.51 4.03
N PRO B 567 11.83 -9.63 3.06
CA PRO B 567 11.82 -8.20 3.33
C PRO B 567 10.43 -7.71 3.71
N GLY B 568 10.40 -6.70 4.57
CA GLY B 568 9.15 -6.18 5.10
C GLY B 568 8.43 -7.14 6.02
N SER B 569 9.17 -7.89 6.83
CA SER B 569 8.60 -8.85 7.77
C SER B 569 9.00 -8.45 9.18
N LEU B 570 8.12 -8.73 10.13
CA LEU B 570 8.38 -8.48 11.55
C LEU B 570 8.57 -9.82 12.24
N CYS B 571 9.72 -10.00 12.88
CA CYS B 571 10.13 -11.29 13.39
C CYS B 571 10.20 -11.29 14.91
N ALA B 572 9.74 -12.38 15.50
CA ALA B 572 9.88 -12.61 16.93
C ALA B 572 11.24 -13.24 17.23
N LEU B 573 11.50 -13.50 18.51
CA LEU B 573 12.66 -14.27 18.93
C LEU B 573 12.33 -14.99 20.22
N ARG B 574 12.99 -16.11 20.45
CA ARG B 574 12.92 -16.80 21.73
C ARG B 574 14.20 -17.61 21.89
N ALA B 575 15.08 -17.17 22.79
CA ALA B 575 16.29 -17.91 23.12
C ALA B 575 16.13 -18.42 24.54
N VAL B 576 15.47 -19.56 24.68
CA VAL B 576 15.21 -20.15 25.98
C VAL B 576 16.44 -20.98 26.37
N ASP B 577 16.59 -21.25 27.66
CA ASP B 577 17.58 -22.22 28.10
C ASP B 577 17.07 -23.63 27.84
N GLU B 578 18.01 -24.56 27.65
CA GLU B 578 17.66 -25.97 27.55
C GLU B 578 17.22 -26.51 28.90
N SER B 579 17.78 -25.97 29.99
CA SER B 579 17.43 -26.40 31.34
C SER B 579 16.01 -26.02 31.71
N VAL B 580 15.45 -24.97 31.09
CA VAL B 580 14.03 -24.69 31.24
C VAL B 580 13.21 -25.77 30.55
N LEU B 581 13.65 -26.24 29.39
CA LEU B 581 12.94 -27.29 28.67
C LEU B 581 13.11 -28.66 29.29
N LEU B 582 14.10 -28.84 30.16
CA LEU B 582 14.26 -30.14 30.82
C LEU B 582 13.21 -30.36 31.90
N LEU B 583 12.78 -29.30 32.59
CA LEU B 583 11.74 -29.43 33.60
C LEU B 583 10.36 -29.62 32.99
N ARG B 584 9.90 -28.61 32.27
CA ARG B 584 8.61 -28.69 31.62
C ARG B 584 8.84 -28.77 30.12
N PRO B 585 8.31 -29.77 29.43
CA PRO B 585 8.43 -29.82 27.98
C PRO B 585 7.63 -28.70 27.34
N ASP B 586 8.16 -28.20 26.23
CA ASP B 586 7.56 -27.05 25.56
C ASP B 586 6.28 -27.46 24.84
N ARG B 587 5.29 -26.57 24.86
CA ARG B 587 4.15 -26.76 23.99
C ARG B 587 4.57 -26.45 22.56
N GLU B 588 4.04 -27.20 21.61
CA GLU B 588 4.64 -27.32 20.29
C GLU B 588 4.29 -26.11 19.45
N LEU B 589 5.32 -25.38 19.02
CA LEU B 589 5.19 -24.34 18.00
C LEU B 589 6.03 -24.81 16.82
N SER B 590 5.42 -25.59 15.95
CA SER B 590 6.08 -26.10 14.76
C SER B 590 5.12 -25.99 13.59
N ASN B 591 5.65 -26.31 12.41
CA ASN B 591 4.86 -26.37 11.18
C ASN B 591 3.76 -27.42 11.22
N ARG B 592 3.94 -28.52 11.95
CA ARG B 592 2.84 -29.45 12.19
C ARG B 592 1.74 -28.81 13.02
N SER B 593 2.11 -28.01 14.02
CA SER B 593 1.12 -27.36 14.89
C SER B 593 0.38 -26.26 14.15
N VAL B 594 1.08 -25.48 13.34
CA VAL B 594 0.45 -24.39 12.60
C VAL B 594 -0.46 -24.94 11.50
N TYR B 595 -0.02 -26.02 10.83
CA TYR B 595 -0.89 -26.62 9.82
C TYR B 595 -2.06 -27.38 10.43
N GLY B 596 -1.90 -27.91 11.64
CA GLY B 596 -2.99 -28.54 12.35
C GLY B 596 -3.86 -27.60 13.14
N MET B 597 -3.52 -26.31 13.16
CA MET B 597 -4.39 -25.29 13.74
C MET B 597 -5.68 -25.13 12.95
N PHE B 598 -5.63 -25.40 11.65
CA PHE B 598 -6.69 -25.35 10.66
C PHE B 598 -7.18 -26.75 10.33
N PRO B 599 -8.49 -26.94 10.18
CA PRO B 599 -9.02 -28.28 9.89
C PRO B 599 -8.68 -28.70 8.48
N PHE B 600 -8.06 -29.88 8.36
CA PHE B 600 -7.50 -30.36 7.10
C PHE B 600 -8.08 -31.75 6.84
N TRP B 601 -9.41 -31.83 6.82
CA TRP B 601 -10.02 -33.00 6.22
C TRP B 601 -10.14 -32.83 4.70
N TYR B 602 -10.79 -31.74 4.26
CA TYR B 602 -10.93 -31.27 2.88
C TYR B 602 -11.37 -32.31 1.86
N GLY B 603 -11.14 -32.00 0.58
CA GLY B 603 -11.36 -32.95 -0.48
C GLY B 603 -12.80 -33.30 -0.77
N HIS B 604 -13.76 -32.50 -0.30
CA HIS B 604 -15.17 -32.77 -0.54
C HIS B 604 -15.96 -31.47 -0.49
N TYR B 605 -17.18 -31.55 -0.98
CA TYR B 605 -18.10 -30.42 -0.88
C TYR B 605 -18.56 -30.24 0.56
N PRO B 606 -18.98 -29.04 0.94
CA PRO B 606 -19.77 -28.89 2.16
C PRO B 606 -21.13 -29.55 2.02
N TYR B 607 -21.72 -29.89 3.17
CA TYR B 607 -22.99 -30.60 3.18
C TYR B 607 -24.16 -29.72 2.73
N GLN B 608 -24.02 -28.41 2.83
CA GLN B 608 -25.08 -27.51 2.38
C GLN B 608 -25.16 -27.42 0.86
N VAL B 609 -24.06 -27.68 0.16
CA VAL B 609 -24.03 -27.63 -1.30
C VAL B 609 -23.63 -28.99 -1.89
N ALA B 610 -23.83 -30.07 -1.14
CA ALA B 610 -23.43 -31.39 -1.60
C ALA B 610 -24.40 -31.92 -2.64
N GLU B 611 -23.89 -32.79 -3.51
CA GLU B 611 -24.69 -33.46 -4.52
C GLU B 611 -24.54 -34.96 -4.36
N TYR B 612 -25.65 -35.68 -4.57
CA TYR B 612 -25.64 -37.13 -4.44
C TYR B 612 -26.58 -37.74 -5.48
N ASP B 613 -26.32 -39.00 -5.79
CA ASP B 613 -27.11 -39.76 -6.76
C ASP B 613 -28.26 -40.47 -6.04
N GLN B 614 -28.91 -41.40 -6.73
CA GLN B 614 -29.98 -42.17 -6.11
C GLN B 614 -29.43 -43.17 -5.09
N CYS B 615 -28.37 -43.88 -5.44
CA CYS B 615 -27.76 -44.85 -4.54
C CYS B 615 -26.26 -45.02 -4.85
N THR B 651 -14.91 -44.46 -11.48
CA THR B 651 -14.61 -43.04 -11.30
C THR B 651 -14.55 -42.32 -12.63
N ASP B 652 -14.69 -40.99 -12.57
CA ASP B 652 -14.68 -40.16 -13.76
C ASP B 652 -14.09 -38.80 -13.38
N LEU B 653 -14.25 -37.82 -14.28
CA LEU B 653 -13.71 -36.49 -14.00
C LEU B 653 -14.54 -35.76 -12.95
N PHE B 654 -15.84 -36.04 -12.88
CA PHE B 654 -16.68 -35.46 -11.84
C PHE B 654 -16.31 -36.00 -10.47
N SER B 655 -15.95 -37.27 -10.37
CA SER B 655 -15.42 -37.80 -9.12
C SER B 655 -14.00 -37.33 -8.85
N PHE B 656 -13.24 -37.00 -9.91
CA PHE B 656 -11.94 -36.39 -9.72
C PHE B 656 -12.04 -34.99 -9.15
N PHE B 657 -13.11 -34.26 -9.48
CA PHE B 657 -13.29 -32.93 -8.94
C PHE B 657 -14.07 -32.94 -7.63
N ARG B 658 -14.88 -33.97 -7.37
CA ARG B 658 -15.50 -34.14 -6.07
C ARG B 658 -14.48 -34.47 -5.01
N ASP B 659 -13.50 -35.33 -5.35
CA ASP B 659 -12.48 -35.76 -4.39
C ASP B 659 -11.45 -34.68 -4.08
N VAL B 660 -11.44 -33.59 -4.83
CA VAL B 660 -10.71 -32.40 -4.44
C VAL B 660 -11.62 -31.33 -3.84
N GLY B 661 -12.88 -31.27 -4.28
CA GLY B 661 -13.83 -30.34 -3.70
C GLY B 661 -14.07 -29.12 -4.56
N LEU B 662 -14.30 -29.35 -5.85
CA LEU B 662 -14.47 -28.29 -6.83
C LEU B 662 -15.77 -28.49 -7.59
N LYS B 663 -16.49 -27.40 -7.83
CA LYS B 663 -17.75 -27.44 -8.55
C LYS B 663 -17.52 -27.38 -10.05
N ILE B 664 -18.23 -28.24 -10.77
CA ILE B 664 -18.08 -28.43 -12.21
C ILE B 664 -19.44 -28.21 -12.88
N LEU B 665 -19.47 -27.33 -13.88
CA LEU B 665 -20.63 -27.15 -14.73
C LEU B 665 -20.21 -27.50 -16.15
N SER B 666 -20.70 -28.62 -16.68
CA SER B 666 -20.27 -29.02 -18.02
C SER B 666 -21.38 -29.79 -18.72
N ASN B 667 -21.28 -29.85 -20.05
CA ASN B 667 -22.21 -30.58 -20.88
C ASN B 667 -21.57 -31.78 -21.57
N ALA B 668 -20.31 -32.07 -21.26
CA ALA B 668 -19.62 -33.19 -21.87
C ALA B 668 -20.02 -34.50 -21.18
N LYS B 669 -19.44 -35.61 -21.62
CA LYS B 669 -19.67 -36.91 -20.99
C LYS B 669 -18.78 -37.00 -19.75
N ILE B 670 -19.19 -36.28 -18.71
CA ILE B 670 -18.39 -36.16 -17.50
C ILE B 670 -18.94 -36.99 -16.35
N LYS B 671 -20.18 -37.48 -16.45
CA LYS B 671 -20.79 -38.29 -15.41
C LYS B 671 -21.20 -39.64 -15.98
N LYS B 672 -20.94 -40.69 -15.21
CA LYS B 672 -21.39 -42.02 -15.57
C LYS B 672 -22.91 -42.11 -15.40
N PRO B 673 -23.55 -43.04 -16.11
CA PRO B 673 -24.96 -43.34 -15.84
C PRO B 673 -25.15 -43.87 -14.42
N VAL B 674 -26.30 -43.53 -13.84
CA VAL B 674 -26.50 -43.66 -12.40
C VAL B 674 -26.71 -45.13 -12.02
N ASP B 675 -26.01 -45.55 -10.97
CA ASP B 675 -26.10 -46.91 -10.44
C ASP B 675 -25.86 -46.85 -8.94
N CYS B 676 -26.14 -47.96 -8.27
CA CYS B 676 -25.94 -48.05 -6.83
C CYS B 676 -24.46 -48.19 -6.51
N SER B 677 -23.99 -47.38 -5.57
CA SER B 677 -22.58 -47.41 -5.16
C SER B 677 -22.46 -47.60 -3.65
N ASP B 708 40.88 -12.07 32.80
CA ASP B 708 40.58 -13.50 32.74
C ASP B 708 39.46 -13.88 33.69
N SER B 709 39.42 -13.21 34.84
CA SER B 709 38.45 -13.51 35.88
C SER B 709 37.19 -12.69 35.64
N GLN B 710 36.07 -13.37 35.43
CA GLN B 710 34.77 -12.72 35.37
C GLN B 710 33.89 -13.28 36.47
N VAL B 711 32.86 -12.52 36.84
CA VAL B 711 31.92 -12.93 37.87
C VAL B 711 30.61 -13.23 37.17
N ARG B 712 30.06 -14.42 37.41
CA ARG B 712 28.97 -14.95 36.60
C ARG B 712 27.63 -14.82 37.31
N GLN B 713 27.02 -13.64 37.19
CA GLN B 713 25.59 -13.48 37.42
C GLN B 713 24.93 -13.38 36.06
N TYR B 714 23.76 -14.00 35.91
CA TYR B 714 23.32 -14.35 34.58
C TYR B 714 21.80 -14.24 34.49
N PHE B 715 21.26 -14.87 33.45
CA PHE B 715 19.84 -14.79 33.08
C PHE B 715 19.33 -16.21 32.96
N PRO B 716 18.92 -16.84 34.05
CA PRO B 716 18.37 -18.21 33.97
C PRO B 716 16.97 -18.28 33.35
N GLU B 717 16.34 -17.14 33.12
CA GLU B 717 15.15 -17.02 32.29
C GLU B 717 15.57 -16.94 30.82
N THR B 718 14.65 -16.52 29.95
CA THR B 718 14.96 -16.40 28.54
C THR B 718 15.93 -15.27 28.27
N TRP B 719 16.79 -15.49 27.28
CA TRP B 719 17.89 -14.61 26.95
C TRP B 719 17.46 -13.56 25.93
N LEU B 720 16.82 -13.98 24.84
CA LEU B 720 16.38 -13.07 23.80
C LEU B 720 14.87 -13.14 23.67
N TRP B 721 14.23 -11.98 23.77
CA TRP B 721 12.80 -11.84 23.56
C TRP B 721 12.60 -10.44 22.98
N ASP B 722 12.62 -10.35 21.66
CA ASP B 722 12.66 -9.05 21.01
C ASP B 722 11.86 -9.11 19.72
N LEU B 723 11.69 -7.94 19.10
CA LEU B 723 11.00 -7.81 17.82
C LEU B 723 11.94 -7.12 16.85
N PHE B 724 12.39 -7.85 15.84
CA PHE B 724 13.31 -7.31 14.84
C PHE B 724 12.64 -7.30 13.48
N PRO B 725 12.28 -6.14 12.94
CA PRO B 725 11.80 -6.08 11.56
C PRO B 725 12.94 -6.29 10.57
N ILE B 726 12.57 -6.76 9.39
CA ILE B 726 13.53 -7.12 8.34
C ILE B 726 13.55 -6.01 7.30
N GLY B 727 14.76 -5.57 6.94
CA GLY B 727 14.93 -4.60 5.88
C GLY B 727 14.80 -5.22 4.51
N ASN B 728 15.14 -4.42 3.50
CA ASN B 728 14.93 -4.82 2.10
C ASN B 728 15.89 -5.90 1.62
N SER B 729 17.00 -6.10 2.31
CA SER B 729 17.97 -7.11 1.89
C SER B 729 17.55 -8.52 2.28
N GLY B 730 16.54 -8.67 3.13
CA GLY B 730 16.12 -9.97 3.62
C GLY B 730 16.98 -10.53 4.74
N LYS B 731 17.96 -9.78 5.21
CA LYS B 731 18.85 -10.23 6.26
C LYS B 731 18.77 -9.26 7.44
N GLU B 732 18.88 -9.79 8.64
CA GLU B 732 19.13 -8.98 9.82
C GLU B 732 20.16 -9.70 10.68
N ALA B 733 20.90 -8.92 11.46
CA ALA B 733 21.88 -9.52 12.34
C ALA B 733 22.01 -8.66 13.58
N VAL B 734 22.36 -9.30 14.68
CA VAL B 734 22.59 -8.60 15.94
C VAL B 734 23.64 -9.34 16.75
N HIS B 735 24.60 -8.60 17.29
CA HIS B 735 25.54 -9.17 18.25
C HIS B 735 24.90 -9.13 19.63
N VAL B 736 24.49 -10.28 20.12
CA VAL B 736 23.86 -10.41 21.42
C VAL B 736 24.84 -11.01 22.41
N THR B 737 24.85 -10.46 23.62
CA THR B 737 25.75 -10.92 24.66
C THR B 737 25.18 -12.17 25.31
N VAL B 738 26.01 -13.20 25.46
CA VAL B 738 25.55 -14.46 26.05
C VAL B 738 25.42 -14.31 27.56
N PRO B 739 24.45 -14.96 28.19
CA PRO B 739 24.42 -14.98 29.65
C PRO B 739 25.49 -15.91 30.18
N ASP B 740 25.76 -15.76 31.47
CA ASP B 740 26.91 -16.38 32.11
C ASP B 740 26.63 -17.76 32.67
N ALA B 741 25.67 -18.50 32.10
CA ALA B 741 25.39 -19.86 32.48
C ALA B 741 26.04 -20.83 31.49
N ILE B 742 26.52 -21.95 32.02
CA ILE B 742 27.20 -22.97 31.21
C ILE B 742 26.12 -23.93 30.75
N THR B 743 25.56 -23.68 29.58
CA THR B 743 24.33 -24.34 29.17
C THR B 743 24.20 -24.28 27.66
N GLU B 744 23.03 -24.66 27.16
CA GLU B 744 22.71 -24.53 25.75
C GLU B 744 21.44 -23.70 25.62
N TRP B 745 21.47 -22.71 24.74
CA TRP B 745 20.33 -21.84 24.48
C TRP B 745 19.69 -22.29 23.17
N LYS B 746 18.42 -22.65 23.24
CA LYS B 746 17.65 -23.02 22.07
C LYS B 746 16.86 -21.80 21.62
N ALA B 747 17.15 -21.33 20.41
CA ALA B 747 16.51 -20.14 19.88
C ALA B 747 15.66 -20.50 18.67
N MET B 748 14.53 -19.83 18.57
CA MET B 748 13.55 -20.09 17.53
C MET B 748 12.82 -18.78 17.27
N SER B 749 12.36 -18.61 16.04
CA SER B 749 11.74 -17.36 15.65
C SER B 749 10.63 -17.63 14.66
N PHE B 750 9.64 -16.74 14.63
CA PHE B 750 8.67 -16.71 13.56
C PHE B 750 8.54 -15.29 13.07
N CYS B 751 8.24 -15.16 11.78
CA CYS B 751 8.11 -13.86 11.14
C CYS B 751 6.75 -13.77 10.46
N THR B 752 6.09 -12.63 10.63
CA THR B 752 4.79 -12.37 10.03
C THR B 752 4.93 -11.23 9.03
N SER B 753 4.48 -11.47 7.81
CA SER B 753 4.50 -10.46 6.76
C SER B 753 3.21 -10.53 5.98
N GLN B 754 2.71 -9.36 5.58
CA GLN B 754 1.54 -9.30 4.71
C GLN B 754 1.88 -9.70 3.28
N SER B 755 3.15 -9.63 2.88
CA SER B 755 3.54 -10.00 1.52
C SER B 755 3.68 -11.51 1.37
N ARG B 756 4.62 -12.11 2.10
CA ARG B 756 4.93 -13.52 1.99
C ARG B 756 4.35 -14.34 3.13
N GLY B 757 3.52 -13.73 3.97
CA GLY B 757 2.80 -14.51 4.95
C GLY B 757 3.61 -14.86 6.20
N PHE B 758 3.32 -16.03 6.74
CA PHE B 758 3.91 -16.50 7.99
C PHE B 758 5.08 -17.43 7.71
N GLY B 759 6.14 -17.28 8.49
CA GLY B 759 7.28 -18.16 8.35
C GLY B 759 7.81 -18.59 9.70
N LEU B 760 8.21 -19.85 9.81
CA LEU B 760 8.67 -20.43 11.06
C LEU B 760 9.94 -21.21 10.82
N SER B 761 10.90 -20.97 11.59
CA SER B 761 12.27 -21.41 11.52
C SER B 761 12.52 -22.62 12.41
N PRO B 762 13.50 -23.46 12.07
CA PRO B 762 13.90 -24.54 12.99
C PRO B 762 14.59 -23.99 14.23
N THR B 763 14.51 -24.76 15.31
CA THR B 763 15.07 -24.36 16.59
C THR B 763 16.57 -24.61 16.56
N VAL B 764 17.34 -23.54 16.41
CA VAL B 764 18.79 -23.67 16.36
C VAL B 764 19.34 -23.54 17.79
N GLY B 765 20.56 -24.00 18.01
CA GLY B 765 21.11 -24.07 19.36
C GLY B 765 22.50 -23.48 19.47
N LEU B 766 22.75 -22.79 20.57
CA LEU B 766 24.06 -22.25 20.92
C LEU B 766 24.54 -22.93 22.20
N THR B 767 25.73 -23.52 22.16
CA THR B 767 26.29 -24.20 23.32
C THR B 767 27.24 -23.25 24.04
N ALA B 768 26.73 -22.50 25.01
CA ALA B 768 27.57 -21.64 25.82
C ALA B 768 28.36 -22.51 26.79
N PHE B 769 29.65 -22.67 26.52
CA PHE B 769 30.49 -23.62 27.22
C PHE B 769 31.80 -22.95 27.64
N LYS B 770 32.30 -23.32 28.81
CA LYS B 770 33.59 -22.95 29.32
C LYS B 770 34.34 -24.23 29.67
N PRO B 771 35.66 -24.30 29.45
CA PRO B 771 36.37 -25.55 29.74
C PRO B 771 36.56 -25.84 31.22
N PHE B 772 36.83 -24.83 32.04
CA PHE B 772 37.01 -25.03 33.49
C PHE B 772 36.06 -24.10 34.21
N PHE B 773 35.17 -24.66 35.02
CA PHE B 773 34.15 -23.84 35.66
C PHE B 773 33.64 -24.54 36.92
N VAL B 774 32.67 -23.92 37.58
CA VAL B 774 32.06 -24.44 38.79
C VAL B 774 30.54 -24.35 38.67
N ASP B 775 29.86 -25.05 39.58
CA ASP B 775 28.42 -25.00 39.67
C ASP B 775 28.02 -25.22 41.12
N LEU B 776 26.91 -24.61 41.52
CA LEU B 776 26.43 -24.65 42.90
C LEU B 776 25.10 -25.37 42.94
N THR B 777 25.07 -26.53 43.57
CA THR B 777 23.83 -27.25 43.85
C THR B 777 23.30 -26.77 45.20
N LEU B 778 22.08 -26.23 45.16
CA LEU B 778 21.41 -25.60 46.29
C LEU B 778 19.92 -25.55 45.99
N PRO B 779 19.05 -25.80 46.96
CA PRO B 779 17.61 -25.77 46.71
C PRO B 779 17.10 -24.34 46.58
N TYR B 780 15.88 -24.22 46.07
CA TYR B 780 15.29 -22.89 45.93
C TYR B 780 14.81 -22.34 47.27
N SER B 781 14.15 -23.15 48.06
CA SER B 781 13.52 -22.70 49.31
C SER B 781 14.37 -23.16 50.50
N VAL B 782 14.67 -22.23 51.40
CA VAL B 782 15.45 -22.49 52.59
C VAL B 782 14.67 -21.97 53.78
N VAL B 783 14.41 -22.84 54.76
CA VAL B 783 13.83 -22.41 56.02
C VAL B 783 14.89 -21.66 56.81
N ARG B 784 14.53 -20.48 57.33
CA ARG B 784 15.48 -19.67 58.08
C ARG B 784 15.78 -20.30 59.43
N GLY B 785 17.06 -20.38 59.78
CA GLY B 785 17.49 -21.08 60.97
C GLY B 785 17.65 -22.58 60.78
N GLU B 786 17.46 -23.09 59.58
CA GLU B 786 17.58 -24.52 59.28
C GLU B 786 18.79 -24.73 58.38
N SER B 787 19.61 -25.72 58.72
CA SER B 787 20.83 -25.97 57.97
C SER B 787 20.55 -26.83 56.75
N PHE B 788 21.24 -26.51 55.65
CA PHE B 788 21.18 -27.27 54.42
C PHE B 788 22.60 -27.59 53.98
N ARG B 789 22.69 -28.42 52.93
CA ARG B 789 23.96 -28.83 52.34
C ARG B 789 24.11 -28.13 51.00
N LEU B 790 25.09 -27.23 50.92
CA LEU B 790 25.45 -26.57 49.68
C LEU B 790 26.56 -27.35 49.03
N THR B 791 26.32 -27.86 47.81
CA THR B 791 27.28 -28.75 47.15
C THR B 791 27.85 -28.04 45.94
N ALA B 792 29.11 -27.64 46.01
CA ALA B 792 29.76 -26.95 44.90
C ALA B 792 30.63 -27.93 44.14
N THR B 793 30.29 -28.16 42.88
CA THR B 793 31.06 -29.03 42.02
C THR B 793 31.95 -28.20 41.09
N ILE B 794 33.14 -28.72 40.82
CA ILE B 794 34.12 -28.09 39.97
C ILE B 794 34.37 -29.00 38.78
N PHE B 795 34.21 -28.48 37.58
CA PHE B 795 34.37 -29.22 36.35
C PHE B 795 35.62 -28.76 35.63
N ASN B 796 36.44 -29.75 35.22
CA ASN B 796 37.62 -29.54 34.40
C ASN B 796 37.45 -30.35 33.13
N TYR B 797 37.32 -29.66 32.00
CA TYR B 797 37.24 -30.29 30.69
C TYR B 797 38.46 -29.99 29.83
N LEU B 798 39.50 -29.41 30.42
CA LEU B 798 40.77 -29.27 29.73
C LEU B 798 41.41 -30.65 29.53
N LYS B 799 42.24 -30.76 28.49
CA LYS B 799 42.80 -32.07 28.15
C LYS B 799 43.93 -32.47 29.09
N ASP B 800 44.57 -31.51 29.75
CA ASP B 800 45.65 -31.81 30.68
C ASP B 800 45.09 -31.98 32.10
N CYS B 801 46.00 -32.22 33.05
CA CYS B 801 45.67 -32.32 34.46
C CYS B 801 46.16 -31.08 35.19
N ILE B 802 45.28 -30.45 35.97
CA ILE B 802 45.53 -29.16 36.57
C ILE B 802 45.28 -29.21 38.07
N ARG B 803 45.60 -28.11 38.74
CA ARG B 803 45.44 -27.97 40.18
C ARG B 803 44.52 -26.78 40.46
N VAL B 804 43.46 -27.01 41.22
CA VAL B 804 42.46 -25.99 41.46
C VAL B 804 42.55 -25.52 42.91
N GLN B 805 42.09 -24.28 43.13
CA GLN B 805 41.98 -23.67 44.44
C GLN B 805 40.62 -22.98 44.53
N THR B 806 39.96 -23.15 45.68
CA THR B 806 38.56 -22.76 45.86
C THR B 806 38.42 -21.86 47.08
N ASP B 807 37.70 -20.75 46.92
CA ASP B 807 37.35 -19.88 48.04
C ASP B 807 35.85 -19.60 47.98
N LEU B 808 35.13 -20.04 48.99
CA LEU B 808 33.74 -19.64 49.15
C LEU B 808 33.71 -18.36 49.98
N ALA B 809 32.98 -17.37 49.49
CA ALA B 809 32.94 -16.07 50.14
C ALA B 809 32.11 -16.14 51.41
N LYS B 810 32.64 -15.59 52.49
CA LYS B 810 31.95 -15.55 53.77
C LYS B 810 31.29 -14.19 53.95
N SER B 811 30.08 -14.21 54.51
CA SER B 811 29.33 -12.98 54.75
C SER B 811 28.40 -13.20 55.92
N HIS B 812 27.79 -12.10 56.38
CA HIS B 812 26.85 -12.13 57.48
C HIS B 812 25.45 -12.55 57.06
N GLU B 813 25.23 -12.81 55.78
CA GLU B 813 23.93 -13.24 55.30
C GLU B 813 23.63 -14.69 55.68
N TYR B 814 24.66 -15.48 55.99
CA TYR B 814 24.50 -16.91 56.25
C TYR B 814 25.61 -17.34 57.21
N GLN B 815 25.41 -18.52 57.81
CA GLN B 815 26.36 -19.05 58.78
C GLN B 815 26.85 -20.41 58.33
N LEU B 816 28.12 -20.70 58.63
CA LEU B 816 28.79 -21.94 58.24
C LEU B 816 29.18 -22.73 59.47
N GLU B 817 29.20 -24.05 59.34
CA GLU B 817 29.54 -24.95 60.43
C GLU B 817 30.96 -25.49 60.34
N SER B 818 31.79 -24.90 59.46
CA SER B 818 33.23 -25.18 59.32
C SER B 818 33.51 -26.64 58.94
N TRP B 819 32.96 -27.04 57.79
CA TRP B 819 33.23 -28.34 57.20
C TRP B 819 34.07 -28.12 55.95
N ALA B 820 35.37 -28.46 56.05
CA ALA B 820 36.42 -28.20 55.05
C ALA B 820 36.45 -26.71 54.68
N ASP B 821 36.81 -25.91 55.68
CA ASP B 821 36.71 -24.45 55.59
C ASP B 821 37.75 -23.87 54.64
N SER B 822 38.97 -24.39 54.65
CA SER B 822 40.03 -23.90 53.79
C SER B 822 40.93 -25.06 53.39
N GLN B 823 41.97 -24.72 52.61
CA GLN B 823 42.96 -25.66 52.05
C GLN B 823 42.31 -26.77 51.24
N THR B 824 41.33 -26.40 50.41
CA THR B 824 40.67 -27.34 49.51
C THR B 824 41.29 -27.34 48.11
N SER B 825 42.58 -27.00 48.01
CA SER B 825 43.29 -27.09 46.74
C SER B 825 43.47 -28.56 46.37
N SER B 826 43.15 -28.90 45.12
CA SER B 826 43.13 -30.31 44.74
C SER B 826 43.61 -30.45 43.31
N CYS B 827 43.68 -31.69 42.85
CA CYS B 827 44.15 -32.02 41.50
C CYS B 827 43.00 -32.60 40.70
N LEU B 828 42.71 -32.00 39.56
CA LEU B 828 41.65 -32.46 38.66
C LEU B 828 42.26 -32.72 37.29
N CYS B 829 42.11 -33.94 36.80
CA CYS B 829 42.63 -34.32 35.49
C CYS B 829 41.56 -34.07 34.43
N ALA B 830 41.75 -34.62 33.24
CA ALA B 830 40.85 -34.36 32.11
C ALA B 830 39.50 -35.02 32.32
N ASP B 831 38.44 -34.28 31.95
CA ASP B 831 37.03 -34.71 32.01
C ASP B 831 36.63 -35.11 33.42
N ASP B 832 36.93 -34.26 34.39
CA ASP B 832 36.80 -34.62 35.80
C ASP B 832 35.96 -33.59 36.55
N ALA B 833 35.42 -34.03 37.68
CA ALA B 833 34.60 -33.20 38.54
C ALA B 833 34.90 -33.51 40.00
N LYS B 834 34.98 -32.47 40.82
CA LYS B 834 35.19 -32.63 42.25
C LYS B 834 34.17 -31.81 43.02
N THR B 835 33.47 -32.45 43.96
CA THR B 835 32.38 -31.82 44.69
C THR B 835 32.81 -31.59 46.14
N HIS B 836 32.63 -30.37 46.63
CA HIS B 836 32.85 -30.02 48.03
C HIS B 836 31.52 -29.62 48.66
N HIS B 837 31.23 -30.20 49.81
CA HIS B 837 29.98 -29.95 50.52
C HIS B 837 30.23 -29.00 51.69
N TRP B 838 29.23 -28.16 51.97
CA TRP B 838 29.24 -27.34 53.17
C TRP B 838 27.89 -27.38 53.87
N ASN B 839 27.93 -27.28 55.20
CA ASN B 839 26.75 -27.21 56.05
C ASN B 839 26.48 -25.73 56.33
N ILE B 840 25.54 -25.15 55.59
CA ILE B 840 25.26 -23.71 55.67
C ILE B 840 23.83 -23.53 56.17
N THR B 841 23.65 -22.63 57.13
CA THR B 841 22.31 -22.23 57.54
C THR B 841 22.10 -20.75 57.25
N ALA B 842 20.84 -20.34 57.23
CA ALA B 842 20.47 -18.97 56.91
C ALA B 842 20.06 -18.24 58.18
N VAL B 843 20.27 -16.93 58.18
CA VAL B 843 20.01 -16.11 59.36
C VAL B 843 19.03 -14.98 59.07
N LYS B 844 18.88 -14.51 57.84
CA LYS B 844 18.02 -13.39 57.53
C LYS B 844 17.14 -13.72 56.32
N LEU B 845 16.01 -13.02 56.25
CA LEU B 845 14.96 -13.36 55.31
C LEU B 845 15.26 -12.79 53.93
N GLY B 846 14.65 -13.39 52.91
CA GLY B 846 14.74 -12.84 51.58
C GLY B 846 15.74 -13.53 50.66
N HIS B 847 16.25 -12.81 49.67
CA HIS B 847 17.19 -13.39 48.72
C HIS B 847 18.62 -13.18 49.21
N ILE B 848 19.41 -14.24 49.16
CA ILE B 848 20.76 -14.28 49.71
C ILE B 848 21.72 -14.70 48.60
N ASN B 849 22.78 -13.91 48.40
CA ASN B 849 23.79 -14.27 47.42
C ASN B 849 24.77 -15.28 48.00
N PHE B 850 25.10 -16.30 47.20
CA PHE B 850 26.14 -17.27 47.52
C PHE B 850 27.20 -17.17 46.44
N THR B 851 28.43 -16.84 46.83
CA THR B 851 29.50 -16.54 45.90
C THR B 851 30.64 -17.54 46.08
N ILE B 852 31.11 -18.11 44.98
CA ILE B 852 32.27 -18.98 44.99
C ILE B 852 33.25 -18.51 43.92
N SER B 853 34.54 -18.47 44.27
CA SER B 853 35.59 -18.08 43.33
C SER B 853 36.64 -19.17 43.31
N THR B 854 36.90 -19.73 42.13
CA THR B 854 37.93 -20.74 41.97
C THR B 854 38.96 -20.27 40.96
N LYS B 855 40.19 -20.73 41.13
CA LYS B 855 41.25 -20.34 40.22
C LYS B 855 42.26 -21.47 40.11
N ILE B 856 43.20 -21.28 39.19
CA ILE B 856 44.27 -22.22 38.93
C ILE B 856 45.56 -21.58 39.43
N LEU B 857 46.24 -22.25 40.34
CA LEU B 857 47.49 -21.77 40.89
C LEU B 857 48.65 -22.60 40.33
N ASP B 858 49.76 -21.94 40.07
CA ASP B 858 50.98 -22.63 39.64
C ASP B 858 51.77 -23.12 40.86
N SER B 859 52.08 -24.42 40.85
CA SER B 859 52.78 -25.04 41.96
C SER B 859 53.70 -26.13 41.43
N ASN B 860 54.81 -26.34 42.13
CA ASN B 860 55.75 -27.38 41.77
C ASN B 860 55.33 -28.75 42.28
N GLU B 861 54.30 -28.83 43.11
CA GLU B 861 53.76 -30.10 43.55
C GLU B 861 53.02 -30.74 42.39
N PRO B 862 53.37 -31.96 41.98
CA PRO B 862 52.74 -32.55 40.80
C PRO B 862 51.33 -33.06 41.08
N CYS B 863 50.48 -32.91 40.07
CA CYS B 863 49.11 -33.43 40.10
C CYS B 863 49.01 -34.52 39.04
N GLY B 864 48.83 -35.76 39.47
CA GLY B 864 48.85 -36.87 38.55
C GLY B 864 50.24 -37.21 38.05
N GLY B 865 51.27 -36.89 38.82
CA GLY B 865 52.64 -37.12 38.42
C GLY B 865 53.27 -36.02 37.60
N GLN B 866 52.53 -34.95 37.29
CA GLN B 866 53.04 -33.87 36.47
C GLN B 866 52.54 -32.54 37.01
N LYS B 867 53.31 -31.49 36.76
CA LYS B 867 52.93 -30.14 37.17
C LYS B 867 51.70 -29.66 36.39
N GLY B 868 50.76 -29.07 37.11
CA GLY B 868 49.52 -28.60 36.49
C GLY B 868 49.77 -27.39 35.61
N PHE B 869 49.52 -27.52 34.31
CA PHE B 869 49.77 -26.43 33.38
C PHE B 869 48.66 -25.40 33.46
N VAL B 870 49.03 -24.14 33.67
CA VAL B 870 48.07 -23.05 33.78
C VAL B 870 47.50 -22.72 32.39
N PRO B 871 46.22 -22.40 32.29
CA PRO B 871 45.65 -22.02 31.00
C PRO B 871 46.04 -20.60 30.61
N GLN B 872 45.70 -20.25 29.37
CA GLN B 872 45.78 -18.86 28.92
C GLN B 872 44.45 -18.15 28.99
N LYS B 873 43.34 -18.85 28.77
CA LYS B 873 42.01 -18.31 28.95
C LYS B 873 41.27 -19.34 29.79
N GLY B 874 40.61 -18.89 30.85
CA GLY B 874 39.93 -19.77 31.77
C GLY B 874 40.67 -20.03 33.04
N ARG B 875 41.47 -19.07 33.51
CA ARG B 875 42.24 -19.26 34.73
C ARG B 875 41.37 -19.25 35.97
N SER B 876 40.29 -18.48 35.97
CA SER B 876 39.45 -18.34 37.14
C SER B 876 37.98 -18.44 36.73
N ASP B 877 37.13 -18.60 37.75
CA ASP B 877 35.68 -18.64 37.56
C ASP B 877 35.02 -18.22 38.86
N THR B 878 34.17 -17.20 38.79
CA THR B 878 33.44 -16.70 39.94
C THR B 878 31.94 -16.80 39.66
N LEU B 879 31.21 -17.47 40.54
CA LEU B 879 29.80 -17.73 40.35
C LEU B 879 29.01 -17.16 41.53
N ILE B 880 27.93 -16.46 41.22
CA ILE B 880 27.03 -15.88 42.22
C ILE B 880 25.65 -16.47 42.00
N LYS B 881 25.08 -17.07 43.05
CA LYS B 881 23.76 -17.68 42.97
C LYS B 881 22.86 -17.09 44.04
N PRO B 882 21.74 -16.46 43.69
CA PRO B 882 20.77 -16.07 44.71
C PRO B 882 19.95 -17.26 45.17
N VAL B 883 19.52 -17.19 46.43
CA VAL B 883 18.70 -18.23 47.04
C VAL B 883 17.58 -17.54 47.81
N LEU B 884 16.43 -18.21 47.92
CA LEU B 884 15.27 -17.68 48.64
C LEU B 884 15.24 -18.28 50.04
N VAL B 885 15.14 -17.39 51.04
CA VAL B 885 15.05 -17.78 52.44
C VAL B 885 13.72 -17.29 52.95
N LYS B 886 12.88 -18.23 53.46
CA LYS B 886 11.54 -18.31 54.01
C LYS B 886 11.60 -18.53 55.52
N PRO B 887 10.63 -17.99 56.29
CA PRO B 887 10.70 -18.19 57.74
C PRO B 887 10.18 -19.55 58.18
#